data_1WN2
# 
_entry.id   1WN2 
# 
_audit_conform.dict_name       mmcif_pdbx.dic 
_audit_conform.dict_version    5.380 
_audit_conform.dict_location   http://mmcif.pdb.org/dictionaries/ascii/mmcif_pdbx.dic 
# 
loop_
_database_2.database_id 
_database_2.database_code 
_database_2.pdbx_database_accession 
_database_2.pdbx_DOI 
PDB   1WN2         pdb_00001wn2 10.2210/pdb1wn2/pdb 
RCSB  RCSB023764   ?            ?                   
WWPDB D_1000023764 ?            ?                   
# 
_pdbx_database_related.db_name        TargetDB 
_pdbx_database_related.db_id          pho001001539.1 
_pdbx_database_related.details        . 
_pdbx_database_related.content_type   unspecified 
# 
_pdbx_database_status.status_code                     REL 
_pdbx_database_status.entry_id                        1WN2 
_pdbx_database_status.recvd_initial_deposition_date   2004-07-26 
_pdbx_database_status.deposit_site                    PDBJ 
_pdbx_database_status.process_site                    PDBJ 
_pdbx_database_status.status_code_sf                  REL 
_pdbx_database_status.status_code_mr                  ? 
_pdbx_database_status.SG_entry                        Y 
_pdbx_database_status.pdb_format_compatible           Y 
_pdbx_database_status.status_code_cs                  ? 
_pdbx_database_status.status_code_nmr_data            ? 
_pdbx_database_status.methods_development_category    ? 
# 
loop_
_audit_author.name 
_audit_author.pdbx_ordinal 
'Shimizu, K.'                                            1 
'Kunishima, N.'                                          2 
'RIKEN Structural Genomics/Proteomics Initiative (RSGI)' 3 
# 
_citation.id                        primary 
_citation.title                     
'Structure of peptidyl-tRNA hydrolase 2 from Pyrococcus horikoshii OT3: insight into the functional role of its dimeric state.' 
_citation.journal_abbrev            'Acta Crystallogr.,Sect.D' 
_citation.journal_volume            64 
_citation.page_first                444 
_citation.page_last                 453 
_citation.year                      2008 
_citation.journal_id_ASTM           ABCRE6 
_citation.country                   DK 
_citation.journal_id_ISSN           0907-4449 
_citation.journal_id_CSD            0766 
_citation.book_publisher            ? 
_citation.pdbx_database_id_PubMed   18391411 
_citation.pdbx_database_id_DOI      10.1107/S0907444908002850 
# 
loop_
_citation_author.citation_id 
_citation_author.name 
_citation_author.ordinal 
_citation_author.identifier_ORCID 
primary 'Shimizu, K.'   1 ? 
primary 'Kuroishi, C.'  2 ? 
primary 'Sugahara, M.'  3 ? 
primary 'Kunishima, N.' 4 ? 
# 
_cell.entry_id           1WN2 
_cell.length_a           49.670 
_cell.length_b           49.670 
_cell.length_c           85.791 
_cell.angle_alpha        90.00 
_cell.angle_beta         90.00 
_cell.angle_gamma        90.00 
_cell.Z_PDB              8 
_cell.pdbx_unique_axis   ? 
# 
_symmetry.entry_id                         1WN2 
_symmetry.space_group_name_H-M             'P 41 21 2' 
_symmetry.pdbx_full_space_group_name_H-M   ? 
_symmetry.cell_setting                     ? 
_symmetry.Int_Tables_number                92 
_symmetry.space_group_name_Hall            ? 
# 
loop_
_entity.id 
_entity.type 
_entity.src_method 
_entity.pdbx_description 
_entity.formula_weight 
_entity.pdbx_number_of_molecules 
_entity.pdbx_ec 
_entity.pdbx_mutation 
_entity.pdbx_fragment 
_entity.details 
1 polymer     man 'Peptidyl-tRNA hydrolase' 13398.805 1   3.1.1.29 ? ? ? 
2 non-polymer syn 'SODIUM ION'              22.990    1   ?        ? ? ? 
3 water       nat water                     18.015    187 ?        ? ? ? 
# 
_entity_name_com.entity_id   1 
_entity_name_com.name        'CGI-147 protein, PTH' 
# 
_entity_poly.entity_id                      1 
_entity_poly.type                           'polypeptide(L)' 
_entity_poly.nstd_linkage                   no 
_entity_poly.nstd_monomer                   no 
_entity_poly.pdbx_seq_one_letter_code       
;MIKMFKYKQVIVARADLKLSKGKLAAQVAHGAVTAAFEAYKKKREWFEAWFREGQKKVVVKVESEEELFKLKAEAEKLGL
PNALIRDAGLTEIPPGTVTVLAVGPAPEEIVDKVTGNLKLL
;
_entity_poly.pdbx_seq_one_letter_code_can   
;MIKMFKYKQVIVARADLKLSKGKLAAQVAHGAVTAAFEAYKKKREWFEAWFREGQKKVVVKVESEEELFKLKAEAEKLGL
PNALIRDAGLTEIPPGTVTVLAVGPAPEEIVDKVTGNLKLL
;
_entity_poly.pdbx_strand_id                 A 
_entity_poly.pdbx_target_identifier         pho001001539.1 
# 
loop_
_entity_poly_seq.entity_id 
_entity_poly_seq.num 
_entity_poly_seq.mon_id 
_entity_poly_seq.hetero 
1 1   MET n 
1 2   ILE n 
1 3   LYS n 
1 4   MET n 
1 5   PHE n 
1 6   LYS n 
1 7   TYR n 
1 8   LYS n 
1 9   GLN n 
1 10  VAL n 
1 11  ILE n 
1 12  VAL n 
1 13  ALA n 
1 14  ARG n 
1 15  ALA n 
1 16  ASP n 
1 17  LEU n 
1 18  LYS n 
1 19  LEU n 
1 20  SER n 
1 21  LYS n 
1 22  GLY n 
1 23  LYS n 
1 24  LEU n 
1 25  ALA n 
1 26  ALA n 
1 27  GLN n 
1 28  VAL n 
1 29  ALA n 
1 30  HIS n 
1 31  GLY n 
1 32  ALA n 
1 33  VAL n 
1 34  THR n 
1 35  ALA n 
1 36  ALA n 
1 37  PHE n 
1 38  GLU n 
1 39  ALA n 
1 40  TYR n 
1 41  LYS n 
1 42  LYS n 
1 43  LYS n 
1 44  ARG n 
1 45  GLU n 
1 46  TRP n 
1 47  PHE n 
1 48  GLU n 
1 49  ALA n 
1 50  TRP n 
1 51  PHE n 
1 52  ARG n 
1 53  GLU n 
1 54  GLY n 
1 55  GLN n 
1 56  LYS n 
1 57  LYS n 
1 58  VAL n 
1 59  VAL n 
1 60  VAL n 
1 61  LYS n 
1 62  VAL n 
1 63  GLU n 
1 64  SER n 
1 65  GLU n 
1 66  GLU n 
1 67  GLU n 
1 68  LEU n 
1 69  PHE n 
1 70  LYS n 
1 71  LEU n 
1 72  LYS n 
1 73  ALA n 
1 74  GLU n 
1 75  ALA n 
1 76  GLU n 
1 77  LYS n 
1 78  LEU n 
1 79  GLY n 
1 80  LEU n 
1 81  PRO n 
1 82  ASN n 
1 83  ALA n 
1 84  LEU n 
1 85  ILE n 
1 86  ARG n 
1 87  ASP n 
1 88  ALA n 
1 89  GLY n 
1 90  LEU n 
1 91  THR n 
1 92  GLU n 
1 93  ILE n 
1 94  PRO n 
1 95  PRO n 
1 96  GLY n 
1 97  THR n 
1 98  VAL n 
1 99  THR n 
1 100 VAL n 
1 101 LEU n 
1 102 ALA n 
1 103 VAL n 
1 104 GLY n 
1 105 PRO n 
1 106 ALA n 
1 107 PRO n 
1 108 GLU n 
1 109 GLU n 
1 110 ILE n 
1 111 VAL n 
1 112 ASP n 
1 113 LYS n 
1 114 VAL n 
1 115 THR n 
1 116 GLY n 
1 117 ASN n 
1 118 LEU n 
1 119 LYS n 
1 120 LEU n 
1 121 LEU n 
# 
_entity_src_gen.entity_id                          1 
_entity_src_gen.pdbx_src_id                        1 
_entity_src_gen.pdbx_alt_source_flag               sample 
_entity_src_gen.pdbx_seq_type                      ? 
_entity_src_gen.pdbx_beg_seq_num                   ? 
_entity_src_gen.pdbx_end_seq_num                   ? 
_entity_src_gen.gene_src_common_name               ? 
_entity_src_gen.gene_src_genus                     Pyrococcus 
_entity_src_gen.pdbx_gene_src_gene                 ? 
_entity_src_gen.gene_src_species                   'Pyrococcus horikoshii' 
_entity_src_gen.gene_src_strain                    OT3 
_entity_src_gen.gene_src_tissue                    ? 
_entity_src_gen.gene_src_tissue_fraction           ? 
_entity_src_gen.gene_src_details                   ? 
_entity_src_gen.pdbx_gene_src_fragment             ? 
_entity_src_gen.pdbx_gene_src_scientific_name      'Pyrococcus horikoshii' 
_entity_src_gen.pdbx_gene_src_ncbi_taxonomy_id     70601 
_entity_src_gen.pdbx_gene_src_variant              ? 
_entity_src_gen.pdbx_gene_src_cell_line            ? 
_entity_src_gen.pdbx_gene_src_atcc                 ? 
_entity_src_gen.pdbx_gene_src_organ                ? 
_entity_src_gen.pdbx_gene_src_organelle            ? 
_entity_src_gen.pdbx_gene_src_cell                 ? 
_entity_src_gen.pdbx_gene_src_cellular_location    ? 
_entity_src_gen.host_org_common_name               ? 
_entity_src_gen.pdbx_host_org_scientific_name      'Escherichia coli' 
_entity_src_gen.pdbx_host_org_ncbi_taxonomy_id     562 
_entity_src_gen.host_org_genus                     Escherichia 
_entity_src_gen.pdbx_host_org_gene                 ? 
_entity_src_gen.pdbx_host_org_organ                ? 
_entity_src_gen.host_org_species                   ? 
_entity_src_gen.pdbx_host_org_tissue               ? 
_entity_src_gen.pdbx_host_org_tissue_fraction      ? 
_entity_src_gen.pdbx_host_org_strain               'BL21-CodonPlus(DE3)-RIL' 
_entity_src_gen.pdbx_host_org_variant              ? 
_entity_src_gen.pdbx_host_org_cell_line            ? 
_entity_src_gen.pdbx_host_org_atcc                 ? 
_entity_src_gen.pdbx_host_org_culture_collection   ? 
_entity_src_gen.pdbx_host_org_cell                 ? 
_entity_src_gen.pdbx_host_org_organelle            ? 
_entity_src_gen.pdbx_host_org_cellular_location    ? 
_entity_src_gen.pdbx_host_org_vector_type          plasmid 
_entity_src_gen.pdbx_host_org_vector               ? 
_entity_src_gen.host_org_details                   ? 
_entity_src_gen.expression_system_id               ? 
_entity_src_gen.plasmid_name                       'pET 11a' 
_entity_src_gen.plasmid_details                    ? 
_entity_src_gen.pdbx_description                   ? 
# 
_struct_ref.id                         1 
_struct_ref.db_name                    UNP 
_struct_ref.db_code                    PTH_PYRHO 
_struct_ref.pdbx_db_accession          O74017 
_struct_ref.entity_id                  1 
_struct_ref.pdbx_seq_one_letter_code   
;MIKMFKYKQVIVARADLKLSKGKLAAQVAHGAVTAAFEAYKKKREWFEAWFREGQKKVVVKVESEEELFKLKAEAEKLGL
PNALIRDAGLTEIPPGTVTVLAVGPAPEEIVDKVTGNLKLL
;
_struct_ref.pdbx_align_begin           1 
_struct_ref.pdbx_db_isoform            ? 
# 
_struct_ref_seq.align_id                      1 
_struct_ref_seq.ref_id                        1 
_struct_ref_seq.pdbx_PDB_id_code              1WN2 
_struct_ref_seq.pdbx_strand_id                A 
_struct_ref_seq.seq_align_beg                 1 
_struct_ref_seq.pdbx_seq_align_beg_ins_code   ? 
_struct_ref_seq.seq_align_end                 121 
_struct_ref_seq.pdbx_seq_align_end_ins_code   ? 
_struct_ref_seq.pdbx_db_accession             O74017 
_struct_ref_seq.db_align_beg                  1 
_struct_ref_seq.pdbx_db_align_beg_ins_code    ? 
_struct_ref_seq.db_align_end                  121 
_struct_ref_seq.pdbx_db_align_end_ins_code    ? 
_struct_ref_seq.pdbx_auth_seq_align_beg       1 
_struct_ref_seq.pdbx_auth_seq_align_end       121 
# 
loop_
_chem_comp.id 
_chem_comp.type 
_chem_comp.mon_nstd_flag 
_chem_comp.name 
_chem_comp.pdbx_synonyms 
_chem_comp.formula 
_chem_comp.formula_weight 
ALA 'L-peptide linking' y ALANINE         ? 'C3 H7 N O2'     89.093  
ARG 'L-peptide linking' y ARGININE        ? 'C6 H15 N4 O2 1' 175.209 
ASN 'L-peptide linking' y ASPARAGINE      ? 'C4 H8 N2 O3'    132.118 
ASP 'L-peptide linking' y 'ASPARTIC ACID' ? 'C4 H7 N O4'     133.103 
GLN 'L-peptide linking' y GLUTAMINE       ? 'C5 H10 N2 O3'   146.144 
GLU 'L-peptide linking' y 'GLUTAMIC ACID' ? 'C5 H9 N O4'     147.129 
GLY 'peptide linking'   y GLYCINE         ? 'C2 H5 N O2'     75.067  
HIS 'L-peptide linking' y HISTIDINE       ? 'C6 H10 N3 O2 1' 156.162 
HOH non-polymer         . WATER           ? 'H2 O'           18.015  
ILE 'L-peptide linking' y ISOLEUCINE      ? 'C6 H13 N O2'    131.173 
LEU 'L-peptide linking' y LEUCINE         ? 'C6 H13 N O2'    131.173 
LYS 'L-peptide linking' y LYSINE          ? 'C6 H15 N2 O2 1' 147.195 
MET 'L-peptide linking' y METHIONINE      ? 'C5 H11 N O2 S'  149.211 
NA  non-polymer         . 'SODIUM ION'    ? 'Na 1'           22.990  
PHE 'L-peptide linking' y PHENYLALANINE   ? 'C9 H11 N O2'    165.189 
PRO 'L-peptide linking' y PROLINE         ? 'C5 H9 N O2'     115.130 
SER 'L-peptide linking' y SERINE          ? 'C3 H7 N O3'     105.093 
THR 'L-peptide linking' y THREONINE       ? 'C4 H9 N O3'     119.119 
TRP 'L-peptide linking' y TRYPTOPHAN      ? 'C11 H12 N2 O2'  204.225 
TYR 'L-peptide linking' y TYROSINE        ? 'C9 H11 N O3'    181.189 
VAL 'L-peptide linking' y VALINE          ? 'C5 H11 N O2'    117.146 
# 
_exptl.entry_id          1WN2 
_exptl.method            'X-RAY DIFFRACTION' 
_exptl.crystals_number   1 
# 
_exptl_crystal.id                    1 
_exptl_crystal.density_meas          ? 
_exptl_crystal.density_Matthews      2 
_exptl_crystal.density_percent_sol   37.3 
_exptl_crystal.description           ? 
_exptl_crystal.F_000                 ? 
_exptl_crystal.preparation           ? 
# 
_exptl_crystal_grow.crystal_id      1 
_exptl_crystal_grow.method          Microbach 
_exptl_crystal_grow.temp            291 
_exptl_crystal_grow.temp_details    ? 
_exptl_crystal_grow.pH              9.2 
_exptl_crystal_grow.pdbx_details    'PEG 20k 16.5w/v(%), Ches 0.1M, pH 9.2, Microbach, temperature 291K' 
_exptl_crystal_grow.pdbx_pH_range   . 
# 
_diffrn.id                     1 
_diffrn.ambient_temp           100 
_diffrn.ambient_temp_details   ? 
_diffrn.crystal_id             1 
# 
_diffrn_detector.diffrn_id              1 
_diffrn_detector.detector               'IMAGE PLATE' 
_diffrn_detector.type                   'RIGAKU RAXIS V' 
_diffrn_detector.pdbx_collection_date   2003-10-19 
_diffrn_detector.details                Mirror 
# 
_diffrn_radiation.diffrn_id                        1 
_diffrn_radiation.wavelength_id                    1 
_diffrn_radiation.pdbx_monochromatic_or_laue_m_l   M 
_diffrn_radiation.monochromator                    Mirror 
_diffrn_radiation.pdbx_diffrn_protocol             'SINGLE WAVELENGTH' 
_diffrn_radiation.pdbx_scattering_type             x-ray 
# 
_diffrn_radiation_wavelength.id           1 
_diffrn_radiation_wavelength.wavelength   1.0 
_diffrn_radiation_wavelength.wt           1.0 
# 
_diffrn_source.diffrn_id                   1 
_diffrn_source.source                      SYNCHROTRON 
_diffrn_source.type                        'SPRING-8 BEAMLINE BL26B1' 
_diffrn_source.pdbx_synchrotron_site       SPring-8 
_diffrn_source.pdbx_synchrotron_beamline   BL26B1 
_diffrn_source.pdbx_wavelength             ? 
_diffrn_source.pdbx_wavelength_list        1.0 
# 
_reflns.entry_id                     1WN2 
_reflns.observed_criterion_sigma_I   0.0 
_reflns.observed_criterion_sigma_F   0.0 
_reflns.d_resolution_low             40.0 
_reflns.d_resolution_high            1.2 
_reflns.number_obs                   34325 
_reflns.number_all                   34325 
_reflns.percent_possible_obs         100 
_reflns.pdbx_Rmerge_I_obs            0.055 
_reflns.pdbx_Rsym_value              0.053 
_reflns.pdbx_netI_over_sigmaI        15.4 
_reflns.B_iso_Wilson_estimate        9.619 
_reflns.pdbx_redundancy              8.98 
_reflns.R_free_details               ? 
_reflns.limit_h_max                  ? 
_reflns.limit_h_min                  ? 
_reflns.limit_k_max                  ? 
_reflns.limit_k_min                  ? 
_reflns.limit_l_max                  ? 
_reflns.limit_l_min                  ? 
_reflns.observed_criterion_F_max     ? 
_reflns.observed_criterion_F_min     ? 
_reflns.pdbx_chi_squared             ? 
_reflns.pdbx_scaling_rejects         ? 
_reflns.pdbx_ordinal                 1 
_reflns.pdbx_diffrn_id               1 
# 
_reflns_shell.d_res_high             1.20 
_reflns_shell.d_res_low              1.24 
_reflns_shell.percent_possible_all   100 
_reflns_shell.Rmerge_I_obs           0.336 
_reflns_shell.pdbx_Rsym_value        0.319 
_reflns_shell.meanI_over_sigI_obs    4.7 
_reflns_shell.pdbx_redundancy        8.8 
_reflns_shell.percent_possible_obs   ? 
_reflns_shell.number_unique_all      ? 
_reflns_shell.number_measured_all    ? 
_reflns_shell.number_measured_obs    ? 
_reflns_shell.number_unique_obs      ? 
_reflns_shell.pdbx_chi_squared       ? 
_reflns_shell.pdbx_ordinal           1 
_reflns_shell.pdbx_diffrn_id         1 
# 
_refine.entry_id                                 1WN2 
_refine.ls_number_reflns_obs                     34325 
_refine.ls_number_reflns_all                     34325 
_refine.pdbx_ls_sigma_I                          0.0 
_refine.pdbx_ls_sigma_F                          0.0 
_refine.pdbx_data_cutoff_high_absF               1255981.35 
_refine.pdbx_data_cutoff_low_absF                0.000000 
_refine.pdbx_data_cutoff_high_rms_absF           ? 
_refine.ls_d_res_low                             35.12 
_refine.ls_d_res_high                            1.20 
_refine.ls_percent_reflns_obs                    100 
_refine.ls_R_factor_obs                          0.193 
_refine.ls_R_factor_all                          ? 
_refine.ls_R_factor_R_work                       0.193 
_refine.ls_R_factor_R_free                       0.215 
_refine.ls_R_factor_R_free_error                 0.005 
_refine.ls_R_factor_R_free_error_details         ? 
_refine.ls_percent_reflns_R_free                 5.0 
_refine.ls_number_reflns_R_free                  1712 
_refine.ls_number_parameters                     ? 
_refine.ls_number_restraints                     ? 
_refine.occupancy_min                            ? 
_refine.occupancy_max                            ? 
_refine.correlation_coeff_Fo_to_Fc               ? 
_refine.correlation_coeff_Fo_to_Fc_free          ? 
_refine.B_iso_mean                               14.4 
_refine.aniso_B[1][1]                            0.06 
_refine.aniso_B[2][2]                            0.06 
_refine.aniso_B[3][3]                            -0.13 
_refine.aniso_B[1][2]                            0.00 
_refine.aniso_B[1][3]                            0.00 
_refine.aniso_B[2][3]                            0.00 
_refine.solvent_model_details                    'FLAT MODEL' 
_refine.solvent_model_param_ksol                 0.445271 
_refine.solvent_model_param_bsol                 64.6483 
_refine.pdbx_solvent_vdw_probe_radii             ? 
_refine.pdbx_solvent_ion_probe_radii             ? 
_refine.pdbx_solvent_shrinkage_radii             ? 
_refine.pdbx_ls_cross_valid_method               THROUGHOUT 
_refine.details                                  ? 
_refine.pdbx_starting_model                      'PDB ENTRY 1RLK' 
_refine.pdbx_method_to_determine_struct          'MOLECULAR REPLACEMENT' 
_refine.pdbx_isotropic_thermal_model             RESTRAINED 
_refine.pdbx_stereochemistry_target_values       'Engh & Huber' 
_refine.pdbx_stereochem_target_val_spec_case     ? 
_refine.pdbx_R_Free_selection_details            RANDOM 
_refine.pdbx_overall_ESU_R                       ? 
_refine.pdbx_overall_ESU_R_Free                  ? 
_refine.overall_SU_ML                            ? 
_refine.overall_SU_B                             ? 
_refine.ls_redundancy_reflns_obs                 ? 
_refine.B_iso_min                                ? 
_refine.B_iso_max                                ? 
_refine.overall_SU_R_Cruickshank_DPI             ? 
_refine.overall_SU_R_free                        ? 
_refine.ls_wR_factor_R_free                      ? 
_refine.ls_wR_factor_R_work                      ? 
_refine.overall_FOM_free_R_set                   ? 
_refine.overall_FOM_work_R_set                   ? 
_refine.pdbx_refine_id                           'X-RAY DIFFRACTION' 
_refine.pdbx_diffrn_id                           1 
_refine.pdbx_TLS_residual_ADP_flag               ? 
_refine.pdbx_overall_phase_error                 ? 
_refine.pdbx_overall_SU_R_free_Cruickshank_DPI   ? 
_refine.pdbx_overall_SU_R_Blow_DPI               ? 
_refine.pdbx_overall_SU_R_free_Blow_DPI          ? 
# 
_refine_analyze.entry_id                        1WN2 
_refine_analyze.Luzzati_coordinate_error_obs    0.13 
_refine_analyze.Luzzati_sigma_a_obs             0.08 
_refine_analyze.Luzzati_d_res_low_obs           5.00 
_refine_analyze.Luzzati_coordinate_error_free   0.15 
_refine_analyze.Luzzati_sigma_a_free            0.10 
_refine_analyze.Luzzati_d_res_low_free          ? 
_refine_analyze.number_disordered_residues      ? 
_refine_analyze.occupancy_sum_hydrogen          ? 
_refine_analyze.occupancy_sum_non_hydrogen      ? 
_refine_analyze.pdbx_Luzzati_d_res_high_obs     ? 
_refine_analyze.pdbx_refine_id                  'X-RAY DIFFRACTION' 
# 
_refine_hist.pdbx_refine_id                   'X-RAY DIFFRACTION' 
_refine_hist.cycle_id                         LAST 
_refine_hist.pdbx_number_atoms_protein        919 
_refine_hist.pdbx_number_atoms_nucleic_acid   0 
_refine_hist.pdbx_number_atoms_ligand         1 
_refine_hist.number_atoms_solvent             187 
_refine_hist.number_atoms_total               1107 
_refine_hist.d_res_high                       1.20 
_refine_hist.d_res_low                        35.12 
# 
loop_
_refine_ls_restr.type 
_refine_ls_restr.dev_ideal 
_refine_ls_restr.dev_ideal_target 
_refine_ls_restr.weight 
_refine_ls_restr.number 
_refine_ls_restr.pdbx_refine_id 
_refine_ls_restr.pdbx_restraint_function 
c_bond_d           0.006 ?    ? ? 'X-RAY DIFFRACTION' ? 
c_angle_deg        1.5   ?    ? ? 'X-RAY DIFFRACTION' ? 
c_dihedral_angle_d 22.4  ?    ? ? 'X-RAY DIFFRACTION' ? 
c_improper_angle_d 0.91  ?    ? ? 'X-RAY DIFFRACTION' ? 
c_mcbond_it        0.95  1.50 ? ? 'X-RAY DIFFRACTION' ? 
c_mcangle_it       1.46  2.00 ? ? 'X-RAY DIFFRACTION' ? 
c_scbond_it        1.71  2.00 ? ? 'X-RAY DIFFRACTION' ? 
c_scangle_it       2.56  2.50 ? ? 'X-RAY DIFFRACTION' ? 
# 
_refine_ls_shell.pdbx_total_number_of_bins_used   6 
_refine_ls_shell.d_res_high                       1.20 
_refine_ls_shell.d_res_low                        1.28 
_refine_ls_shell.number_reflns_R_work             5321 
_refine_ls_shell.R_factor_R_work                  0.222 
_refine_ls_shell.percent_reflns_obs               99.3 
_refine_ls_shell.R_factor_R_free                  0.242 
_refine_ls_shell.R_factor_R_free_error            0.015 
_refine_ls_shell.percent_reflns_R_free            5.0 
_refine_ls_shell.number_reflns_R_free             278 
_refine_ls_shell.number_reflns_obs                ? 
_refine_ls_shell.redundancy_reflns_obs            ? 
_refine_ls_shell.number_reflns_all                ? 
_refine_ls_shell.pdbx_refine_id                   'X-RAY DIFFRACTION' 
_refine_ls_shell.R_factor_all                     ? 
# 
loop_
_pdbx_xplor_file.serial_no 
_pdbx_xplor_file.param_file 
_pdbx_xplor_file.topol_file 
_pdbx_xplor_file.pdbx_refine_id 
1 PROTEIN_REP.PARAM PROTEIN.TOP 'X-RAY DIFFRACTION' 
2 WATER_REP.PARAM   WATER.TOP   'X-RAY DIFFRACTION' 
3 ION.PARAM         ION.TOP     'X-RAY DIFFRACTION' 
# 
_struct.entry_id                  1WN2 
_struct.title                     'Crystal structure of project ID PH1539 from Pyrococcus horikoshii OT3' 
_struct.pdbx_model_details        ? 
_struct.pdbx_CASP_flag            ? 
_struct.pdbx_model_type_details   ? 
# 
_struct_keywords.entry_id        1WN2 
_struct_keywords.pdbx_keywords   HYDROLASE 
_struct_keywords.text            'HYDROLASE, RIKEN Structural Genomics/Proteomics Initiative, RSGI, Structural Genomics' 
# 
loop_
_struct_asym.id 
_struct_asym.pdbx_blank_PDB_chainid_flag 
_struct_asym.pdbx_modified 
_struct_asym.entity_id 
_struct_asym.details 
A N N 1 ? 
B N N 2 ? 
C N N 3 ? 
# 
_struct_biol.id                    1 
_struct_biol.details               'The biological assembly is a dimer generated by the operation y, x, -z.' 
_struct_biol.pdbx_parent_biol_id   ? 
# 
loop_
_struct_conf.conf_type_id 
_struct_conf.id 
_struct_conf.pdbx_PDB_helix_id 
_struct_conf.beg_label_comp_id 
_struct_conf.beg_label_asym_id 
_struct_conf.beg_label_seq_id 
_struct_conf.pdbx_beg_PDB_ins_code 
_struct_conf.end_label_comp_id 
_struct_conf.end_label_asym_id 
_struct_conf.end_label_seq_id 
_struct_conf.pdbx_end_PDB_ins_code 
_struct_conf.beg_auth_comp_id 
_struct_conf.beg_auth_asym_id 
_struct_conf.beg_auth_seq_id 
_struct_conf.end_auth_comp_id 
_struct_conf.end_auth_asym_id 
_struct_conf.end_auth_seq_id 
_struct_conf.pdbx_PDB_helix_class 
_struct_conf.details 
_struct_conf.pdbx_PDB_helix_length 
HELX_P HELX_P1 1 SER A 20  ? LYS A 43  ? SER A 20  LYS A 43  1 ? 24 
HELX_P HELX_P2 2 LYS A 43  ? GLU A 53  ? LYS A 43  GLU A 53  1 ? 11 
HELX_P HELX_P3 3 SER A 64  ? LEU A 78  ? SER A 64  LEU A 78  1 ? 15 
HELX_P HELX_P4 4 GLU A 108 ? GLY A 116 ? GLU A 108 GLY A 116 1 ? 9  
# 
_struct_conf_type.id          HELX_P 
_struct_conf_type.criteria    ? 
_struct_conf_type.reference   ? 
# 
loop_
_struct_conn.id 
_struct_conn.conn_type_id 
_struct_conn.pdbx_leaving_atom_flag 
_struct_conn.pdbx_PDB_id 
_struct_conn.ptnr1_label_asym_id 
_struct_conn.ptnr1_label_comp_id 
_struct_conn.ptnr1_label_seq_id 
_struct_conn.ptnr1_label_atom_id 
_struct_conn.pdbx_ptnr1_label_alt_id 
_struct_conn.pdbx_ptnr1_PDB_ins_code 
_struct_conn.pdbx_ptnr1_standard_comp_id 
_struct_conn.ptnr1_symmetry 
_struct_conn.ptnr2_label_asym_id 
_struct_conn.ptnr2_label_comp_id 
_struct_conn.ptnr2_label_seq_id 
_struct_conn.ptnr2_label_atom_id 
_struct_conn.pdbx_ptnr2_label_alt_id 
_struct_conn.pdbx_ptnr2_PDB_ins_code 
_struct_conn.ptnr1_auth_asym_id 
_struct_conn.ptnr1_auth_comp_id 
_struct_conn.ptnr1_auth_seq_id 
_struct_conn.ptnr2_auth_asym_id 
_struct_conn.ptnr2_auth_comp_id 
_struct_conn.ptnr2_auth_seq_id 
_struct_conn.ptnr2_symmetry 
_struct_conn.pdbx_ptnr3_label_atom_id 
_struct_conn.pdbx_ptnr3_label_seq_id 
_struct_conn.pdbx_ptnr3_label_comp_id 
_struct_conn.pdbx_ptnr3_label_asym_id 
_struct_conn.pdbx_ptnr3_label_alt_id 
_struct_conn.pdbx_ptnr3_PDB_ins_code 
_struct_conn.details 
_struct_conn.pdbx_dist_value 
_struct_conn.pdbx_value_order 
_struct_conn.pdbx_role 
metalc1 metalc ? ? A GLY 89 O  ? ? ? 1_555 B NA  . NA ? ? A GLY 89   A NA  1001 1_555 ? ? ? ? ? ? ? 2.203 ? ? 
metalc2 metalc ? ? B NA  .  NA ? ? ? 1_555 C HOH . O  ? ? A NA  1001 A HOH 1020 1_555 ? ? ? ? ? ? ? 2.336 ? ? 
metalc3 metalc ? ? B NA  .  NA ? ? ? 1_555 C HOH . O  ? ? A NA  1001 A HOH 1045 1_555 ? ? ? ? ? ? ? 2.436 ? ? 
metalc4 metalc ? ? B NA  .  NA ? ? ? 1_555 C HOH . O  ? ? A NA  1001 A HOH 1047 1_555 ? ? ? ? ? ? ? 2.460 ? ? 
metalc5 metalc ? ? B NA  .  NA ? ? ? 1_555 C HOH . O  ? ? A NA  1001 A HOH 1056 1_555 ? ? ? ? ? ? ? 2.474 ? ? 
metalc6 metalc ? ? B NA  .  NA ? ? ? 1_555 C HOH . O  ? ? A NA  1001 A HOH 1174 1_555 ? ? ? ? ? ? ? 2.326 ? ? 
# 
_struct_conn_type.id          metalc 
_struct_conn_type.criteria    ? 
_struct_conn_type.reference   ? 
# 
_struct_mon_prot_cis.pdbx_id                1 
_struct_mon_prot_cis.label_comp_id          GLY 
_struct_mon_prot_cis.label_seq_id           104 
_struct_mon_prot_cis.label_asym_id          A 
_struct_mon_prot_cis.label_alt_id           . 
_struct_mon_prot_cis.pdbx_PDB_ins_code      ? 
_struct_mon_prot_cis.auth_comp_id           GLY 
_struct_mon_prot_cis.auth_seq_id            104 
_struct_mon_prot_cis.auth_asym_id           A 
_struct_mon_prot_cis.pdbx_label_comp_id_2   PRO 
_struct_mon_prot_cis.pdbx_label_seq_id_2    105 
_struct_mon_prot_cis.pdbx_label_asym_id_2   A 
_struct_mon_prot_cis.pdbx_PDB_ins_code_2    ? 
_struct_mon_prot_cis.pdbx_auth_comp_id_2    PRO 
_struct_mon_prot_cis.pdbx_auth_seq_id_2     105 
_struct_mon_prot_cis.pdbx_auth_asym_id_2    A 
_struct_mon_prot_cis.pdbx_PDB_model_num     1 
_struct_mon_prot_cis.pdbx_omega_angle       0.68 
# 
_struct_sheet.id               A 
_struct_sheet.type             ? 
_struct_sheet.number_strands   5 
_struct_sheet.details          ? 
# 
loop_
_struct_sheet_order.sheet_id 
_struct_sheet_order.range_id_1 
_struct_sheet_order.range_id_2 
_struct_sheet_order.offset 
_struct_sheet_order.sense 
A 1 2 ? anti-parallel 
A 2 3 ? anti-parallel 
A 3 4 ? parallel      
A 4 5 ? anti-parallel 
# 
loop_
_struct_sheet_range.sheet_id 
_struct_sheet_range.id 
_struct_sheet_range.beg_label_comp_id 
_struct_sheet_range.beg_label_asym_id 
_struct_sheet_range.beg_label_seq_id 
_struct_sheet_range.pdbx_beg_PDB_ins_code 
_struct_sheet_range.end_label_comp_id 
_struct_sheet_range.end_label_asym_id 
_struct_sheet_range.end_label_seq_id 
_struct_sheet_range.pdbx_end_PDB_ins_code 
_struct_sheet_range.beg_auth_comp_id 
_struct_sheet_range.beg_auth_asym_id 
_struct_sheet_range.beg_auth_seq_id 
_struct_sheet_range.end_auth_comp_id 
_struct_sheet_range.end_auth_asym_id 
_struct_sheet_range.end_auth_seq_id 
A 1 ASN A 82  ? ARG A 86  ? ASN A 82  ARG A 86  
A 2 VAL A 98  ? PRO A 107 ? VAL A 98  PRO A 107 
A 3 TYR A 7   ? ARG A 14  ? TYR A 7   ARG A 14  
A 4 LYS A 57  ? VAL A 62  ? LYS A 57  VAL A 62  
A 5 LYS A 119 ? LEU A 120 ? LYS A 119 LEU A 120 
# 
loop_
_pdbx_struct_sheet_hbond.sheet_id 
_pdbx_struct_sheet_hbond.range_id_1 
_pdbx_struct_sheet_hbond.range_id_2 
_pdbx_struct_sheet_hbond.range_1_label_atom_id 
_pdbx_struct_sheet_hbond.range_1_label_comp_id 
_pdbx_struct_sheet_hbond.range_1_label_asym_id 
_pdbx_struct_sheet_hbond.range_1_label_seq_id 
_pdbx_struct_sheet_hbond.range_1_PDB_ins_code 
_pdbx_struct_sheet_hbond.range_1_auth_atom_id 
_pdbx_struct_sheet_hbond.range_1_auth_comp_id 
_pdbx_struct_sheet_hbond.range_1_auth_asym_id 
_pdbx_struct_sheet_hbond.range_1_auth_seq_id 
_pdbx_struct_sheet_hbond.range_2_label_atom_id 
_pdbx_struct_sheet_hbond.range_2_label_comp_id 
_pdbx_struct_sheet_hbond.range_2_label_asym_id 
_pdbx_struct_sheet_hbond.range_2_label_seq_id 
_pdbx_struct_sheet_hbond.range_2_PDB_ins_code 
_pdbx_struct_sheet_hbond.range_2_auth_atom_id 
_pdbx_struct_sheet_hbond.range_2_auth_comp_id 
_pdbx_struct_sheet_hbond.range_2_auth_asym_id 
_pdbx_struct_sheet_hbond.range_2_auth_seq_id 
A 1 2 N ILE A 85  ? N ILE A 85  O VAL A 100 ? O VAL A 100 
A 2 3 O LEU A 101 ? O LEU A 101 N VAL A 12  ? N VAL A 12  
A 3 4 N ALA A 13  ? N ALA A 13  O VAL A 60  ? O VAL A 60  
A 4 5 N LYS A 61  ? N LYS A 61  O LYS A 119 ? O LYS A 119 
# 
_struct_site.id                   AC1 
_struct_site.pdbx_evidence_code   Software 
_struct_site.pdbx_auth_asym_id    A 
_struct_site.pdbx_auth_comp_id    NA 
_struct_site.pdbx_auth_seq_id     1001 
_struct_site.pdbx_auth_ins_code   ? 
_struct_site.pdbx_num_residues    6 
_struct_site.details              'BINDING SITE FOR RESIDUE NA A 1001' 
# 
loop_
_struct_site_gen.id 
_struct_site_gen.site_id 
_struct_site_gen.pdbx_num_res 
_struct_site_gen.label_comp_id 
_struct_site_gen.label_asym_id 
_struct_site_gen.label_seq_id 
_struct_site_gen.pdbx_auth_ins_code 
_struct_site_gen.auth_comp_id 
_struct_site_gen.auth_asym_id 
_struct_site_gen.auth_seq_id 
_struct_site_gen.label_atom_id 
_struct_site_gen.label_alt_id 
_struct_site_gen.symmetry 
_struct_site_gen.details 
1 AC1 6 GLY A 89 ? GLY A 89   . ? 1_555 ? 
2 AC1 6 HOH C .  ? HOH A 1020 . ? 1_555 ? 
3 AC1 6 HOH C .  ? HOH A 1045 . ? 1_555 ? 
4 AC1 6 HOH C .  ? HOH A 1047 . ? 1_555 ? 
5 AC1 6 HOH C .  ? HOH A 1056 . ? 1_555 ? 
6 AC1 6 HOH C .  ? HOH A 1174 . ? 1_555 ? 
# 
_atom_sites.entry_id                    1WN2 
_atom_sites.fract_transf_matrix[1][1]   -0.00675923 
_atom_sites.fract_transf_matrix[1][2]   -0.01652253 
_atom_sites.fract_transf_matrix[1][3]   0.00930895 
_atom_sites.fract_transf_matrix[2][1]   0.01213201 
_atom_sites.fract_transf_matrix[2][2]   0.00382851 
_atom_sites.fract_transf_matrix[2][3]   0.01560431 
_atom_sites.fract_transf_matrix[3][1]   -0.00843887 
_atom_sites.fract_transf_matrix[3][2]   0.00628064 
_atom_sites.fract_transf_matrix[3][3]   0.00502009 
_atom_sites.fract_transf_vector[1]      0.358246 
_atom_sites.fract_transf_vector[2]      0.329622 
_atom_sites.fract_transf_vector[3]      0.388808 
# 
loop_
_atom_type.symbol 
C  
N  
NA 
O  
S  
# 
loop_
_atom_site.group_PDB 
_atom_site.id 
_atom_site.type_symbol 
_atom_site.label_atom_id 
_atom_site.label_alt_id 
_atom_site.label_comp_id 
_atom_site.label_asym_id 
_atom_site.label_entity_id 
_atom_site.label_seq_id 
_atom_site.pdbx_PDB_ins_code 
_atom_site.Cartn_x 
_atom_site.Cartn_y 
_atom_site.Cartn_z 
_atom_site.occupancy 
_atom_site.B_iso_or_equiv 
_atom_site.pdbx_formal_charge 
_atom_site.auth_seq_id 
_atom_site.auth_comp_id 
_atom_site.auth_asym_id 
_atom_site.auth_atom_id 
_atom_site.pdbx_PDB_model_num 
ATOM   1    N  N   . MET A 1 4   ? 18.650  7.279   12.590  1.00 35.88 ? 4    MET A N   1 
ATOM   2    C  CA  . MET A 1 4   ? 18.383  8.408   11.653  1.00 35.40 ? 4    MET A CA  1 
ATOM   3    C  C   . MET A 1 4   ? 17.568  7.933   10.456  1.00 34.40 ? 4    MET A C   1 
ATOM   4    O  O   . MET A 1 4   ? 17.490  8.617   9.435   1.00 34.43 ? 4    MET A O   1 
ATOM   5    C  CB  . MET A 1 4   ? 19.703  9.008   11.161  1.00 36.79 ? 4    MET A CB  1 
ATOM   6    C  CG  . MET A 1 4   ? 20.567  8.036   10.372  1.00 38.29 ? 4    MET A CG  1 
ATOM   7    S  SD  . MET A 1 4   ? 22.062  8.802   9.719   1.00 41.07 ? 4    MET A SD  1 
ATOM   8    C  CE  . MET A 1 4   ? 21.477  9.382   8.126   1.00 40.12 ? 4    MET A CE  1 
ATOM   9    N  N   . PHE A 1 5   ? 16.963  6.758   10.588  1.00 32.90 ? 5    PHE A N   1 
ATOM   10   C  CA  . PHE A 1 5   ? 16.084  6.112   9.592   1.00 31.00 ? 5    PHE A CA  1 
ATOM   11   C  C   . PHE A 1 5   ? 14.857  6.956   9.311   1.00 28.72 ? 5    PHE A C   1 
ATOM   12   O  O   . PHE A 1 5   ? 14.215  7.470   10.218  1.00 28.88 ? 5    PHE A O   1 
ATOM   13   C  CB  . PHE A 1 5   ? 15.587  4.740   10.081  1.00 32.68 ? 5    PHE A CB  1 
ATOM   14   C  CG  . PHE A 1 5   ? 16.688  3.734   10.042  1.00 33.89 ? 5    PHE A CG  1 
ATOM   15   C  CD1 . PHE A 1 5   ? 17.705  3.842   10.983  1.00 34.65 ? 5    PHE A CD1 1 
ATOM   16   C  CD2 . PHE A 1 5   ? 16.753  2.765   9.052   1.00 34.62 ? 5    PHE A CD2 1 
ATOM   17   C  CE1 . PHE A 1 5   ? 18.784  2.975   10.933  1.00 34.71 ? 5    PHE A CE1 1 
ATOM   18   C  CE2 . PHE A 1 5   ? 17.841  1.895   9.015   1.00 34.74 ? 5    PHE A CE2 1 
ATOM   19   C  CZ  . PHE A 1 5   ? 18.853  1.991   9.960   1.00 35.01 ? 5    PHE A CZ  1 
ATOM   20   N  N   . LYS A 1 6   ? 14.433  7.057   8.057   1.00 25.19 ? 6    LYS A N   1 
ATOM   21   C  CA  . LYS A 1 6   ? 13.185  7.702   7.763   1.00 21.89 ? 6    LYS A CA  1 
ATOM   22   C  C   . LYS A 1 6   ? 12.182  6.640   7.390   1.00 18.87 ? 6    LYS A C   1 
ATOM   23   O  O   . LYS A 1 6   ? 12.511  5.616   6.805   1.00 17.08 ? 6    LYS A O   1 
ATOM   24   C  CB  . LYS A 1 6   ? 13.403  8.652   6.585   1.00 23.59 ? 6    LYS A CB  1 
ATOM   25   C  CG  . LYS A 1 6   ? 14.206  9.893   6.980   1.00 25.92 ? 6    LYS A CG  1 
ATOM   26   C  CD  . LYS A 1 6   ? 14.337  10.890  5.828   1.00 28.00 ? 6    LYS A CD  1 
ATOM   27   C  CE  . LYS A 1 6   ? 12.992  11.507  5.430   1.00 28.88 ? 6    LYS A CE  1 
ATOM   28   N  NZ  . LYS A 1 6   ? 12.590  12.494  6.431   1.00 30.44 ? 6    LYS A NZ  1 
ATOM   29   N  N   . TYR A 1 7   ? 10.928  6.848   7.779   1.00 15.34 ? 7    TYR A N   1 
ATOM   30   C  CA  . TYR A 1 7   ? 9.891   5.851   7.547   1.00 13.00 ? 7    TYR A CA  1 
ATOM   31   C  C   . TYR A 1 7   ? 8.785   6.344   6.638   1.00 11.48 ? 7    TYR A C   1 
ATOM   32   O  O   . TYR A 1 7   ? 8.428   7.522   6.648   1.00 11.90 ? 7    TYR A O   1 
ATOM   33   C  CB  . TYR A 1 7   ? 9.286   5.422   8.883   1.00 14.74 ? 7    TYR A CB  1 
ATOM   34   C  CG  . TYR A 1 7   ? 10.281  4.775   9.814   1.00 15.84 ? 7    TYR A CG  1 
ATOM   35   C  CD1 . TYR A 1 7   ? 10.500  3.400   9.785   1.00 15.96 ? 7    TYR A CD1 1 
ATOM   36   C  CD2 . TYR A 1 7   ? 11.038  5.544   10.699  1.00 17.19 ? 7    TYR A CD2 1 
ATOM   37   C  CE1 . TYR A 1 7   ? 11.446  2.803   10.613  1.00 18.27 ? 7    TYR A CE1 1 
ATOM   38   C  CE2 . TYR A 1 7   ? 11.989  4.957   11.530  1.00 19.15 ? 7    TYR A CE2 1 
ATOM   39   C  CZ  . TYR A 1 7   ? 12.187  3.587   11.481  1.00 19.43 ? 7    TYR A CZ  1 
ATOM   40   O  OH  . TYR A 1 7   ? 13.132  3.003   12.295  1.00 21.52 ? 7    TYR A OH  1 
ATOM   41   N  N   . LYS A 1 8   ? 8.238   5.436   5.842   1.00 10.13 ? 8    LYS A N   1 
ATOM   42   C  CA  . LYS A 1 8   ? 7.151   5.806   4.962   1.00 9.23  ? 8    LYS A CA  1 
ATOM   43   C  C   . LYS A 1 8   ? 6.315   4.606   4.564   1.00 7.75  ? 8    LYS A C   1 
ATOM   44   O  O   . LYS A 1 8   ? 6.717   3.451   4.731   1.00 8.51  ? 8    LYS A O   1 
ATOM   45   C  CB  . LYS A 1 8   ? 7.680   6.503   3.707   1.00 11.67 ? 8    LYS A CB  1 
ATOM   46   C  CG  . LYS A 1 8   ? 8.366   5.596   2.709   1.00 14.17 ? 8    LYS A CG  1 
ATOM   47   C  CD  . LYS A 1 8   ? 8.823   6.418   1.518   1.00 16.97 ? 8    LYS A CD  1 
ATOM   48   C  CE  . LYS A 1 8   ? 9.453   5.566   0.438   1.00 17.02 ? 8    LYS A CE  1 
ATOM   49   N  NZ  . LYS A 1 8   ? 9.944   6.433   -0.669  1.00 17.28 ? 8    LYS A NZ  1 
ATOM   50   N  N   . GLN A 1 9   ? 5.129   4.911   4.058   1.00 7.23  ? 9    GLN A N   1 
ATOM   51   C  CA  . GLN A 1 9   ? 4.189   3.914   3.585   1.00 6.85  ? 9    GLN A CA  1 
ATOM   52   C  C   . GLN A 1 9   ? 3.834   4.340   2.167   1.00 7.03  ? 9    GLN A C   1 
ATOM   53   O  O   . GLN A 1 9   ? 3.553   5.514   1.912   1.00 7.93  ? 9    GLN A O   1 
ATOM   54   C  CB  . GLN A 1 9   ? 2.938   3.908   4.464   1.00 7.08  ? 9    GLN A CB  1 
ATOM   55   C  CG  . GLN A 1 9   ? 1.884   2.902   4.041   1.00 6.90  ? 9    GLN A CG  1 
ATOM   56   C  CD  . GLN A 1 9   ? 0.648   2.977   4.907   1.00 5.74  ? 9    GLN A CD  1 
ATOM   57   O  OE1 . GLN A 1 9   ? -0.050  3.992   4.922   1.00 7.09  ? 9    GLN A OE1 1 
ATOM   58   N  NE2 . GLN A 1 9   ? 0.372   1.905   5.644   1.00 6.59  ? 9    GLN A NE2 1 
ATOM   59   N  N   . VAL A 1 10  ? 3.881   3.398   1.238   1.00 6.56  ? 10   VAL A N   1 
ATOM   60   C  CA  . VAL A 1 10  ? 3.543   3.699   -0.141  1.00 7.17  ? 10   VAL A CA  1 
ATOM   61   C  C   . VAL A 1 10  ? 2.321   2.878   -0.504  1.00 6.51  ? 10   VAL A C   1 
ATOM   62   O  O   . VAL A 1 10  ? 2.287   1.669   -0.269  1.00 7.67  ? 10   VAL A O   1 
ATOM   63   C  CB  . VAL A 1 10  ? 4.710   3.351   -1.091  1.00 7.58  ? 10   VAL A CB  1 
ATOM   64   C  CG1 . VAL A 1 10  ? 4.291   3.555   -2.543  1.00 9.07  ? 10   VAL A CG1 1 
ATOM   65   C  CG2 . VAL A 1 10  ? 5.914   4.219   -0.760  1.00 10.06 ? 10   VAL A CG2 1 
ATOM   66   N  N   . ILE A 1 11  ? 1.302   3.538   -1.042  1.00 6.57  ? 11   ILE A N   1 
ATOM   67   C  CA  . ILE A 1 11  ? 0.096   2.838   -1.440  1.00 6.98  ? 11   ILE A CA  1 
ATOM   68   C  C   . ILE A 1 11  ? 0.028   2.845   -2.956  1.00 6.17  ? 11   ILE A C   1 
ATOM   69   O  O   . ILE A 1 11  ? 0.038   3.905   -3.591  1.00 7.33  ? 11   ILE A O   1 
ATOM   70   C  CB  . ILE A 1 11  ? -1.183  3.481   -0.857  1.00 7.32  ? 11   ILE A CB  1 
ATOM   71   C  CG1 . ILE A 1 11  ? -1.082  3.600   0.667   1.00 9.10  ? 11   ILE A CG1 1 
ATOM   72   C  CG2 . ILE A 1 11  ? -2.380  2.614   -1.188  1.00 8.46  ? 11   ILE A CG2 1 
ATOM   73   C  CD1 . ILE A 1 11  ? -0.519  4.920   1.145   1.00 11.68 ? 11   ILE A CD1 1 
ATOM   74   N  N   . VAL A 1 12  ? -0.016  1.644   -3.519  1.00 6.41  ? 12   VAL A N   1 
ATOM   75   C  CA  . VAL A 1 12  ? -0.061  1.437   -4.958  1.00 6.58  ? 12   VAL A CA  1 
ATOM   76   C  C   . VAL A 1 12  ? -1.506  1.231   -5.381  1.00 6.68  ? 12   VAL A C   1 
ATOM   77   O  O   . VAL A 1 12  ? -2.123  0.223   -5.034  1.00 7.33  ? 12   VAL A O   1 
ATOM   78   C  CB  . VAL A 1 12  ? 0.752   0.185   -5.352  1.00 6.44  ? 12   VAL A CB  1 
ATOM   79   C  CG1 . VAL A 1 12  ? 0.872   0.095   -6.861  1.00 7.20  ? 12   VAL A CG1 1 
ATOM   80   C  CG2 . VAL A 1 12  ? 2.119   0.219   -4.689  1.00 7.55  ? 12   VAL A CG2 1 
ATOM   81   N  N   . ALA A 1 13  ? -2.042  2.185   -6.131  1.00 7.25  ? 13   ALA A N   1 
ATOM   82   C  CA  . ALA A 1 13  ? -3.423  2.111   -6.576  1.00 7.19  ? 13   ALA A CA  1 
ATOM   83   C  C   . ALA A 1 13  ? -3.536  1.757   -8.048  1.00 7.53  ? 13   ALA A C   1 
ATOM   84   O  O   . ALA A 1 13  ? -2.749  2.220   -8.871  1.00 8.59  ? 13   ALA A O   1 
ATOM   85   C  CB  . ALA A 1 13  ? -4.122  3.447   -6.318  1.00 8.18  ? 13   ALA A CB  1 
ATOM   86   N  N   . ARG A 1 14  ? -4.521  0.932   -8.380  1.00 8.08  ? 14   ARG A N   1 
ATOM   87   C  CA  . ARG A 1 14  ? -4.742  0.568   -9.773  1.00 8.69  ? 14   ARG A CA  1 
ATOM   88   C  C   . ARG A 1 14  ? -5.468  1.707   -10.473 1.00 10.14 ? 14   ARG A C   1 
ATOM   89   O  O   . ARG A 1 14  ? -6.518  2.164   -10.016 1.00 12.37 ? 14   ARG A O   1 
ATOM   90   C  CB  . ARG A 1 14  ? -5.572  -0.709  -9.876  1.00 9.25  ? 14   ARG A CB  1 
ATOM   91   C  CG  . ARG A 1 14  ? -4.777  -1.971  -9.612  1.00 10.18 ? 14   ARG A CG  1 
ATOM   92   C  CD  . ARG A 1 14  ? -5.652  -3.196  -9.740  1.00 9.25  ? 14   ARG A CD  1 
ATOM   93   N  NE  . ARG A 1 14  ? -6.138  -3.385  -11.103 1.00 9.96  ? 14   ARG A NE  1 
ATOM   94   C  CZ  . ARG A 1 14  ? -6.989  -4.341  -11.456 1.00 10.85 ? 14   ARG A CZ  1 
ATOM   95   N  NH1 . ARG A 1 14  ? -7.451  -5.187  -10.546 1.00 12.35 ? 14   ARG A NH1 1 
ATOM   96   N  NH2 . ARG A 1 14  ? -7.373  -4.457  -12.720 1.00 12.04 ? 14   ARG A NH2 1 
ATOM   97   N  N   . ALA A 1 15  ? -4.897  2.165   -11.581 1.00 10.29 ? 15   ALA A N   1 
ATOM   98   C  CA  . ALA A 1 15  ? -5.481  3.255   -12.351 1.00 11.10 ? 15   ALA A CA  1 
ATOM   99   C  C   . ALA A 1 15  ? -6.217  2.744   -13.581 1.00 12.61 ? 15   ALA A C   1 
ATOM   100  O  O   . ALA A 1 15  ? -6.671  3.532   -14.408 1.00 15.22 ? 15   ALA A O   1 
ATOM   101  C  CB  . ALA A 1 15  ? -4.391  4.233   -12.770 1.00 12.44 ? 15   ALA A CB  1 
ATOM   102  N  N   . ASP A 1 16  ? -6.338  1.426   -13.697 1.00 11.90 ? 16   ASP A N   1 
ATOM   103  C  CA  . ASP A 1 16  ? -7.008  0.816   -14.842 1.00 12.22 ? 16   ASP A CA  1 
ATOM   104  C  C   . ASP A 1 16  ? -8.430  0.352   -14.532 1.00 12.65 ? 16   ASP A C   1 
ATOM   105  O  O   . ASP A 1 16  ? -9.120  -0.166  -15.409 1.00 14.46 ? 16   ASP A O   1 
ATOM   106  C  CB  . ASP A 1 16  ? -6.191  -0.379  -15.338 1.00 12.50 ? 16   ASP A CB  1 
ATOM   107  C  CG  . ASP A 1 16  ? -6.125  -1.500  -14.317 1.00 12.50 ? 16   ASP A CG  1 
ATOM   108  O  OD1 . ASP A 1 16  ? -5.714  -1.233  -13.167 1.00 11.55 ? 16   ASP A OD1 1 
ATOM   109  O  OD2 . ASP A 1 16  ? -6.484  -2.647  -14.660 1.00 13.96 ? 16   ASP A OD2 1 
ATOM   110  N  N   . LEU A 1 17  ? -8.872  0.539   -13.294 1.00 11.88 ? 17   LEU A N   1 
ATOM   111  C  CA  . LEU A 1 17  ? -10.207 0.105   -12.899 1.00 11.46 ? 17   LEU A CA  1 
ATOM   112  C  C   . LEU A 1 17  ? -11.328 1.105   -13.160 1.00 12.19 ? 17   LEU A C   1 
ATOM   113  O  O   . LEU A 1 17  ? -12.493 0.804   -12.910 1.00 12.90 ? 17   LEU A O   1 
ATOM   114  C  CB  . LEU A 1 17  ? -10.207 -0.293  -11.419 1.00 11.06 ? 17   LEU A CB  1 
ATOM   115  C  CG  . LEU A 1 17  ? -9.461  -1.590  -11.098 1.00 11.25 ? 17   LEU A CG  1 
ATOM   116  C  CD1 . LEU A 1 17  ? -9.383  -1.782  -9.593  1.00 11.84 ? 17   LEU A CD1 1 
ATOM   117  C  CD2 . LEU A 1 17  ? -10.172 -2.764  -11.758 1.00 12.32 ? 17   LEU A CD2 1 
ATOM   118  N  N   . LYS A 1 18  ? -10.979 2.283   -13.666 1.00 13.62 ? 18   LYS A N   1 
ATOM   119  C  CA  . LYS A 1 18  ? -11.970 3.313   -13.968 1.00 15.01 ? 18   LYS A CA  1 
ATOM   120  C  C   . LYS A 1 18  ? -12.789 3.701   -12.732 1.00 13.59 ? 18   LYS A C   1 
ATOM   121  O  O   . LYS A 1 18  ? -13.964 4.035   -12.813 1.00 14.27 ? 18   LYS A O   1 
ATOM   122  C  CB  . LYS A 1 18  ? -12.893 2.779   -15.065 1.00 18.25 ? 18   LYS A CB  1 
ATOM   123  C  CG  . LYS A 1 18  ? -12.122 2.323   -16.306 1.00 22.18 ? 18   LYS A CG  1 
ATOM   124  C  CD  . LYS A 1 18  ? -11.964 3.441   -17.339 1.00 24.57 ? 18   LYS A CD  1 
ATOM   125  C  CE  . LYS A 1 18  ? -11.403 2.932   -18.671 1.00 26.47 ? 18   LYS A CE  1 
ATOM   126  N  NZ  . LYS A 1 18  ? -12.260 3.377   -19.769 1.00 27.74 ? 18   LYS A NZ  1 
ATOM   127  N  N   . LEU A 1 19  ? -12.162 3.655   -11.561 1.00 11.99 ? 19   LEU A N   1 
ATOM   128  C  CA  . LEU A 1 19  ? -12.844 4.006   -10.320 1.00 10.71 ? 19   LEU A CA  1 
ATOM   129  C  C   . LEU A 1 19  ? -12.990 5.514   -10.169 1.00 10.69 ? 19   LEU A C   1 
ATOM   130  O  O   . LEU A 1 19  ? -12.135 6.279   -10.615 1.00 11.56 ? 19   LEU A O   1 
ATOM   131  C  CB  . LEU A 1 19  ? -12.070 3.471   -9.113  1.00 11.91 ? 19   LEU A CB  1 
ATOM   132  C  CG  . LEU A 1 19  ? -12.021 1.959   -8.901  1.00 13.15 ? 19   LEU A CG  1 
ATOM   133  C  CD1 . LEU A 1 19  ? -11.152 1.654   -7.692  1.00 15.21 ? 19   LEU A CD1 1 
ATOM   134  C  CD2 . LEU A 1 19  ? -13.425 1.414   -8.698  1.00 14.53 ? 19   LEU A CD2 1 
ATOM   135  N  N   . SER A 1 20  ? -14.082 5.941   -9.544  1.00 9.48  ? 20   SER A N   1 
ATOM   136  C  CA  . SER A 1 20  ? -14.297 7.361   -9.306  1.00 8.20  ? 20   SER A CA  1 
ATOM   137  C  C   . SER A 1 20  ? -13.314 7.776   -8.212  1.00 8.97  ? 20   SER A C   1 
ATOM   138  O  O   . SER A 1 20  ? -12.879 6.939   -7.416  1.00 10.25 ? 20   SER A O   1 
ATOM   139  C  CB  . SER A 1 20  ? -15.743 7.616   -8.875  1.00 9.41  ? 20   SER A CB  1 
ATOM   140  O  OG  . SER A 1 20  ? -16.173 6.672   -7.913  1.00 12.12 ? 20   SER A OG  1 
ATOM   141  N  N   . LYS A 1 21  ? -12.968 9.059   -8.162  1.00 9.53  ? 21   LYS A N   1 
ATOM   142  C  CA  . LYS A 1 21  ? -11.991 9.527   -7.185  1.00 9.91  ? 21   LYS A CA  1 
ATOM   143  C  C   . LYS A 1 21  ? -12.308 9.233   -5.723  1.00 9.32  ? 21   LYS A C   1 
ATOM   144  O  O   . LYS A 1 21  ? -11.408 8.890   -4.957  1.00 9.11  ? 21   LYS A O   1 
ATOM   145  C  CB  . LYS A 1 21  ? -11.682 11.029  -7.325  1.00 13.66 ? 21   LYS A CB  1 
ATOM   146  C  CG  . LYS A 1 21  ? -12.714 12.135  -7.097  1.00 16.98 ? 21   LYS A CG  1 
ATOM   147  C  CD  . LYS A 1 21  ? -12.211 13.394  -7.807  1.00 19.78 ? 21   LYS A CD  1 
ATOM   148  C  CE  . LYS A 1 21  ? -13.377 14.386  -7.756  1.00 21.07 ? 21   LYS A CE  1 
ATOM   149  N  NZ  . LYS A 1 21  ? -12.948 15.585  -8.472  1.00 22.50 ? 21   LYS A NZ  1 
ATOM   150  N  N   . GLY A 1 22  ? -13.572 9.358   -5.334  1.00 8.63  ? 22   GLY A N   1 
ATOM   151  C  CA  . GLY A 1 22  ? -13.941 9.080   -3.957  1.00 9.11  ? 22   GLY A CA  1 
ATOM   152  C  C   . GLY A 1 22  ? -13.725 7.620   -3.603  1.00 8.16  ? 22   GLY A C   1 
ATOM   153  O  O   . GLY A 1 22  ? -13.318 7.294   -2.486  1.00 8.94  ? 22   GLY A O   1 
ATOM   154  N  N   . LYS A 1 23  ? -14.015 6.730   -4.546  1.00 8.30  ? 23   LYS A N   1 
ATOM   155  C  CA  . LYS A 1 23  ? -13.827 5.305   -4.307  1.00 7.86  ? 23   LYS A CA  1 
ATOM   156  C  C   . LYS A 1 23  ? -12.340 4.957   -4.277  1.00 8.03  ? 23   LYS A C   1 
ATOM   157  O  O   . LYS A 1 23  ? -11.905 4.170   -3.438  1.00 7.52  ? 23   LYS A O   1 
ATOM   158  C  CB  . LYS A 1 23  ? -14.529 4.472   -5.384  1.00 9.31  ? 23   LYS A CB  1 
ATOM   159  C  CG  . LYS A 1 23  ? -16.054 4.522   -5.342  1.00 9.82  ? 23   LYS A CG  1 
ATOM   160  C  CD  . LYS A 1 23  ? -16.602 4.100   -3.985  1.00 9.83  ? 23   LYS A CD  1 
ATOM   161  C  CE  . LYS A 1 23  ? -18.122 3.986   -4.009  1.00 10.56 ? 23   LYS A CE  1 
ATOM   162  N  NZ  . LYS A 1 23  ? -18.588 2.801   -4.781  1.00 11.01 ? 23   LYS A NZ  1 
ATOM   163  N  N   . LEU A 1 24  ? -11.558 5.537   -5.182  1.00 7.39  ? 24   LEU A N   1 
ATOM   164  C  CA  . LEU A 1 24  ? -10.129 5.251   -5.206  1.00 7.68  ? 24   LEU A CA  1 
ATOM   165  C  C   . LEU A 1 24  ? -9.488  5.725   -3.901  1.00 6.95  ? 24   LEU A C   1 
ATOM   166  O  O   . LEU A 1 24  ? -8.648  5.030   -3.325  1.00 7.29  ? 24   LEU A O   1 
ATOM   167  C  CB  . LEU A 1 24  ? -9.463  5.927   -6.410  1.00 8.76  ? 24   LEU A CB  1 
ATOM   168  C  CG  A LEU A 1 24  ? -7.993  5.567   -6.631  0.50 9.98  ? 24   LEU A CG  1 
ATOM   169  C  CG  B LEU A 1 24  ? -8.017  5.516   -6.717  0.50 9.98  ? 24   LEU A CG  1 
ATOM   170  C  CD1 A LEU A 1 24  ? -7.879  4.088   -6.971  0.50 11.52 ? 24   LEU A CD1 1 
ATOM   171  C  CD1 B LEU A 1 24  ? -7.694  5.834   -8.165  0.50 11.04 ? 24   LEU A CD1 1 
ATOM   172  C  CD2 A LEU A 1 24  ? -7.418  6.417   -7.751  0.50 10.89 ? 24   LEU A CD2 1 
ATOM   173  C  CD2 B LEU A 1 24  ? -7.057  6.227   -5.780  0.50 11.09 ? 24   LEU A CD2 1 
ATOM   174  N  N   . ALA A 1 25  ? -9.884  6.905   -3.431  1.00 6.95  ? 25   ALA A N   1 
ATOM   175  C  CA  . ALA A 1 25  ? -9.344  7.435   -2.183  1.00 7.13  ? 25   ALA A CA  1 
ATOM   176  C  C   . ALA A 1 25  ? -9.708  6.500   -1.030  1.00 6.45  ? 25   ALA A C   1 
ATOM   177  O  O   . ALA A 1 25  ? -8.891  6.256   -0.138  1.00 6.50  ? 25   ALA A O   1 
ATOM   178  C  CB  . ALA A 1 25  ? -9.885  8.837   -1.924  1.00 7.70  ? 25   ALA A CB  1 
ATOM   179  N  N   . ALA A 1 26  ? -10.929 5.973   -1.047  1.00 6.65  ? 26   ALA A N   1 
ATOM   180  C  CA  . ALA A 1 26  ? -11.358 5.050   -0.001  1.00 7.22  ? 26   ALA A CA  1 
ATOM   181  C  C   . ALA A 1 26  ? -10.509 3.778   -0.033  1.00 6.39  ? 26   ALA A C   1 
ATOM   182  O  O   . ALA A 1 26  ? -10.134 3.246   1.016   1.00 6.85  ? 26   ALA A O   1 
ATOM   183  C  CB  . ALA A 1 26  ? -12.836 4.701   -0.172  1.00 7.55  ? 26   ALA A CB  1 
ATOM   184  N  N   . GLN A 1 27  ? -10.213 3.285   -1.235  1.00 6.11  ? 27   GLN A N   1 
ATOM   185  C  CA  . GLN A 1 27  ? -9.397  2.078   -1.359  1.00 6.36  ? 27   GLN A CA  1 
ATOM   186  C  C   . GLN A 1 27  ? -7.986  2.338   -0.837  1.00 5.82  ? 27   GLN A C   1 
ATOM   187  O  O   . GLN A 1 27  ? -7.405  1.496   -0.147  1.00 6.45  ? 27   GLN A O   1 
ATOM   188  C  CB  . GLN A 1 27  ? -9.335  1.606   -2.813  1.00 7.02  ? 27   GLN A CB  1 
ATOM   189  C  CG  . GLN A 1 27  ? -10.681 1.201   -3.386  1.00 8.04  ? 27   GLN A CG  1 
ATOM   190  C  CD  . GLN A 1 27  ? -11.385 0.170   -2.525  1.00 8.27  ? 27   GLN A CD  1 
ATOM   191  O  OE1 . GLN A 1 27  ? -10.879 -0.937  -2.318  1.00 7.29  ? 27   GLN A OE1 1 
ATOM   192  N  NE2 . GLN A 1 27  ? -12.556 0.531   -2.009  1.00 8.91  ? 27   GLN A NE2 1 
ATOM   193  N  N   . VAL A 1 28  ? -7.434  3.502   -1.168  1.00 6.03  ? 28   VAL A N   1 
ATOM   194  C  CA  . VAL A 1 28  ? -6.104  3.861   -0.694  1.00 5.93  ? 28   VAL A CA  1 
ATOM   195  C  C   . VAL A 1 28  ? -6.119  3.872   0.837   1.00 5.05  ? 28   VAL A C   1 
ATOM   196  O  O   . VAL A 1 28  ? -5.182  3.389   1.478   1.00 5.96  ? 28   VAL A O   1 
ATOM   197  C  CB  . VAL A 1 28  ? -5.676  5.238   -1.256  1.00 5.39  ? 28   VAL A CB  1 
ATOM   198  C  CG1 . VAL A 1 28  ? -4.464  5.764   -0.514  1.00 7.11  ? 28   VAL A CG1 1 
ATOM   199  C  CG2 . VAL A 1 28  ? -5.359  5.106   -2.740  1.00 7.23  ? 28   VAL A CG2 1 
ATOM   200  N  N   . ALA A 1 29  ? -7.199  4.396   1.415   1.00 5.78  ? 29   ALA A N   1 
ATOM   201  C  CA  . ALA A 1 29  ? -7.345  4.443   2.867   1.00 6.31  ? 29   ALA A CA  1 
ATOM   202  C  C   . ALA A 1 29  ? -7.448  3.032   3.457   1.00 5.47  ? 29   ALA A C   1 
ATOM   203  O  O   . ALA A 1 29  ? -6.892  2.772   4.529   1.00 6.11  ? 29   ALA A O   1 
ATOM   204  C  CB  . ALA A 1 29  ? -8.568  5.274   3.244   1.00 6.91  ? 29   ALA A CB  1 
ATOM   205  N  N   . HIS A 1 30  ? -8.153  2.123   2.781   1.00 5.81  ? 30   HIS A N   1 
ATOM   206  C  CA  . HIS A 1 30  ? -8.236  0.748   3.276   1.00 6.04  ? 30   HIS A CA  1 
ATOM   207  C  C   . HIS A 1 30  ? -6.811  0.200   3.370   1.00 6.01  ? 30   HIS A C   1 
ATOM   208  O  O   . HIS A 1 30  ? -6.440  -0.439  4.357   1.00 6.69  ? 30   HIS A O   1 
ATOM   209  C  CB  . HIS A 1 30  ? -8.994  -0.181  2.322   1.00 6.14  ? 30   HIS A CB  1 
ATOM   210  C  CG  . HIS A 1 30  ? -10.464 0.078   2.224   1.00 5.94  ? 30   HIS A CG  1 
ATOM   211  N  ND1 . HIS A 1 30  ? -11.220 0.563   3.272   1.00 7.16  ? 30   HIS A ND1 1 
ATOM   212  C  CD2 . HIS A 1 30  ? -11.330 -0.152  1.209   1.00 8.01  ? 30   HIS A CD2 1 
ATOM   213  C  CE1 . HIS A 1 30  ? -12.488 0.617   2.903   1.00 7.46  ? 30   HIS A CE1 1 
ATOM   214  N  NE2 . HIS A 1 30  ? -12.582 0.187   1.658   1.00 8.65  ? 30   HIS A NE2 1 
ATOM   215  N  N   . GLY A 1 31  ? -6.021  0.428   2.323   1.00 5.23  ? 31   GLY A N   1 
ATOM   216  C  CA  . GLY A 1 31  ? -4.656  -0.067  2.311   1.00 6.43  ? 31   GLY A CA  1 
ATOM   217  C  C   . GLY A 1 31  ? -3.821  0.514   3.430   1.00 5.05  ? 31   GLY A C   1 
ATOM   218  O  O   . GLY A 1 31  ? -3.132  -0.215  4.147   1.00 6.18  ? 31   GLY A O   1 
ATOM   219  N  N   . ALA A 1 32  ? -3.884  1.831   3.589   1.00 5.24  ? 32   ALA A N   1 
ATOM   220  C  CA  . ALA A 1 32  ? -3.112  2.501   4.624   1.00 5.32  ? 32   ALA A CA  1 
ATOM   221  C  C   . ALA A 1 32  ? -3.467  2.000   6.018   1.00 5.39  ? 32   ALA A C   1 
ATOM   222  O  O   . ALA A 1 32  ? -2.582  1.700   6.819   1.00 6.22  ? 32   ALA A O   1 
ATOM   223  C  CB  . ALA A 1 32  ? -3.323  4.001   4.537   1.00 6.04  ? 32   ALA A CB  1 
ATOM   224  N  N   . VAL A 1 33  ? -4.757  1.918   6.317   1.00 5.63  ? 33   VAL A N   1 
ATOM   225  C  CA  . VAL A 1 33  ? -5.183  1.451   7.632   1.00 5.94  ? 33   VAL A CA  1 
ATOM   226  C  C   . VAL A 1 33  ? -4.760  0.005   7.876   1.00 6.08  ? 33   VAL A C   1 
ATOM   227  O  O   . VAL A 1 33  ? -4.190  -0.323  8.920   1.00 6.85  ? 33   VAL A O   1 
ATOM   228  C  CB  . VAL A 1 33  ? -6.722  1.545   7.789   1.00 6.23  ? 33   VAL A CB  1 
ATOM   229  C  CG1 . VAL A 1 33  ? -7.176  0.839   9.067   1.00 7.26  ? 33   VAL A CG1 1 
ATOM   230  C  CG2 . VAL A 1 33  ? -7.148  3.002   7.818   1.00 7.01  ? 33   VAL A CG2 1 
ATOM   231  N  N   . THR A 1 34  ? -5.029  -0.858  6.907   1.00 6.53  ? 34   THR A N   1 
ATOM   232  C  CA  . THR A 1 34  ? -4.711  -2.266  7.070   1.00 6.80  ? 34   THR A CA  1 
ATOM   233  C  C   . THR A 1 34  ? -3.216  -2.528  7.239   1.00 6.09  ? 34   THR A C   1 
ATOM   234  O  O   . THR A 1 34  ? -2.808  -3.268  8.138   1.00 6.88  ? 34   THR A O   1 
ATOM   235  C  CB  . THR A 1 34  ? -5.279  -3.084  5.895   1.00 6.60  ? 34   THR A CB  1 
ATOM   236  O  OG1 . THR A 1 34  ? -6.676  -2.790  5.755   1.00 7.68  ? 34   THR A OG1 1 
ATOM   237  C  CG2 . THR A 1 34  ? -5.114  -4.573  6.148   1.00 7.78  ? 34   THR A CG2 1 
ATOM   238  N  N   . ALA A 1 35  ? -2.393  -1.911  6.399   1.00 5.79  ? 35   ALA A N   1 
ATOM   239  C  CA  . ALA A 1 35  ? -0.951  -2.105  6.504   1.00 6.47  ? 35   ALA A CA  1 
ATOM   240  C  C   . ALA A 1 35  ? -0.400  -1.450  7.773   1.00 6.51  ? 35   ALA A C   1 
ATOM   241  O  O   . ALA A 1 35  ? 0.582   -1.927  8.340   1.00 7.07  ? 35   ALA A O   1 
ATOM   242  C  CB  . ALA A 1 35  ? -0.248  -1.559  5.272   1.00 6.60  ? 35   ALA A CB  1 
ATOM   243  N  N   . ALA A 1 36  ? -1.018  -0.354  8.213   1.00 6.54  ? 36   ALA A N   1 
ATOM   244  C  CA  . ALA A 1 36  ? -0.575  0.310   9.435   1.00 7.53  ? 36   ALA A CA  1 
ATOM   245  C  C   . ALA A 1 36  ? -0.761  -0.650  10.606  1.00 7.31  ? 36   ALA A C   1 
ATOM   246  O  O   . ALA A 1 36  ? 0.115   -0.773  11.463  1.00 8.10  ? 36   ALA A O   1 
ATOM   247  C  CB  . ALA A 1 36  ? -1.376  1.583   9.670   1.00 6.96  ? 36   ALA A CB  1 
ATOM   248  N  N   . PHE A 1 37  ? -1.898  -1.337  10.644  1.00 8.28  ? 37   PHE A N   1 
ATOM   249  C  CA  . PHE A 1 37  ? -2.133  -2.281  11.724  1.00 10.03 ? 37   PHE A CA  1 
ATOM   250  C  C   . PHE A 1 37  ? -1.241  -3.514  11.591  1.00 10.43 ? 37   PHE A C   1 
ATOM   251  O  O   . PHE A 1 37  ? -0.892  -4.138  12.594  1.00 11.60 ? 37   PHE A O   1 
ATOM   252  C  CB  . PHE A 1 37  ? -3.615  -2.650  11.794  1.00 11.08 ? 37   PHE A CB  1 
ATOM   253  C  CG  . PHE A 1 37  ? -4.418  -1.701  12.640  1.00 11.72 ? 37   PHE A CG  1 
ATOM   254  C  CD1 . PHE A 1 37  ? -4.443  -1.838  14.026  1.00 12.93 ? 37   PHE A CD1 1 
ATOM   255  C  CD2 . PHE A 1 37  ? -5.080  -0.620  12.063  1.00 12.09 ? 37   PHE A CD2 1 
ATOM   256  C  CE1 . PHE A 1 37  ? -5.109  -0.911  14.824  1.00 13.08 ? 37   PHE A CE1 1 
ATOM   257  C  CE2 . PHE A 1 37  ? -5.749  0.312   12.855  1.00 13.08 ? 37   PHE A CE2 1 
ATOM   258  C  CZ  . PHE A 1 37  ? -5.762  0.166   14.239  1.00 13.54 ? 37   PHE A CZ  1 
ATOM   259  N  N   . GLU A 1 38  ? -0.855  -3.855  10.364  1.00 11.22 ? 38   GLU A N   1 
ATOM   260  C  CA  . GLU A 1 38  ? 0.042   -4.987  10.149  1.00 11.19 ? 38   GLU A CA  1 
ATOM   261  C  C   . GLU A 1 38  ? 1.379   -4.636  10.789  1.00 11.45 ? 38   GLU A C   1 
ATOM   262  O  O   . GLU A 1 38  ? 1.994   -5.464  11.464  1.00 12.28 ? 38   GLU A O   1 
ATOM   263  C  CB  . GLU A 1 38  ? 0.245   -5.243  8.652   1.00 12.62 ? 38   GLU A CB  1 
ATOM   264  C  CG  . GLU A 1 38  ? -0.792  -6.154  8.029   1.00 14.66 ? 38   GLU A CG  1 
ATOM   265  C  CD  . GLU A 1 38  ? -0.665  -7.583  8.518   1.00 16.67 ? 38   GLU A CD  1 
ATOM   266  O  OE1 . GLU A 1 38  ? 0.336   -8.245  8.173   1.00 17.36 ? 38   GLU A OE1 1 
ATOM   267  O  OE2 . GLU A 1 38  ? -1.562  -8.040  9.253   1.00 20.84 ? 38   GLU A OE2 1 
ATOM   268  N  N   . ALA A 1 39  ? 1.826   -3.403  10.567  1.00 9.84  ? 39   ALA A N   1 
ATOM   269  C  CA  . ALA A 1 39  ? 3.087   -2.933  11.128  1.00 9.36  ? 39   ALA A CA  1 
ATOM   270  C  C   . ALA A 1 39  ? 2.988   -2.809  12.644  1.00 9.84  ? 39   ALA A C   1 
ATOM   271  O  O   . ALA A 1 39  ? 3.932   -3.133  13.362  1.00 11.13 ? 39   ALA A O   1 
ATOM   272  C  CB  . ALA A 1 39  ? 3.464   -1.592  10.514  1.00 8.86  ? 39   ALA A CB  1 
ATOM   273  N  N   . TYR A 1 40  ? 1.841   -2.340  13.126  1.00 10.33 ? 40   TYR A N   1 
ATOM   274  C  CA  . TYR A 1 40  ? 1.624   -2.181  14.558  1.00 11.44 ? 40   TYR A CA  1 
ATOM   275  C  C   . TYR A 1 40  ? 1.786   -3.510  15.293  1.00 13.30 ? 40   TYR A C   1 
ATOM   276  O  O   . TYR A 1 40  ? 2.401   -3.573  16.359  1.00 14.43 ? 40   TYR A O   1 
ATOM   277  C  CB  . TYR A 1 40  ? 0.217   -1.624  14.805  1.00 12.07 ? 40   TYR A CB  1 
ATOM   278  C  CG  . TYR A 1 40  ? -0.155  -1.479  16.265  1.00 13.37 ? 40   TYR A CG  1 
ATOM   279  C  CD1 . TYR A 1 40  ? 0.471   -0.533  17.075  1.00 15.52 ? 40   TYR A CD1 1 
ATOM   280  C  CD2 . TYR A 1 40  ? -1.138  -2.287  16.834  1.00 16.75 ? 40   TYR A CD2 1 
ATOM   281  C  CE1 . TYR A 1 40  ? 0.125   -0.394  18.420  1.00 17.39 ? 40   TYR A CE1 1 
ATOM   282  C  CE2 . TYR A 1 40  ? -1.491  -2.157  18.175  1.00 18.00 ? 40   TYR A CE2 1 
ATOM   283  C  CZ  . TYR A 1 40  ? -0.856  -1.209  18.959  1.00 17.49 ? 40   TYR A CZ  1 
ATOM   284  O  OH  . TYR A 1 40  ? -1.209  -1.074  20.283  1.00 20.50 ? 40   TYR A OH  1 
ATOM   285  N  N   . LYS A 1 41  ? 1.247   -4.574  14.711  1.00 15.12 ? 41   LYS A N   1 
ATOM   286  C  CA  . LYS A 1 41  ? 1.313   -5.891  15.332  1.00 17.93 ? 41   LYS A CA  1 
ATOM   287  C  C   . LYS A 1 41  ? 2.587   -6.690  15.046  1.00 19.33 ? 41   LYS A C   1 
ATOM   288  O  O   . LYS A 1 41  ? 3.028   -7.469  15.894  1.00 20.80 ? 41   LYS A O   1 
ATOM   289  C  CB  . LYS A 1 41  ? 0.096   -6.720  14.906  1.00 19.73 ? 41   LYS A CB  1 
ATOM   290  C  CG  . LYS A 1 41  ? -1.250  -6.115  15.285  1.00 22.60 ? 41   LYS A CG  1 
ATOM   291  C  CD  . LYS A 1 41  ? -1.460  -6.097  16.792  1.00 24.25 ? 41   LYS A CD  1 
ATOM   292  C  CE  . LYS A 1 41  ? -2.831  -5.544  17.148  1.00 26.22 ? 41   LYS A CE  1 
ATOM   293  N  NZ  . LYS A 1 41  ? -3.076  -5.547  18.617  1.00 27.34 ? 41   LYS A NZ  1 
ATOM   294  N  N   . LYS A 1 42  ? 3.186   -6.495  13.875  1.00 18.97 ? 42   LYS A N   1 
ATOM   295  C  CA  . LYS A 1 42  ? 4.409   -7.312  13.735  1.00 20.13 ? 42   LYS A CA  1 
ATOM   296  C  C   . LYS A 1 42  ? 5.708   -6.488  13.543  1.00 18.91 ? 42   LYS A C   1 
ATOM   297  O  O   . LYS A 1 42  ? 6.815   -6.969  13.746  1.00 19.37 ? 42   LYS A O   1 
ATOM   298  C  CB  . LYS A 1 42  ? 4.215   -8.259  12.549  1.00 22.78 ? 42   LYS A CB  1 
ATOM   299  C  CG  . LYS A 1 42  ? 2.742   -8.414  12.165  1.00 24.95 ? 42   LYS A CG  1 
ATOM   300  C  CD  . LYS A 1 42  ? 2.332   -9.880  12.018  1.00 26.36 ? 42   LYS A CD  1 
ATOM   301  C  CE  . LYS A 1 42  ? 0.985   -10.182 12.681  1.00 27.17 ? 42   LYS A CE  1 
ATOM   302  N  NZ  . LYS A 1 42  ? 0.496   -11.484 12.232  1.00 26.68 ? 42   LYS A NZ  1 
ATOM   303  N  N   . LYS A 1 43  ? 5.663   -5.179  13.315  1.00 17.21 ? 43   LYS A N   1 
ATOM   304  C  CA  . LYS A 1 43  ? 6.838   -4.317  13.332  1.00 15.48 ? 43   LYS A CA  1 
ATOM   305  C  C   . LYS A 1 43  ? 6.587   -3.032  14.135  1.00 14.38 ? 43   LYS A C   1 
ATOM   306  O  O   . LYS A 1 43  ? 6.673   -1.912  13.645  1.00 13.72 ? 43   LYS A O   1 
ATOM   307  C  CB  . LYS A 1 43  ? 7.194   -3.986  11.885  1.00 16.13 ? 43   LYS A CB  1 
ATOM   308  C  CG  . LYS A 1 43  ? 7.305   -5.244  11.017  1.00 17.75 ? 43   LYS A CG  1 
ATOM   309  C  CD  . LYS A 1 43  ? 8.502   -6.114  11.406  1.00 19.23 ? 43   LYS A CD  1 
ATOM   310  C  CE  . LYS A 1 43  ? 9.842   -5.430  11.111  1.00 19.02 ? 43   LYS A CE  1 
ATOM   311  N  NZ  . LYS A 1 43  ? 10.934  -6.382  11.302  1.00 19.79 ? 43   LYS A NZ  1 
ATOM   312  N  N   . ARG A 1 44  ? 6.238   -3.248  15.418  1.00 14.22 ? 44   ARG A N   1 
ATOM   313  C  CA  . ARG A 1 44  ? 5.791   -2.154  16.276  1.00 14.00 ? 44   ARG A CA  1 
ATOM   314  C  C   . ARG A 1 44  ? 6.720   -0.936  16.252  1.00 13.42 ? 44   ARG A C   1 
ATOM   315  O  O   . ARG A 1 44  ? 6.280   0.207   16.284  1.00 14.13 ? 44   ARG A O   1 
ATOM   316  C  CB  . ARG A 1 44  ? 5.664   -2.700  17.701  1.00 15.84 ? 44   ARG A CB  1 
ATOM   317  C  CG  . ARG A 1 44  ? 5.247   -1.630  18.708  1.00 17.61 ? 44   ARG A CG  1 
ATOM   318  C  CD  . ARG A 1 44  ? 3.786   -1.207  18.526  1.00 20.40 ? 44   ARG A CD  1 
ATOM   319  N  NE  . ARG A 1 44  ? 3.124   -1.080  19.825  1.00 24.81 ? 44   ARG A NE  1 
ATOM   320  C  CZ  . ARG A 1 44  ? 2.543   -2.182  20.332  1.00 25.68 ? 44   ARG A CZ  1 
ATOM   321  N  NH1 . ARG A 1 44  ? 2.578   -3.320  19.661  1.00 28.04 ? 44   ARG A NH1 1 
ATOM   322  N  NH2 . ARG A 1 44  ? 1.956   -2.127  21.531  1.00 28.37 ? 44   ARG A NH2 1 
ATOM   323  N  N   . GLU A 1 45  ? 8.039   -1.200  16.242  1.00 14.40 ? 45   GLU A N   1 
ATOM   324  C  CA  . GLU A 1 45  ? 8.990   -0.087  16.270  1.00 16.11 ? 45   GLU A CA  1 
ATOM   325  C  C   . GLU A 1 45  ? 8.877   0.796   15.020  1.00 14.52 ? 45   GLU A C   1 
ATOM   326  O  O   . GLU A 1 45  ? 8.908   2.019   15.075  1.00 15.14 ? 45   GLU A O   1 
ATOM   327  C  CB  . GLU A 1 45  ? 10.406  -0.658  16.376  1.00 18.71 ? 45   GLU A CB  1 
ATOM   328  C  CG  . GLU A 1 45  ? 10.712  -1.231  17.764  1.00 24.13 ? 45   GLU A CG  1 
ATOM   329  C  CD  . GLU A 1 45  ? 12.181  -1.579  17.851  1.00 26.62 ? 45   GLU A CD  1 
ATOM   330  O  OE1 . GLU A 1 45  ? 12.650  -2.354  17.027  1.00 28.99 ? 45   GLU A OE1 1 
ATOM   331  O  OE2 . GLU A 1 45  ? 12.848  -1.079  18.755  1.00 29.05 ? 45   GLU A OE2 1 
ATOM   332  N  N   . TRP A 1 46  ? 8.737   0.129   13.878  1.00 13.78 ? 46   TRP A N   1 
ATOM   333  C  CA  . TRP A 1 46  ? 8.587   0.824   12.606  1.00 12.39 ? 46   TRP A CA  1 
ATOM   334  C  C   . TRP A 1 46  ? 7.304   1.641   12.611  1.00 11.14 ? 46   TRP A C   1 
ATOM   335  O  O   . TRP A 1 46  ? 7.290   2.789   12.170  1.00 12.37 ? 46   TRP A O   1 
ATOM   336  C  CB  . TRP A 1 46  ? 8.555   -0.175  11.448  1.00 13.26 ? 46   TRP A CB  1 
ATOM   337  C  CG  . TRP A 1 46  ? 9.882   -0.804  11.140  1.00 13.95 ? 46   TRP A CG  1 
ATOM   338  C  CD1 . TRP A 1 46  ? 11.071  -0.579  11.774  1.00 15.79 ? 46   TRP A CD1 1 
ATOM   339  C  CD2 . TRP A 1 46  ? 10.154  -1.754  10.103  1.00 14.68 ? 46   TRP A CD2 1 
ATOM   340  N  NE1 . TRP A 1 46  ? 12.067  -1.330  11.196  1.00 16.18 ? 46   TRP A NE1 1 
ATOM   341  C  CE2 . TRP A 1 46  ? 11.532  -2.060  10.169  1.00 15.68 ? 46   TRP A CE2 1 
ATOM   342  C  CE3 . TRP A 1 46  ? 9.367   -2.377  9.125   1.00 14.21 ? 46   TRP A CE3 1 
ATOM   343  C  CZ2 . TRP A 1 46  ? 12.140  -2.964  9.291   1.00 15.52 ? 46   TRP A CZ2 1 
ATOM   344  C  CZ3 . TRP A 1 46  ? 9.972   -3.275  8.251   1.00 14.72 ? 46   TRP A CZ3 1 
ATOM   345  C  CH2 . TRP A 1 46  ? 11.347  -3.559  8.341   1.00 16.15 ? 46   TRP A CH2 1 
ATOM   346  N  N   . PHE A 1 47  ? 6.224   1.047   13.112  1.00 11.20 ? 47   PHE A N   1 
ATOM   347  C  CA  . PHE A 1 47  ? 4.949   1.745   13.173  1.00 10.73 ? 47   PHE A CA  1 
ATOM   348  C  C   . PHE A 1 47  ? 5.031   3.001   14.036  1.00 10.26 ? 47   PHE A C   1 
ATOM   349  O  O   . PHE A 1 47  ? 4.635   4.085   13.609  1.00 10.48 ? 47   PHE A O   1 
ATOM   350  C  CB  . PHE A 1 47  ? 3.851   0.849   13.746  1.00 11.60 ? 47   PHE A CB  1 
ATOM   351  C  CG  . PHE A 1 47  ? 2.581   1.594   14.040  1.00 10.78 ? 47   PHE A CG  1 
ATOM   352  C  CD1 . PHE A 1 47  ? 1.712   1.948   13.012  1.00 11.61 ? 47   PHE A CD1 1 
ATOM   353  C  CD2 . PHE A 1 47  ? 2.304   2.036   15.330  1.00 11.85 ? 47   PHE A CD2 1 
ATOM   354  C  CE1 . PHE A 1 47  ? 0.591   2.734   13.262  1.00 10.97 ? 47   PHE A CE1 1 
ATOM   355  C  CE2 . PHE A 1 47  ? 1.186   2.823   15.592  1.00 11.93 ? 47   PHE A CE2 1 
ATOM   356  C  CZ  . PHE A 1 47  ? 0.328   3.175   14.555  1.00 12.17 ? 47   PHE A CZ  1 
ATOM   357  N  N   . GLU A 1 48  ? 5.536   2.842   15.256  1.00 11.72 ? 48   GLU A N   1 
ATOM   358  C  CA  . GLU A 1 48  ? 5.647   3.954   16.196  1.00 13.39 ? 48   GLU A CA  1 
ATOM   359  C  C   . GLU A 1 48  ? 6.445   5.139   15.667  1.00 12.49 ? 48   GLU A C   1 
ATOM   360  O  O   . GLU A 1 48  ? 6.026   6.290   15.810  1.00 13.49 ? 48   GLU A O   1 
ATOM   361  C  CB  . GLU A 1 48  ? 6.266   3.474   17.511  1.00 15.73 ? 48   GLU A CB  1 
ATOM   362  C  CG  . GLU A 1 48  ? 5.373   2.558   18.331  1.00 20.58 ? 48   GLU A CG  1 
ATOM   363  C  CD  . GLU A 1 48  ? 4.082   3.231   18.758  1.00 23.29 ? 48   GLU A CD  1 
ATOM   364  O  OE1 . GLU A 1 48  ? 4.146   4.367   19.272  1.00 26.44 ? 48   GLU A OE1 1 
ATOM   365  O  OE2 . GLU A 1 48  ? 3.004   2.623   18.589  1.00 25.42 ? 48   GLU A OE2 1 
ATOM   366  N  N   . ALA A 1 49  ? 7.598   4.862   15.068  1.00 12.35 ? 49   ALA A N   1 
ATOM   367  C  CA  . ALA A 1 49  ? 8.438   5.923   14.524  1.00 12.33 ? 49   ALA A CA  1 
ATOM   368  C  C   . ALA A 1 49  ? 7.681   6.664   13.425  1.00 11.95 ? 49   ALA A C   1 
ATOM   369  O  O   . ALA A 1 49  ? 7.600   7.891   13.421  1.00 13.21 ? 49   ALA A O   1 
ATOM   370  C  CB  . ALA A 1 49  ? 9.726   5.332   13.969  1.00 13.92 ? 49   ALA A CB  1 
ATOM   371  N  N   . TRP A 1 50  ? 7.127   5.898   12.492  1.00 10.43 ? 50   TRP A N   1 
ATOM   372  C  CA  . TRP A 1 50  ? 6.363   6.441   11.378  1.00 9.87  ? 50   TRP A CA  1 
ATOM   373  C  C   . TRP A 1 50  ? 5.189   7.287   11.858  1.00 8.60  ? 50   TRP A C   1 
ATOM   374  O  O   . TRP A 1 50  ? 5.010   8.422   11.425  1.00 9.53  ? 50   TRP A O   1 
ATOM   375  C  CB  . TRP A 1 50  ? 5.838   5.283   10.527  1.00 9.14  ? 50   TRP A CB  1 
ATOM   376  C  CG  . TRP A 1 50  ? 4.903   5.640   9.399   1.00 7.96  ? 50   TRP A CG  1 
ATOM   377  C  CD1 . TRP A 1 50  ? 5.239   6.175   8.187   1.00 7.95  ? 50   TRP A CD1 1 
ATOM   378  C  CD2 . TRP A 1 50  ? 3.500   5.352   9.332   1.00 7.24  ? 50   TRP A CD2 1 
ATOM   379  N  NE1 . TRP A 1 50  ? 4.136   6.221   7.366   1.00 7.20  ? 50   TRP A NE1 1 
ATOM   380  C  CE2 . TRP A 1 50  ? 3.055   5.721   8.044   1.00 7.34  ? 50   TRP A CE2 1 
ATOM   381  C  CE3 . TRP A 1 50  ? 2.578   4.809   10.235  1.00 8.32  ? 50   TRP A CE3 1 
ATOM   382  C  CZ2 . TRP A 1 50  ? 1.727   5.562   7.635   1.00 7.54  ? 50   TRP A CZ2 1 
ATOM   383  C  CZ3 . TRP A 1 50  ? 1.256   4.651   9.831   1.00 8.27  ? 50   TRP A CZ3 1 
ATOM   384  C  CH2 . TRP A 1 50  ? 0.845   5.027   8.540   1.00 8.41  ? 50   TRP A CH2 1 
ATOM   385  N  N   . PHE A 1 51  ? 4.401   6.731   12.768  1.00 9.67  ? 51   PHE A N   1 
ATOM   386  C  CA  . PHE A 1 51  ? 3.213   7.412   13.263  1.00 11.02 ? 51   PHE A CA  1 
ATOM   387  C  C   . PHE A 1 51  ? 3.462   8.761   13.934  1.00 11.42 ? 51   PHE A C   1 
ATOM   388  O  O   . PHE A 1 51  ? 2.603   9.645   13.879  1.00 11.57 ? 51   PHE A O   1 
ATOM   389  C  CB  . PHE A 1 51  ? 2.448   6.481   14.210  1.00 11.30 ? 51   PHE A CB  1 
ATOM   390  C  CG  . PHE A 1 51  ? 0.983   6.804   14.333  1.00 10.39 ? 51   PHE A CG  1 
ATOM   391  C  CD1 . PHE A 1 51  ? 0.214   7.063   13.200  1.00 11.56 ? 51   PHE A CD1 1 
ATOM   392  C  CD2 . PHE A 1 51  ? 0.361   6.810   15.577  1.00 11.79 ? 51   PHE A CD2 1 
ATOM   393  C  CE1 . PHE A 1 51  ? -1.152  7.321   13.306  1.00 12.25 ? 51   PHE A CE1 1 
ATOM   394  C  CE2 . PHE A 1 51  ? -1.007  7.066   15.693  1.00 11.22 ? 51   PHE A CE2 1 
ATOM   395  C  CZ  . PHE A 1 51  ? -1.764  7.321   14.556  1.00 13.08 ? 51   PHE A CZ  1 
ATOM   396  N  N   . ARG A 1 52  ? 4.626   8.937   14.553  1.00 12.36 ? 52   ARG A N   1 
ATOM   397  C  CA  . ARG A 1 52  ? 4.793   10.260  15.152  1.00 14.25 ? 52   ARG A CA  1 
ATOM   398  C  C   . ARG A 1 52  ? 5.733   11.150  14.330  1.00 14.16 ? 52   ARG A C   1 
ATOM   399  O  O   . ARG A 1 52  ? 5.880   12.339  14.580  1.00 14.12 ? 52   ARG A O   1 
ATOM   400  C  CB  . ARG A 1 52  ? 5.351   10.076  16.564  1.00 17.81 ? 52   ARG A CB  1 
ATOM   401  C  CG  . ARG A 1 52  ? 6.870   9.907   16.571  1.00 20.84 ? 52   ARG A CG  1 
ATOM   402  C  CD  . ARG A 1 52  ? 7.464   10.097  17.971  1.00 22.95 ? 52   ARG A CD  1 
ATOM   403  N  NE  . ARG A 1 52  ? 7.224   8.911   18.799  1.00 26.04 ? 52   ARG A NE  1 
ATOM   404  C  CZ  . ARG A 1 52  ? 8.051   7.863   18.630  1.00 26.96 ? 52   ARG A CZ  1 
ATOM   405  N  NH1 . ARG A 1 52  ? 9.033   7.928   17.749  1.00 27.56 ? 52   ARG A NH1 1 
ATOM   406  N  NH2 . ARG A 1 52  ? 7.880   6.761   19.366  1.00 28.33 ? 52   ARG A NH2 1 
ATOM   407  N  N   . GLU A 1 53  ? 6.285   10.623  13.242  1.00 13.28 ? 53   GLU A N   1 
ATOM   408  C  CA  . GLU A 1 53  ? 7.099   11.427  12.339  1.00 13.61 ? 53   GLU A CA  1 
ATOM   409  C  C   . GLU A 1 53  ? 6.377   11.852  11.061  1.00 12.87 ? 53   GLU A C   1 
ATOM   410  O  O   . GLU A 1 53  ? 6.997   11.969  10.004  1.00 14.29 ? 53   GLU A O   1 
ATOM   411  C  CB  . GLU A 1 53  ? 8.381   10.671  11.978  1.00 16.43 ? 53   GLU A CB  1 
ATOM   412  C  CG  . GLU A 1 53  ? 9.317   10.438  13.157  1.00 20.36 ? 53   GLU A CG  1 
ATOM   413  C  CD  . GLU A 1 53  ? 10.542  9.624   12.777  1.00 23.48 ? 53   GLU A CD  1 
ATOM   414  O  OE1 . GLU A 1 53  ? 11.260  10.026  11.836  1.00 26.65 ? 53   GLU A OE1 1 
ATOM   415  O  OE2 . GLU A 1 53  ? 10.788  8.582   13.422  1.00 26.72 ? 53   GLU A OE2 1 
ATOM   416  N  N   . GLY A 1 54  ? 5.069   12.076  11.164  1.00 10.87 ? 54   GLY A N   1 
ATOM   417  C  CA  . GLY A 1 54  ? 4.292   12.507  10.015  1.00 10.36 ? 54   GLY A CA  1 
ATOM   418  C  C   . GLY A 1 54  ? 3.587   11.418  9.228   1.00 8.84  ? 54   GLY A C   1 
ATOM   419  O  O   . GLY A 1 54  ? 2.892   11.720  8.256   1.00 9.79  ? 54   GLY A O   1 
ATOM   420  N  N   . GLN A 1 55  ? 3.752   10.165  9.650   1.00 8.81  ? 55   GLN A N   1 
ATOM   421  C  CA  . GLN A 1 55  ? 3.146   9.008   8.985   1.00 8.12  ? 55   GLN A CA  1 
ATOM   422  C  C   . GLN A 1 55  ? 3.094   9.193   7.471   1.00 7.84  ? 55   GLN A C   1 
ATOM   423  O  O   . GLN A 1 55  ? 2.053   9.020   6.830   1.00 7.30  ? 55   GLN A O   1 
ATOM   424  C  CB  . GLN A 1 55  ? 1.742   8.731   9.551   1.00 8.84  ? 55   GLN A CB  1 
ATOM   425  C  CG  . GLN A 1 55  ? 0.735   9.866   9.430   1.00 8.50  ? 55   GLN A CG  1 
ATOM   426  C  CD  . GLN A 1 55  ? -0.617  9.500   10.020  1.00 8.64  ? 55   GLN A CD  1 
ATOM   427  O  OE1 . GLN A 1 55  ? -1.208  8.478   9.664   1.00 8.75  ? 55   GLN A OE1 1 
ATOM   428  N  NE2 . GLN A 1 55  ? -1.113  10.334  10.926  1.00 11.18 ? 55   GLN A NE2 1 
ATOM   429  N  N   . LYS A 1 56  ? 4.250   9.526   6.908   1.00 7.97  ? 56   LYS A N   1 
ATOM   430  C  CA  . LYS A 1 56  ? 4.381   9.777   5.483   1.00 7.91  ? 56   LYS A CA  1 
ATOM   431  C  C   . LYS A 1 56  ? 3.779   8.698   4.600   1.00 7.11  ? 56   LYS A C   1 
ATOM   432  O  O   . LYS A 1 56  ? 4.030   7.504   4.787   1.00 7.23  ? 56   LYS A O   1 
ATOM   433  C  CB  . LYS A 1 56  ? 5.855   9.968   5.117   1.00 9.84  ? 56   LYS A CB  1 
ATOM   434  C  CG  . LYS A 1 56  ? 6.096   10.263  3.646   1.00 14.18 ? 56   LYS A CG  1 
ATOM   435  C  CD  . LYS A 1 56  ? 7.573   10.483  3.369   1.00 16.54 ? 56   LYS A CD  1 
ATOM   436  C  CE  . LYS A 1 56  ? 7.828   10.766  1.898   1.00 19.24 ? 56   LYS A CE  1 
ATOM   437  N  NZ  . LYS A 1 56  ? 9.279   10.962  1.623   1.00 21.31 ? 56   LYS A NZ  1 
ATOM   438  N  N   . LYS A 1 57  ? 2.988   9.143   3.630   1.00 7.66  ? 57   LYS A N   1 
ATOM   439  C  CA  . LYS A 1 57  ? 2.341   8.261   2.671   1.00 7.96  ? 57   LYS A CA  1 
ATOM   440  C  C   . LYS A 1 57  ? 2.495   8.857   1.287   1.00 7.42  ? 57   LYS A C   1 
ATOM   441  O  O   . LYS A 1 57  ? 2.368   10.069  1.107   1.00 9.75  ? 57   LYS A O   1 
ATOM   442  C  CB  . LYS A 1 57  ? 0.850   8.124   2.974   1.00 7.22  ? 57   LYS A CB  1 
ATOM   443  C  CG  . LYS A 1 57  ? 0.541   7.486   4.314   1.00 7.25  ? 57   LYS A CG  1 
ATOM   444  C  CD  . LYS A 1 57  ? -0.957  7.466   4.585   1.00 7.53  ? 57   LYS A CD  1 
ATOM   445  C  CE  . LYS A 1 57  ? -1.254  7.056   6.018   1.00 7.01  ? 57   LYS A CE  1 
ATOM   446  N  NZ  . LYS A 1 57  ? -0.667  8.020   6.994   1.00 6.79  ? 57   LYS A NZ  1 
ATOM   447  N  N   . VAL A 1 58  ? 2.778   8.003   0.313   1.00 7.82  ? 58   VAL A N   1 
ATOM   448  C  CA  . VAL A 1 58  ? 2.914   8.439   -1.068  1.00 7.95  ? 58   VAL A CA  1 
ATOM   449  C  C   . VAL A 1 58  ? 2.041   7.502   -1.884  1.00 6.57  ? 58   VAL A C   1 
ATOM   450  O  O   . VAL A 1 58  ? 2.061   6.286   -1.669  1.00 7.49  ? 58   VAL A O   1 
ATOM   451  C  CB  . VAL A 1 58  ? 4.374   8.347   -1.569  1.00 9.12  ? 58   VAL A CB  1 
ATOM   452  C  CG1 . VAL A 1 58  ? 4.454   8.778   -3.031  1.00 10.87 ? 58   VAL A CG1 1 
ATOM   453  C  CG2 . VAL A 1 58  ? 5.270   9.228   -0.712  1.00 12.03 ? 58   VAL A CG2 1 
ATOM   454  N  N   . VAL A 1 59  ? 1.263   8.061   -2.802  1.00 6.89  ? 59   VAL A N   1 
ATOM   455  C  CA  . VAL A 1 59  ? 0.384   7.250   -3.627  1.00 7.22  ? 59   VAL A CA  1 
ATOM   456  C  C   . VAL A 1 59  ? 0.924   7.117   -5.044  1.00 6.71  ? 59   VAL A C   1 
ATOM   457  O  O   . VAL A 1 59  ? 1.124   8.110   -5.756  1.00 7.27  ? 59   VAL A O   1 
ATOM   458  C  CB  . VAL A 1 59  ? -1.043  7.848   -3.672  1.00 7.59  ? 59   VAL A CB  1 
ATOM   459  C  CG1 . VAL A 1 59  ? -1.970  6.933   -4.453  1.00 9.42  ? 59   VAL A CG1 1 
ATOM   460  C  CG2 . VAL A 1 59  ? -1.566  8.039   -2.258  1.00 9.54  ? 59   VAL A CG2 1 
ATOM   461  N  N   . VAL A 1 60  ? 1.173   5.873   -5.436  1.00 6.85  ? 60   VAL A N   1 
ATOM   462  C  CA  . VAL A 1 60  ? 1.671   5.572   -6.765  1.00 6.99  ? 60   VAL A CA  1 
ATOM   463  C  C   . VAL A 1 60  ? 0.619   4.726   -7.464  1.00 7.09  ? 60   VAL A C   1 
ATOM   464  O  O   . VAL A 1 60  ? -0.412  4.398   -6.873  1.00 7.04  ? 60   VAL A O   1 
ATOM   465  C  CB  . VAL A 1 60  ? 3.026   4.827   -6.708  1.00 7.18  ? 60   VAL A CB  1 
ATOM   466  C  CG1 . VAL A 1 60  ? 4.070   5.712   -6.038  1.00 9.87  ? 60   VAL A CG1 1 
ATOM   467  C  CG2 . VAL A 1 60  ? 2.881   3.516   -5.950  1.00 8.64  ? 60   VAL A CG2 1 
ATOM   468  N  N   . LYS A 1 61  ? 0.865   4.370   -8.716  1.00 7.81  ? 61   LYS A N   1 
ATOM   469  C  CA  . LYS A 1 61  ? -0.114  3.594   -9.455  1.00 8.01  ? 61   LYS A CA  1 
ATOM   470  C  C   . LYS A 1 61  ? 0.486   2.500   -10.314 1.00 8.04  ? 61   LYS A C   1 
ATOM   471  O  O   . LYS A 1 61  ? 1.691   2.456   -10.547 1.00 9.15  ? 61   LYS A O   1 
ATOM   472  C  CB  . LYS A 1 61  ? -0.919  4.524   -10.368 1.00 9.18  ? 61   LYS A CB  1 
ATOM   473  C  CG  . LYS A 1 61  ? -0.061  5.238   -11.413 1.00 11.11 ? 61   LYS A CG  1 
ATOM   474  C  CD  . LYS A 1 61  ? -0.886  6.143   -12.312 1.00 12.69 ? 61   LYS A CD  1 
ATOM   475  C  CE  . LYS A 1 61  ? 0.004   6.890   -13.293 1.00 14.24 ? 61   LYS A CE  1 
ATOM   476  N  NZ  . LYS A 1 61  ? -0.782  7.818   -14.149 1.00 18.37 ? 61   LYS A NZ  1 
ATOM   477  N  N   . VAL A 1 62  ? -0.386  1.597   -10.748 1.00 8.09  ? 62   VAL A N   1 
ATOM   478  C  CA  . VAL A 1 62  ? -0.034  0.534   -11.682 1.00 8.08  ? 62   VAL A CA  1 
ATOM   479  C  C   . VAL A 1 62  ? -1.245  0.417   -12.597 1.00 9.15  ? 62   VAL A C   1 
ATOM   480  O  O   . VAL A 1 62  ? -2.306  0.965   -12.291 1.00 9.38  ? 62   VAL A O   1 
ATOM   481  C  CB  . VAL A 1 62  ? 0.261   -0.832  -11.011 1.00 8.00  ? 62   VAL A CB  1 
ATOM   482  C  CG1 . VAL A 1 62  ? 1.550   -0.742  -10.214 1.00 10.21 ? 62   VAL A CG1 1 
ATOM   483  C  CG2 . VAL A 1 62  ? -0.902  -1.269  -10.144 1.00 8.60  ? 62   VAL A CG2 1 
ATOM   484  N  N   . GLU A 1 63  ? -1.096  -0.289  -13.712 1.00 9.78  ? 63   GLU A N   1 
ATOM   485  C  CA  . GLU A 1 63  ? -2.184  -0.406  -14.677 1.00 11.02 ? 63   GLU A CA  1 
ATOM   486  C  C   . GLU A 1 63  ? -2.780  -1.799  -14.823 1.00 11.29 ? 63   GLU A C   1 
ATOM   487  O  O   . GLU A 1 63  ? -3.444  -2.087  -15.819 1.00 12.49 ? 63   GLU A O   1 
ATOM   488  C  CB  . GLU A 1 63  ? -1.706  0.071   -16.051 1.00 12.49 ? 63   GLU A CB  1 
ATOM   489  C  CG  . GLU A 1 63  ? -1.211  1.513   -16.104 1.00 12.99 ? 63   GLU A CG  1 
ATOM   490  C  CD  . GLU A 1 63  ? -2.304  2.533   -15.837 1.00 14.31 ? 63   GLU A CD  1 
ATOM   491  O  OE1 . GLU A 1 63  ? -3.481  2.244   -16.133 1.00 15.10 ? 63   GLU A OE1 1 
ATOM   492  O  OE2 . GLU A 1 63  ? -1.980  3.636   -15.347 1.00 15.83 ? 63   GLU A OE2 1 
ATOM   493  N  N   . SER A 1 64  ? -2.552  -2.666  -13.845 1.00 10.61 ? 64   SER A N   1 
ATOM   494  C  CA  . SER A 1 64  ? -3.090  -4.017  -13.916 1.00 11.34 ? 64   SER A CA  1 
ATOM   495  C  C   . SER A 1 64  ? -3.157  -4.660  -12.544 1.00 11.16 ? 64   SER A C   1 
ATOM   496  O  O   . SER A 1 64  ? -2.496  -4.223  -11.601 1.00 11.11 ? 64   SER A O   1 
ATOM   497  C  CB  . SER A 1 64  ? -2.225  -4.892  -14.822 1.00 10.85 ? 64   SER A CB  1 
ATOM   498  O  OG  . SER A 1 64  ? -0.978  -5.163  -14.207 1.00 11.44 ? 64   SER A OG  1 
ATOM   499  N  N   . GLU A 1 65  ? -3.954  -5.714  -12.442 1.00 11.67 ? 65   GLU A N   1 
ATOM   500  C  CA  . GLU A 1 65  ? -4.088  -6.424  -11.187 1.00 11.66 ? 65   GLU A CA  1 
ATOM   501  C  C   . GLU A 1 65  ? -2.832  -7.266  -10.986 1.00 10.40 ? 65   GLU A C   1 
ATOM   502  O  O   . GLU A 1 65  ? -2.359  -7.440  -9.865  1.00 10.60 ? 65   GLU A O   1 
ATOM   503  C  CB  . GLU A 1 65  ? -5.329  -7.321  -11.221 1.00 12.94 ? 65   GLU A CB  1 
ATOM   504  C  CG  A GLU A 1 65  ? -5.620  -8.004  -9.900  0.50 10.85 ? 65   GLU A CG  1 
ATOM   505  C  CG  B GLU A 1 65  ? -5.205  -8.512  -12.149 0.50 13.17 ? 65   GLU A CG  1 
ATOM   506  C  CD  A GLU A 1 65  ? -6.863  -8.867  -9.942  0.50 10.58 ? 65   GLU A CD  1 
ATOM   507  C  CD  B GLU A 1 65  ? -5.297  -9.828  -11.410 0.50 14.04 ? 65   GLU A CD  1 
ATOM   508  O  OE1 A GLU A 1 65  ? -6.912  -9.788  -10.781 0.50 10.54 ? 65   GLU A OE1 1 
ATOM   509  O  OE1 B GLU A 1 65  ? -4.499  -10.736 -11.725 0.50 10.14 ? 65   GLU A OE1 1 
ATOM   510  O  OE2 A GLU A 1 65  ? -7.788  -8.629  -9.136  0.50 9.42  ? 65   GLU A OE2 1 
ATOM   511  O  OE2 B GLU A 1 65  ? -6.167  -9.953  -10.521 0.50 14.03 ? 65   GLU A OE2 1 
ATOM   512  N  N   . GLU A 1 66  ? -2.283  -7.767  -12.089 1.00 9.54  ? 66   GLU A N   1 
ATOM   513  C  CA  . GLU A 1 66  ? -1.092  -8.603  -12.042 1.00 9.36  ? 66   GLU A CA  1 
ATOM   514  C  C   . GLU A 1 66  ? 0.098   -7.923  -11.372 1.00 9.21  ? 66   GLU A C   1 
ATOM   515  O  O   . GLU A 1 66  ? 0.845   -8.565  -10.630 1.00 10.06 ? 66   GLU A O   1 
ATOM   516  C  CB  . GLU A 1 66  ? -0.701  -9.048  -13.456 1.00 10.44 ? 66   GLU A CB  1 
ATOM   517  C  CG  . GLU A 1 66  ? -1.683  -10.011 -14.135 1.00 10.93 ? 66   GLU A CG  1 
ATOM   518  C  CD  . GLU A 1 66  ? -2.999  -9.354  -14.532 1.00 10.84 ? 66   GLU A CD  1 
ATOM   519  O  OE1 . GLU A 1 66  ? -2.989  -8.155  -14.882 1.00 11.65 ? 66   GLU A OE1 1 
ATOM   520  O  OE2 . GLU A 1 66  ? -4.043  -10.042 -14.513 1.00 14.35 ? 66   GLU A OE2 1 
ATOM   521  N  N   . GLU A 1 67  ? 0.280   -6.628  -11.618 1.00 9.87  ? 67   GLU A N   1 
ATOM   522  C  CA  . GLU A 1 67  ? 1.407   -5.929  -11.015 1.00 9.12  ? 67   GLU A CA  1 
ATOM   523  C  C   . GLU A 1 67  ? 1.266   -5.832  -9.500  1.00 8.71  ? 67   GLU A C   1 
ATOM   524  O  O   . GLU A 1 67  ? 2.270   -5.848  -8.785  1.00 9.70  ? 67   GLU A O   1 
ATOM   525  C  CB  . GLU A 1 67  ? 1.583   -4.534  -11.623 1.00 10.56 ? 67   GLU A CB  1 
ATOM   526  C  CG  A GLU A 1 67  ? 3.060   -4.150  -11.721 0.50 11.47 ? 67   GLU A CG  1 
ATOM   527  C  CG  B GLU A 1 67  ? 1.702   -4.536  -13.135 0.50 12.35 ? 67   GLU A CG  1 
ATOM   528  C  CD  A GLU A 1 67  ? 3.316   -2.852  -12.462 0.50 11.65 ? 67   GLU A CD  1 
ATOM   529  C  CD  B GLU A 1 67  ? 1.581   -3.148  -13.730 0.50 13.00 ? 67   GLU A CD  1 
ATOM   530  O  OE1 A GLU A 1 67  ? 2.609   -2.574  -13.453 0.50 13.88 ? 67   GLU A OE1 1 
ATOM   531  O  OE1 B GLU A 1 67  ? 2.485   -2.317  -13.492 0.50 13.57 ? 67   GLU A OE1 1 
ATOM   532  O  OE2 A GLU A 1 67  ? 4.246   -2.117  -12.066 0.50 12.22 ? 67   GLU A OE2 1 
ATOM   533  O  OE2 B GLU A 1 67  ? 0.577   -2.889  -14.429 0.50 11.65 ? 67   GLU A OE2 1 
ATOM   534  N  N   . LEU A 1 68  ? 0.039   -5.730  -8.998  1.00 8.17  ? 68   LEU A N   1 
ATOM   535  C  CA  . LEU A 1 68  ? -0.143  -5.669  -7.552  1.00 7.67  ? 68   LEU A CA  1 
ATOM   536  C  C   . LEU A 1 68  ? 0.312   -6.977  -6.907  1.00 7.69  ? 68   LEU A C   1 
ATOM   537  O  O   . LEU A 1 68  ? 0.943   -6.969  -5.851  1.00 8.30  ? 68   LEU A O   1 
ATOM   538  C  CB  . LEU A 1 68  ? -1.605  -5.401  -7.184  1.00 8.32  ? 68   LEU A CB  1 
ATOM   539  C  CG  . LEU A 1 68  ? -2.162  -4.003  -7.461  1.00 7.62  ? 68   LEU A CG  1 
ATOM   540  C  CD1 . LEU A 1 68  ? -3.546  -3.890  -6.848  1.00 10.15 ? 68   LEU A CD1 1 
ATOM   541  C  CD2 . LEU A 1 68  ? -1.238  -2.936  -6.871  1.00 8.72  ? 68   LEU A CD2 1 
ATOM   542  N  N   . PHE A 1 69  ? -0.006  -8.102  -7.540  1.00 8.64  ? 69   PHE A N   1 
ATOM   543  C  CA  . PHE A 1 69  ? 0.402   -9.392  -6.996  1.00 8.26  ? 69   PHE A CA  1 
ATOM   544  C  C   . PHE A 1 69  ? 1.920   -9.535  -7.009  1.00 8.24  ? 69   PHE A C   1 
ATOM   545  O  O   . PHE A 1 69  ? 2.512   -10.015 -6.044  1.00 9.59  ? 69   PHE A O   1 
ATOM   546  C  CB  . PHE A 1 69  ? -0.257  -10.533 -7.775  1.00 9.88  ? 69   PHE A CB  1 
ATOM   547  C  CG  . PHE A 1 69  ? -1.718  -10.698 -7.469  1.00 10.46 ? 69   PHE A CG  1 
ATOM   548  C  CD1 . PHE A 1 69  ? -2.135  -11.044 -6.186  1.00 11.17 ? 69   PHE A CD1 1 
ATOM   549  C  CD2 . PHE A 1 69  ? -2.678  -10.492 -8.451  1.00 10.89 ? 69   PHE A CD2 1 
ATOM   550  C  CE1 . PHE A 1 69  ? -3.489  -11.179 -5.886  1.00 12.53 ? 69   PHE A CE1 1 
ATOM   551  C  CE2 . PHE A 1 69  ? -4.035  -10.625 -8.162  1.00 12.20 ? 69   PHE A CE2 1 
ATOM   552  C  CZ  . PHE A 1 69  ? -4.439  -10.969 -6.876  1.00 12.57 ? 69   PHE A CZ  1 
ATOM   553  N  N   . LYS A 1 70  ? 2.553   -9.106  -8.093  1.00 8.68  ? 70   LYS A N   1 
ATOM   554  C  CA  . LYS A 1 70  ? 3.998   -9.234  -8.151  1.00 9.61  ? 70   LYS A CA  1 
ATOM   555  C  C   . LYS A 1 70  ? 4.659   -8.336  -7.111  1.00 7.94  ? 70   LYS A C   1 
ATOM   556  O  O   . LYS A 1 70  ? 5.621   -8.709  -6.452  1.00 8.74  ? 70   LYS A O   1 
ATOM   557  C  CB  . LYS A 1 70  ? 4.458   -8.834  -9.553  1.00 11.91 ? 70   LYS A CB  1 
ATOM   558  C  CG  . LYS A 1 70  ? 3.841   -9.717  -10.640 1.00 16.57 ? 70   LYS A CG  1 
ATOM   559  C  CD  . LYS A 1 70  ? 4.491   -9.494  -12.007 1.00 20.31 ? 70   LYS A CD  1 
ATOM   560  C  CE  . LYS A 1 70  ? 4.223   -10.646 -12.980 1.00 21.50 ? 70   LYS A CE  1 
ATOM   561  N  NZ  . LYS A 1 70  ? 5.046   -11.799 -12.619 1.00 24.31 ? 70   LYS A NZ  1 
ATOM   562  N  N   . LEU A 1 71  ? 4.132   -7.135  -6.906  1.00 7.54  ? 71   LEU A N   1 
ATOM   563  C  CA  . LEU A 1 71  ? 4.675   -6.239  -5.893  1.00 7.04  ? 71   LEU A CA  1 
ATOM   564  C  C   . LEU A 1 71  ? 4.448   -6.788  -4.486  1.00 6.10  ? 71   LEU A C   1 
ATOM   565  O  O   . LEU A 1 71  ? 5.303   -6.637  -3.613  1.00 7.10  ? 71   LEU A O   1 
ATOM   566  C  CB  . LEU A 1 71  ? 4.048   -4.850  -6.027  1.00 7.21  ? 71   LEU A CB  1 
ATOM   567  C  CG  . LEU A 1 71  ? 4.449   -4.084  -7.294  1.00 8.03  ? 71   LEU A CG  1 
ATOM   568  C  CD1 . LEU A 1 71  ? 3.498   -2.918  -7.520  1.00 8.54  ? 71   LEU A CD1 1 
ATOM   569  C  CD2 . LEU A 1 71  ? 5.884   -3.597  -7.169  1.00 10.14 ? 71   LEU A CD2 1 
ATOM   570  N  N   . LYS A 1 72  ? 3.300   -7.418  -4.254  1.00 6.79  ? 72   LYS A N   1 
ATOM   571  C  CA  . LYS A 1 72  ? 3.041   -7.971  -2.928  1.00 7.26  ? 72   LYS A CA  1 
ATOM   572  C  C   . LYS A 1 72  ? 4.069   -9.060  -2.633  1.00 7.72  ? 72   LYS A C   1 
ATOM   573  O  O   . LYS A 1 72  ? 4.606   -9.137  -1.528  1.00 7.69  ? 72   LYS A O   1 
ATOM   574  C  CB  . LYS A 1 72  ? 1.633   -8.566  -2.816  1.00 8.41  ? 72   LYS A CB  1 
ATOM   575  C  CG  . LYS A 1 72  ? 1.230   -8.856  -1.362  1.00 8.94  ? 72   LYS A CG  1 
ATOM   576  C  CD  . LYS A 1 72  ? -0.003  -9.741  -1.255  1.00 9.55  ? 72   LYS A CD  1 
ATOM   577  C  CE  . LYS A 1 72  ? -0.545  -9.776  0.172   1.00 9.34  ? 72   LYS A CE  1 
ATOM   578  N  NZ  . LYS A 1 72  ? 0.456   -10.202 1.195   1.00 8.65  ? 72   LYS A NZ  1 
ATOM   579  N  N   . ALA A 1 73  ? 4.348   -9.896  -3.628  1.00 7.77  ? 73   ALA A N   1 
ATOM   580  C  CA  . ALA A 1 73  ? 5.320   -10.967 -3.457  1.00 8.73  ? 73   ALA A CA  1 
ATOM   581  C  C   . ALA A 1 73  ? 6.684   -10.393 -3.094  1.00 8.58  ? 73   ALA A C   1 
ATOM   582  O  O   . ALA A 1 73  ? 7.387   -10.936 -2.242  1.00 9.61  ? 73   ALA A O   1 
ATOM   583  C  CB  . ALA A 1 73  ? 5.421   -11.790 -4.732  1.00 9.18  ? 73   ALA A CB  1 
ATOM   584  N  N   . GLU A 1 74  ? 7.064   -9.295  -3.739  1.00 7.79  ? 74   GLU A N   1 
ATOM   585  C  CA  . GLU A 1 74  ? 8.351   -8.675  -3.461  1.00 8.34  ? 74   GLU A CA  1 
ATOM   586  C  C   . GLU A 1 74  ? 8.377   -8.108  -2.044  1.00 7.85  ? 74   GLU A C   1 
ATOM   587  O  O   . GLU A 1 74  ? 9.384   -8.212  -1.341  1.00 9.04  ? 74   GLU A O   1 
ATOM   588  C  CB  . GLU A 1 74  ? 8.639   -7.568  -4.476  1.00 9.62  ? 74   GLU A CB  1 
ATOM   589  C  CG  A GLU A 1 74  ? 10.049  -7.014  -4.387  0.50 12.38 ? 74   GLU A CG  1 
ATOM   590  C  CG  B GLU A 1 74  ? 8.693   -8.050  -5.914  0.50 11.21 ? 74   GLU A CG  1 
ATOM   591  C  CD  A GLU A 1 74  ? 10.379  -6.071  -5.526  0.50 14.27 ? 74   GLU A CD  1 
ATOM   592  C  CD  B GLU A 1 74  ? 8.959   -6.925  -6.891  0.50 12.20 ? 74   GLU A CD  1 
ATOM   593  O  OE1 A GLU A 1 74  ? 9.715   -6.155  -6.582  0.50 18.33 ? 74   GLU A OE1 1 
ATOM   594  O  OE1 B GLU A 1 74  ? 8.999   -7.189  -8.111  0.50 13.17 ? 74   GLU A OE1 1 
ATOM   595  O  OE2 A GLU A 1 74  ? 11.308  -5.252  -5.370  0.50 16.94 ? 74   GLU A OE2 1 
ATOM   596  O  OE2 B GLU A 1 74  ? 9.128   -5.775  -6.436  0.50 13.20 ? 74   GLU A OE2 1 
ATOM   597  N  N   . ALA A 1 75  ? 7.268   -7.507  -1.622  1.00 7.51  ? 75   ALA A N   1 
ATOM   598  C  CA  . ALA A 1 75  ? 7.192   -6.950  -0.275  1.00 6.76  ? 75   ALA A CA  1 
ATOM   599  C  C   . ALA A 1 75  ? 7.319   -8.075  0.750   1.00 7.62  ? 75   ALA A C   1 
ATOM   600  O  O   . ALA A 1 75  ? 8.003   -7.927  1.762   1.00 8.38  ? 75   ALA A O   1 
ATOM   601  C  CB  . ALA A 1 75  ? 5.877   -6.207  -0.083  1.00 8.06  ? 75   ALA A CB  1 
ATOM   602  N  N   . GLU A 1 76  ? 6.656   -9.198  0.481   1.00 8.02  ? 76   GLU A N   1 
ATOM   603  C  CA  . GLU A 1 76  ? 6.709   -10.349 1.376   1.00 9.31  ? 76   GLU A CA  1 
ATOM   604  C  C   . GLU A 1 76  ? 8.140   -10.872 1.483   1.00 11.05 ? 76   GLU A C   1 
ATOM   605  O  O   . GLU A 1 76  ? 8.615   -11.182 2.575   1.00 12.01 ? 76   GLU A O   1 
ATOM   606  C  CB  . GLU A 1 76  ? 5.788   -11.466 0.865   1.00 9.39  ? 76   GLU A CB  1 
ATOM   607  C  CG  . GLU A 1 76  ? 4.315   -11.089 0.843   1.00 9.71  ? 76   GLU A CG  1 
ATOM   608  C  CD  . GLU A 1 76  ? 3.446   -12.097 0.110   1.00 8.75  ? 76   GLU A CD  1 
ATOM   609  O  OE1 . GLU A 1 76  ? 3.997   -12.996 -0.558  1.00 9.55  ? 76   GLU A OE1 1 
ATOM   610  O  OE2 . GLU A 1 76  ? 2.205   -11.984 0.191   1.00 9.43  ? 76   GLU A OE2 1 
ATOM   611  N  N   . LYS A 1 77  ? 8.823   -10.956 0.345   1.00 10.78 ? 77   LYS A N   1 
ATOM   612  C  CA  . LYS A 1 77  ? 10.190  -11.475 0.327   1.00 12.35 ? 77   LYS A CA  1 
ATOM   613  C  C   . LYS A 1 77  ? 11.162  -10.569 1.094   1.00 12.08 ? 77   LYS A C   1 
ATOM   614  O  O   . LYS A 1 77  ? 12.189  -11.002 1.598   1.00 13.61 ? 77   LYS A O   1 
ATOM   615  C  CB  . LYS A 1 77  ? 10.634  -11.598 -1.131  1.00 14.81 ? 77   LYS A CB  1 
ATOM   616  C  CG  . LYS A 1 77  ? 12.120  -11.942 -1.258  1.00 18.43 ? 77   LYS A CG  1 
ATOM   617  C  CD  . LYS A 1 77  ? 12.640  -11.755 -2.685  1.00 21.73 ? 77   LYS A CD  1 
ATOM   618  C  CE  . LYS A 1 77  ? 14.122  -12.119 -2.821  1.00 23.49 ? 77   LYS A CE  1 
ATOM   619  N  NZ  . LYS A 1 77  ? 14.662  -11.533 -4.046  1.00 25.76 ? 77   LYS A NZ  1 
ATOM   620  N  N   . LEU A 1 78  ? 10.841  -9.284  1.213   1.00 11.43 ? 78   LEU A N   1 
ATOM   621  C  CA  . LEU A 1 78  ? 11.696  -8.358  1.946   1.00 11.41 ? 78   LEU A CA  1 
ATOM   622  C  C   . LEU A 1 78  ? 11.249  -8.167  3.391   1.00 11.55 ? 78   LEU A C   1 
ATOM   623  O  O   . LEU A 1 78  ? 11.832  -7.371  4.124   1.00 13.46 ? 78   LEU A O   1 
ATOM   624  C  CB  . LEU A 1 78  ? 11.736  -7.003  1.235   1.00 12.29 ? 78   LEU A CB  1 
ATOM   625  C  CG  . LEU A 1 78  ? 12.435  -6.980  -0.126  1.00 12.58 ? 78   LEU A CG  1 
ATOM   626  C  CD1 . LEU A 1 78  ? 12.219  -5.629  -0.788  1.00 13.47 ? 78   LEU A CD1 1 
ATOM   627  C  CD2 . LEU A 1 78  ? 13.921  -7.261  0.052   1.00 15.84 ? 78   LEU A CD2 1 
ATOM   628  N  N   . GLY A 1 79  ? 10.213  -8.897  3.792   1.00 10.59 ? 79   GLY A N   1 
ATOM   629  C  CA  . GLY A 1 79  ? 9.714   -8.805  5.156   1.00 11.41 ? 79   GLY A CA  1 
ATOM   630  C  C   . GLY A 1 79  ? 9.041   -7.490  5.508   1.00 11.51 ? 79   GLY A C   1 
ATOM   631  O  O   . GLY A 1 79  ? 9.084   -7.046  6.653   1.00 13.17 ? 79   GLY A O   1 
ATOM   632  N  N   . LEU A 1 80  ? 8.402   -6.867  4.526   1.00 9.70  ? 80   LEU A N   1 
ATOM   633  C  CA  . LEU A 1 80  ? 7.729   -5.592  4.739   1.00 9.49  ? 80   LEU A CA  1 
ATOM   634  C  C   . LEU A 1 80  ? 6.254   -5.732  5.075   1.00 9.76  ? 80   LEU A C   1 
ATOM   635  O  O   . LEU A 1 80  ? 5.556   -6.563  4.497   1.00 8.84  ? 80   LEU A O   1 
ATOM   636  C  CB  . LEU A 1 80  ? 7.840   -4.729  3.481   1.00 10.51 ? 80   LEU A CB  1 
ATOM   637  C  CG  . LEU A 1 80  ? 9.220   -4.209  3.082   1.00 10.89 ? 80   LEU A CG  1 
ATOM   638  C  CD1 . LEU A 1 80  ? 9.157   -3.600  1.696   1.00 12.17 ? 80   LEU A CD1 1 
ATOM   639  C  CD2 . LEU A 1 80  ? 9.684   -3.184  4.101   1.00 15.45 ? 80   LEU A CD2 1 
ATOM   640  N  N   . PRO A 1 81  ? 5.762   -4.929  6.031   1.00 9.18  ? 81   PRO A N   1 
ATOM   641  C  CA  . PRO A 1 81  ? 4.341   -5.006  6.377   1.00 9.32  ? 81   PRO A CA  1 
ATOM   642  C  C   . PRO A 1 81  ? 3.619   -4.585  5.099   1.00 8.03  ? 81   PRO A C   1 
ATOM   643  O  O   . PRO A 1 81  ? 4.077   -3.678  4.399   1.00 8.35  ? 81   PRO A O   1 
ATOM   644  C  CB  . PRO A 1 81  ? 4.197   -3.954  7.474   1.00 10.96 ? 81   PRO A CB  1 
ATOM   645  C  CG  . PRO A 1 81  ? 5.538   -3.742  8.096   1.00 11.48 ? 81   PRO A CG  1 
ATOM   646  C  CD  . PRO A 1 81  ? 6.483   -4.035  6.954   1.00 10.08 ? 81   PRO A CD  1 
ATOM   647  N  N   . ASN A 1 82  ? 2.516   -5.239  4.774   1.00 7.35  ? 82   ASN A N   1 
ATOM   648  C  CA  . ASN A 1 82  ? 1.803   -4.878  3.560   1.00 7.15  ? 82   ASN A CA  1 
ATOM   649  C  C   . ASN A 1 82  ? 0.361   -5.327  3.644   1.00 6.38  ? 82   ASN A C   1 
ATOM   650  O  O   . ASN A 1 82  ? -0.002  -6.128  4.507   1.00 7.89  ? 82   ASN A O   1 
ATOM   651  C  CB  . ASN A 1 82  ? 2.483   -5.519  2.342   1.00 8.02  ? 82   ASN A CB  1 
ATOM   652  C  CG  . ASN A 1 82  ? 2.383   -7.032  2.346   1.00 7.82  ? 82   ASN A CG  1 
ATOM   653  O  OD1 . ASN A 1 82  ? 1.381   -7.599  1.912   1.00 8.77  ? 82   ASN A OD1 1 
ATOM   654  N  ND2 . ASN A 1 82  ? 3.418   -7.695  2.856   1.00 9.37  ? 82   ASN A ND2 1 
ATOM   655  N  N   . ALA A 1 83  ? -0.467  -4.800  2.752   1.00 6.70  ? 83   ALA A N   1 
ATOM   656  C  CA  . ALA A 1 83  ? -1.870  -5.165  2.708   1.00 6.54  ? 83   ALA A CA  1 
ATOM   657  C  C   . ALA A 1 83  ? -2.384  -5.076  1.280   1.00 6.76  ? 83   ALA A C   1 
ATOM   658  O  O   . ALA A 1 83  ? -2.314  -4.015  0.655   1.00 6.49  ? 83   ALA A O   1 
ATOM   659  C  CB  . ALA A 1 83  ? -2.688  -4.249  3.617   1.00 8.13  ? 83   ALA A CB  1 
ATOM   660  N  N   . LEU A 1 84  ? -2.869  -6.199  0.760   1.00 6.55  ? 84   LEU A N   1 
ATOM   661  C  CA  . LEU A 1 84  ? -3.441  -6.243  -0.580  1.00 6.71  ? 84   LEU A CA  1 
ATOM   662  C  C   . LEU A 1 84  ? -4.940  -6.154  -0.342  1.00 6.53  ? 84   LEU A C   1 
ATOM   663  O  O   . LEU A 1 84  ? -5.530  -7.023  0.303   1.00 7.87  ? 84   LEU A O   1 
ATOM   664  C  CB  . LEU A 1 84  ? -3.079  -7.548  -1.286  1.00 7.43  ? 84   LEU A CB  1 
ATOM   665  C  CG  . LEU A 1 84  ? -3.513  -7.621  -2.751  1.00 8.66  ? 84   LEU A CG  1 
ATOM   666  C  CD1 . LEU A 1 84  ? -2.850  -6.498  -3.531  1.00 11.15 ? 84   LEU A CD1 1 
ATOM   667  C  CD2 . LEU A 1 84  ? -3.126  -8.965  -3.340  1.00 10.59 ? 84   LEU A CD2 1 
ATOM   668  N  N   . ILE A 1 85  ? -5.546  -5.102  -0.876  1.00 7.01  ? 85   ILE A N   1 
ATOM   669  C  CA  . ILE A 1 85  ? -6.953  -4.818  -0.662  1.00 7.11  ? 85   ILE A CA  1 
ATOM   670  C  C   . ILE A 1 85  ? -7.961  -5.241  -1.715  1.00 8.09  ? 85   ILE A C   1 
ATOM   671  O  O   . ILE A 1 85  ? -7.737  -5.104  -2.915  1.00 8.01  ? 85   ILE A O   1 
ATOM   672  C  CB  . ILE A 1 85  ? -7.144  -3.292  -0.448  1.00 7.15  ? 85   ILE A CB  1 
ATOM   673  C  CG1 . ILE A 1 85  ? -6.277  -2.812  0.722   1.00 8.54  ? 85   ILE A CG1 1 
ATOM   674  C  CG2 . ILE A 1 85  ? -8.614  -2.957  -0.246  1.00 8.91  ? 85   ILE A CG2 1 
ATOM   675  C  CD1 . ILE A 1 85  ? -6.586  -3.470  2.050   1.00 9.53  ? 85   ILE A CD1 1 
ATOM   676  N  N   . ARG A 1 86  ? -9.084  -5.751  -1.223  1.00 9.77  ? 86   ARG A N   1 
ATOM   677  C  CA  . ARG A 1 86  ? -10.234 -6.120  -2.031  1.00 10.27 ? 86   ARG A CA  1 
ATOM   678  C  C   . ARG A 1 86  ? -11.344 -5.505  -1.176  1.00 10.55 ? 86   ARG A C   1 
ATOM   679  O  O   . ARG A 1 86  ? -11.168 -5.328  0.033   1.00 11.78 ? 86   ARG A O   1 
ATOM   680  C  CB  . ARG A 1 86  ? -10.395 -7.638  -2.132  1.00 14.92 ? 86   ARG A CB  1 
ATOM   681  C  CG  . ARG A 1 86  ? -10.646 -8.329  -0.814  1.00 17.82 ? 86   ARG A CG  1 
ATOM   682  C  CD  . ARG A 1 86  ? -10.922 -9.807  -1.006  1.00 20.84 ? 86   ARG A CD  1 
ATOM   683  N  NE  . ARG A 1 86  ? -11.279 -10.434 0.261   1.00 21.78 ? 86   ARG A NE  1 
ATOM   684  C  CZ  . ARG A 1 86  ? -11.753 -11.668 0.383   1.00 21.40 ? 86   ARG A CZ  1 
ATOM   685  N  NH1 . ARG A 1 86  ? -11.932 -12.427 -0.690  1.00 23.84 ? 86   ARG A NH1 1 
ATOM   686  N  NH2 . ARG A 1 86  ? -12.060 -12.139 1.583   1.00 21.76 ? 86   ARG A NH2 1 
ATOM   687  N  N   . ASP A 1 87  ? -12.470 -5.158  -1.783  1.00 9.25  ? 87   ASP A N   1 
ATOM   688  C  CA  . ASP A 1 87  ? -13.551 -4.533  -1.033  1.00 10.55 ? 87   ASP A CA  1 
ATOM   689  C  C   . ASP A 1 87  ? -14.891 -5.097  -1.481  1.00 11.14 ? 87   ASP A C   1 
ATOM   690  O  O   . ASP A 1 87  ? -15.353 -4.814  -2.585  1.00 11.17 ? 87   ASP A O   1 
ATOM   691  C  CB  . ASP A 1 87  ? -13.510 -3.020  -1.258  1.00 10.66 ? 87   ASP A CB  1 
ATOM   692  C  CG  . ASP A 1 87  ? -14.481 -2.264  -0.374  1.00 10.67 ? 87   ASP A CG  1 
ATOM   693  O  OD1 . ASP A 1 87  ? -15.310 -2.909  0.307   1.00 13.02 ? 87   ASP A OD1 1 
ATOM   694  O  OD2 . ASP A 1 87  ? -14.413 -1.017  -0.369  1.00 10.52 ? 87   ASP A OD2 1 
ATOM   695  N  N   . ALA A 1 88  ? -15.504 -5.899  -0.616  1.00 11.95 ? 88   ALA A N   1 
ATOM   696  C  CA  . ALA A 1 88  ? -16.792 -6.513  -0.916  1.00 12.78 ? 88   ALA A CA  1 
ATOM   697  C  C   . ALA A 1 88  ? -17.849 -5.474  -1.274  1.00 13.43 ? 88   ALA A C   1 
ATOM   698  O  O   . ALA A 1 88  ? -18.760 -5.752  -2.052  1.00 14.54 ? 88   ALA A O   1 
ATOM   699  C  CB  . ALA A 1 88  ? -17.259 -7.341  0.273   1.00 14.14 ? 88   ALA A CB  1 
ATOM   700  N  N   . GLY A 1 89  ? -17.726 -4.279  -0.706  1.00 13.21 ? 89   GLY A N   1 
ATOM   701  C  CA  . GLY A 1 89  ? -18.692 -3.229  -0.978  1.00 13.40 ? 89   GLY A CA  1 
ATOM   702  C  C   . GLY A 1 89  ? -18.498 -2.499  -2.296  1.00 13.05 ? 89   GLY A C   1 
ATOM   703  O  O   . GLY A 1 89  ? -19.372 -1.748  -2.726  1.00 13.27 ? 89   GLY A O   1 
ATOM   704  N  N   . LEU A 1 90  ? -17.360 -2.717  -2.945  1.00 12.64 ? 90   LEU A N   1 
ATOM   705  C  CA  . LEU A 1 90  ? -17.070 -2.057  -4.214  1.00 12.59 ? 90   LEU A CA  1 
ATOM   706  C  C   . LEU A 1 90  ? -17.616 -2.920  -5.348  1.00 12.23 ? 90   LEU A C   1 
ATOM   707  O  O   . LEU A 1 90  ? -16.864 -3.568  -6.076  1.00 13.19 ? 90   LEU A O   1 
ATOM   708  C  CB  . LEU A 1 90  ? -15.557 -1.868  -4.355  1.00 11.88 ? 90   LEU A CB  1 
ATOM   709  C  CG  . LEU A 1 90  ? -15.048 -0.851  -5.377  1.00 11.21 ? 90   LEU A CG  1 
ATOM   710  C  CD1 . LEU A 1 90  ? -15.496 0.553   -4.994  1.00 11.82 ? 90   LEU A CD1 1 
ATOM   711  C  CD2 . LEU A 1 90  ? -13.532 -0.919  -5.431  1.00 11.05 ? 90   LEU A CD2 1 
ATOM   712  N  N   . THR A 1 91  ? -18.935 -2.911  -5.494  1.00 12.12 ? 91   THR A N   1 
ATOM   713  C  CA  . THR A 1 91  ? -19.600 -3.726  -6.501  1.00 12.89 ? 91   THR A CA  1 
ATOM   714  C  C   . THR A 1 91  ? -19.527 -3.246  -7.950  1.00 12.05 ? 91   THR A C   1 
ATOM   715  O  O   . THR A 1 91  ? -20.027 -3.932  -8.845  1.00 13.36 ? 91   THR A O   1 
ATOM   716  C  CB  . THR A 1 91  ? -21.078 -3.950  -6.116  1.00 12.04 ? 91   THR A CB  1 
ATOM   717  O  OG1 . THR A 1 91  ? -21.705 -2.683  -5.884  1.00 12.60 ? 91   THR A OG1 1 
ATOM   718  C  CG2 . THR A 1 91  ? -21.176 -4.796  -4.849  1.00 14.60 ? 91   THR A CG2 1 
ATOM   719  N  N   . GLU A 1 92  ? -18.913 -2.091  -8.204  1.00 12.04 ? 92   GLU A N   1 
ATOM   720  C  CA  . GLU A 1 92  ? -18.803 -1.624  -9.583  1.00 12.01 ? 92   GLU A CA  1 
ATOM   721  C  C   . GLU A 1 92  ? -17.695 -2.365  -10.327 1.00 12.76 ? 92   GLU A C   1 
ATOM   722  O  O   . GLU A 1 92  ? -17.469 -2.130  -11.511 1.00 13.49 ? 92   GLU A O   1 
ATOM   723  C  CB  . GLU A 1 92  ? -18.574 -0.108  -9.668  1.00 12.05 ? 92   GLU A CB  1 
ATOM   724  C  CG  . GLU A 1 92  ? -17.386 0.428   -8.895  1.00 12.24 ? 92   GLU A CG  1 
ATOM   725  C  CD  . GLU A 1 92  ? -17.779 0.960   -7.535  1.00 10.89 ? 92   GLU A CD  1 
ATOM   726  O  OE1 . GLU A 1 92  ? -18.336 0.182   -6.736  1.00 11.45 ? 92   GLU A OE1 1 
ATOM   727  O  OE2 . GLU A 1 92  ? -17.534 2.157   -7.264  1.00 11.13 ? 92   GLU A OE2 1 
ATOM   728  N  N   . ILE A 1 93  ? -16.990 -3.244  -9.619  1.00 11.41 ? 93   ILE A N   1 
ATOM   729  C  CA  . ILE A 1 93  ? -15.956 -4.076  -10.228 1.00 12.32 ? 93   ILE A CA  1 
ATOM   730  C  C   . ILE A 1 93  ? -16.239 -5.492  -9.726  1.00 11.82 ? 93   ILE A C   1 
ATOM   731  O  O   . ILE A 1 93  ? -16.893 -5.671  -8.700  1.00 12.49 ? 93   ILE A O   1 
ATOM   732  C  CB  . ILE A 1 93  ? -14.514 -3.624  -9.847  1.00 12.19 ? 93   ILE A CB  1 
ATOM   733  C  CG1 . ILE A 1 93  ? -14.278 -3.750  -8.342  1.00 10.64 ? 93   ILE A CG1 1 
ATOM   734  C  CG2 . ILE A 1 93  ? -14.285 -2.196  -10.323 1.00 13.81 ? 93   ILE A CG2 1 
ATOM   735  C  CD1 . ILE A 1 93  ? -12.871 -3.353  -7.909  1.00 12.27 ? 93   ILE A CD1 1 
ATOM   736  N  N   . PRO A 1 94  ? -15.768 -6.517  -10.453 1.00 13.61 ? 94   PRO A N   1 
ATOM   737  C  CA  . PRO A 1 94  ? -15.988 -7.918  -10.073 1.00 14.16 ? 94   PRO A CA  1 
ATOM   738  C  C   . PRO A 1 94  ? -15.635 -8.267  -8.631  1.00 14.23 ? 94   PRO A C   1 
ATOM   739  O  O   . PRO A 1 94  ? -14.702 -7.709  -8.053  1.00 12.04 ? 94   PRO A O   1 
ATOM   740  C  CB  . PRO A 1 94  ? -15.128 -8.684  -11.076 1.00 14.72 ? 94   PRO A CB  1 
ATOM   741  C  CG  . PRO A 1 94  ? -15.180 -7.810  -12.290 1.00 15.07 ? 94   PRO A CG  1 
ATOM   742  C  CD  . PRO A 1 94  ? -14.989 -6.431  -11.700 1.00 13.74 ? 94   PRO A CD  1 
ATOM   743  N  N   . PRO A 1 95  ? -16.387 -9.200  -8.025  1.00 14.73 ? 95   PRO A N   1 
ATOM   744  C  CA  . PRO A 1 95  ? -16.115 -9.598  -6.642  1.00 14.93 ? 95   PRO A CA  1 
ATOM   745  C  C   . PRO A 1 95  ? -14.693 -10.131 -6.500  1.00 14.28 ? 95   PRO A C   1 
ATOM   746  O  O   . PRO A 1 95  ? -14.212 -10.867 -7.363  1.00 14.72 ? 95   PRO A O   1 
ATOM   747  C  CB  . PRO A 1 95  ? -17.160 -10.681 -6.386  1.00 15.95 ? 95   PRO A CB  1 
ATOM   748  C  CG  . PRO A 1 95  ? -18.304 -10.248 -7.244  1.00 17.31 ? 95   PRO A CG  1 
ATOM   749  C  CD  . PRO A 1 95  ? -17.613 -9.848  -8.526  1.00 16.04 ? 95   PRO A CD  1 
ATOM   750  N  N   . GLY A 1 96  ? -14.023 -9.743  -5.418  1.00 12.86 ? 96   GLY A N   1 
ATOM   751  C  CA  . GLY A 1 96  ? -12.670 -10.207 -5.171  1.00 12.58 ? 96   GLY A CA  1 
ATOM   752  C  C   . GLY A 1 96  ? -11.561 -9.459  -5.886  1.00 10.96 ? 96   GLY A C   1 
ATOM   753  O  O   . GLY A 1 96  ? -10.385 -9.741  -5.664  1.00 12.31 ? 96   GLY A O   1 
ATOM   754  N  N   . THR A 1 97  ? -11.914 -8.509  -6.745  1.00 10.38 ? 97   THR A N   1 
ATOM   755  C  CA  . THR A 1 97  ? -10.907 -7.744  -7.476  1.00 9.16  ? 97   THR A CA  1 
ATOM   756  C  C   . THR A 1 97  ? -10.035 -6.930  -6.524  1.00 8.14  ? 97   THR A C   1 
ATOM   757  O  O   . THR A 1 97  ? -10.548 -6.223  -5.658  1.00 9.17  ? 97   THR A O   1 
ATOM   758  C  CB  . THR A 1 97  ? -11.562 -6.768  -8.472  1.00 10.48 ? 97   THR A CB  1 
ATOM   759  O  OG1 . THR A 1 97  ? -12.388 -7.498  -9.386  1.00 12.06 ? 97   THR A OG1 1 
ATOM   760  C  CG2 . THR A 1 97  ? -10.499 -6.011  -9.256  1.00 11.76 ? 97   THR A CG2 1 
ATOM   761  N  N   . VAL A 1 98  ? -8.717  -7.030  -6.671  1.00 8.08  ? 98   VAL A N   1 
ATOM   762  C  CA  . VAL A 1 98  ? -7.840  -6.259  -5.803  1.00 7.46  ? 98   VAL A CA  1 
ATOM   763  C  C   . VAL A 1 98  ? -7.681  -4.850  -6.372  1.00 7.59  ? 98   VAL A C   1 
ATOM   764  O  O   . VAL A 1 98  ? -7.535  -4.656  -7.582  1.00 8.83  ? 98   VAL A O   1 
ATOM   765  C  CB  . VAL A 1 98  ? -6.472  -6.945  -5.608  1.00 8.39  ? 98   VAL A CB  1 
ATOM   766  C  CG1 A VAL A 1 98  ? -6.673  -8.317  -4.985  0.50 9.37  ? 98   VAL A CG1 1 
ATOM   767  C  CG1 B VAL A 1 98  ? -5.506  -5.982  -4.966  0.50 11.97 ? 98   VAL A CG1 1 
ATOM   768  C  CG2 A VAL A 1 98  ? -5.748  -7.070  -6.926  0.50 6.73  ? 98   VAL A CG2 1 
ATOM   769  C  CG2 B VAL A 1 98  ? -6.634  -8.183  -4.736  0.50 9.34  ? 98   VAL A CG2 1 
ATOM   770  N  N   . THR A 1 99  ? -7.710  -3.871  -5.478  1.00 7.04  ? 99   THR A N   1 
ATOM   771  C  CA  . THR A 1 99  ? -7.660  -2.465  -5.854  1.00 7.14  ? 99   THR A CA  1 
ATOM   772  C  C   . THR A 1 99  ? -6.361  -1.735  -5.548  1.00 6.44  ? 99   THR A C   1 
ATOM   773  O  O   . THR A 1 99  ? -5.905  -0.916  -6.351  1.00 7.32  ? 99   THR A O   1 
ATOM   774  C  CB  . THR A 1 99  ? -8.801  -1.714  -5.161  1.00 7.33  ? 99   THR A CB  1 
ATOM   775  O  OG1 . THR A 1 99  ? -8.665  -1.867  -3.741  1.00 7.62  ? 99   THR A OG1 1 
ATOM   776  C  CG2 . THR A 1 99  ? -10.149 -2.268  -5.605  1.00 9.71  ? 99   THR A CG2 1 
ATOM   777  N  N   . VAL A 1 100 ? -5.782  -2.007  -4.382  1.00 6.32  ? 100  VAL A N   1 
ATOM   778  C  CA  . VAL A 1 100 ? -4.544  -1.354  -3.984  1.00 5.93  ? 100  VAL A CA  1 
ATOM   779  C  C   . VAL A 1 100 ? -3.668  -2.278  -3.157  1.00 5.91  ? 100  VAL A C   1 
ATOM   780  O  O   . VAL A 1 100 ? -4.138  -3.270  -2.595  1.00 6.25  ? 100  VAL A O   1 
ATOM   781  C  CB  . VAL A 1 100 ? -4.796  -0.079  -3.109  1.00 8.08  ? 100  VAL A CB  1 
ATOM   782  C  CG1 . VAL A 1 100 ? -5.793  0.850   -3.773  1.00 7.83  ? 100  VAL A CG1 1 
ATOM   783  C  CG2 . VAL A 1 100 ? -5.273  -0.472  -1.726  1.00 11.19 ? 100  VAL A CG2 1 
ATOM   784  N  N   . LEU A 1 101 ? -2.386  -1.940  -3.103  1.00 5.31  ? 101  LEU A N   1 
ATOM   785  C  CA  . LEU A 1 101 ? -1.420  -2.653  -2.285  1.00 5.63  ? 101  LEU A CA  1 
ATOM   786  C  C   . LEU A 1 101 ? -0.699  -1.589  -1.474  1.00 5.08  ? 101  LEU A C   1 
ATOM   787  O  O   . LEU A 1 101 ? -0.104  -0.676  -2.046  1.00 6.10  ? 101  LEU A O   1 
ATOM   788  C  CB  . LEU A 1 101 ? -0.383  -3.394  -3.131  1.00 5.64  ? 101  LEU A CB  1 
ATOM   789  C  CG  . LEU A 1 101 ? 0.797   -3.939  -2.309  1.00 6.81  ? 101  LEU A CG  1 
ATOM   790  C  CD1 . LEU A 1 101 ? 0.354   -5.130  -1.459  1.00 7.37  ? 101  LEU A CD1 1 
ATOM   791  C  CD2 . LEU A 1 101 ? 1.919   -4.343  -3.244  1.00 8.54  ? 101  LEU A CD2 1 
ATOM   792  N  N   . ALA A 1 102 ? -0.779  -1.679  -0.152  1.00 5.70  ? 102  ALA A N   1 
ATOM   793  C  CA  . ALA A 1 102 ? -0.070  -0.744  0.705   1.00 5.95  ? 102  ALA A CA  1 
ATOM   794  C  C   . ALA A 1 102 ? 1.190   -1.458  1.194   1.00 6.51  ? 102  ALA A C   1 
ATOM   795  O  O   . ALA A 1 102 ? 1.138   -2.621  1.603   1.00 6.38  ? 102  ALA A O   1 
ATOM   796  C  CB  . ALA A 1 102 ? -0.933  -0.334  1.884   1.00 6.73  ? 102  ALA A CB  1 
ATOM   797  N  N   . VAL A 1 103 ? 2.316   -0.760  1.136   1.00 5.64  ? 103  VAL A N   1 
ATOM   798  C  CA  . VAL A 1 103 ? 3.604   -1.297  1.562   1.00 7.66  ? 103  VAL A CA  1 
ATOM   799  C  C   . VAL A 1 103 ? 4.152   -0.370  2.644   1.00 6.70  ? 103  VAL A C   1 
ATOM   800  O  O   . VAL A 1 103 ? 4.308   0.830   2.419   1.00 7.56  ? 103  VAL A O   1 
ATOM   801  C  CB  . VAL A 1 103 ? 4.597   -1.352  0.378   1.00 7.09  ? 103  VAL A CB  1 
ATOM   802  C  CG1 . VAL A 1 103 ? 5.935   -1.904  0.841   1.00 9.20  ? 103  VAL A CG1 1 
ATOM   803  C  CG2 . VAL A 1 103 ? 4.021   -2.204  -0.747  1.00 9.61  ? 103  VAL A CG2 1 
ATOM   804  N  N   . GLY A 1 104 ? 4.440   -0.925  3.817   1.00 7.47  ? 104  GLY A N   1 
ATOM   805  C  CA  . GLY A 1 104 ? 4.939   -0.107  4.903   1.00 6.93  ? 104  GLY A CA  1 
ATOM   806  C  C   . GLY A 1 104 ? 3.822   0.188   5.886   1.00 7.73  ? 104  GLY A C   1 
ATOM   807  O  O   . GLY A 1 104 ? 2.686   -0.247  5.680   1.00 7.77  ? 104  GLY A O   1 
ATOM   808  N  N   . PRO A 1 105 ? 4.088   0.994   6.921   1.00 7.98  ? 105  PRO A N   1 
ATOM   809  C  CA  . PRO A 1 105 ? 5.358   1.659   7.226   1.00 8.18  ? 105  PRO A CA  1 
ATOM   810  C  C   . PRO A 1 105 ? 6.593   0.796   7.438   1.00 7.54  ? 105  PRO A C   1 
ATOM   811  O  O   . PRO A 1 105 ? 6.534   -0.288  8.021   1.00 8.97  ? 105  PRO A O   1 
ATOM   812  C  CB  . PRO A 1 105 ? 5.022   2.482   8.463   1.00 9.40  ? 105  PRO A CB  1 
ATOM   813  C  CG  . PRO A 1 105 ? 4.006   1.634   9.152   1.00 8.64  ? 105  PRO A CG  1 
ATOM   814  C  CD  . PRO A 1 105 ? 3.117   1.215   8.008   1.00 8.60  ? 105  PRO A CD  1 
ATOM   815  N  N   . ALA A 1 106 ? 7.718   1.321   6.966   1.00 8.95  ? 106  ALA A N   1 
ATOM   816  C  CA  . ALA A 1 106 ? 9.012   0.662   7.072   1.00 9.89  ? 106  ALA A CA  1 
ATOM   817  C  C   . ALA A 1 106 ? 10.070  1.672   6.635   1.00 10.04 ? 106  ALA A C   1 
ATOM   818  O  O   . ALA A 1 106 ? 9.743   2.726   6.090   1.00 10.01 ? 106  ALA A O   1 
ATOM   819  C  CB  . ALA A 1 106 ? 9.049   -0.560  6.165   1.00 10.75 ? 106  ALA A CB  1 
ATOM   820  N  N   . PRO A 1 107 ? 11.355  1.373   6.886   1.00 11.89 ? 107  PRO A N   1 
ATOM   821  C  CA  . PRO A 1 107 ? 12.422  2.296   6.486   1.00 11.60 ? 107  PRO A CA  1 
ATOM   822  C  C   . PRO A 1 107 ? 12.301  2.609   4.996   1.00 11.49 ? 107  PRO A C   1 
ATOM   823  O  O   . PRO A 1 107 ? 12.108  1.709   4.181   1.00 11.77 ? 107  PRO A O   1 
ATOM   824  C  CB  . PRO A 1 107 ? 13.689  1.515   6.815   1.00 13.38 ? 107  PRO A CB  1 
ATOM   825  C  CG  . PRO A 1 107 ? 13.283  0.738   8.024   1.00 14.20 ? 107  PRO A CG  1 
ATOM   826  C  CD  . PRO A 1 107 ? 11.907  0.232   7.639   1.00 12.04 ? 107  PRO A CD  1 
ATOM   827  N  N   . GLU A 1 108 ? 12.421  3.884   4.645   1.00 12.22 ? 108  GLU A N   1 
ATOM   828  C  CA  . GLU A 1 108 ? 12.293  4.309   3.256   1.00 14.15 ? 108  GLU A CA  1 
ATOM   829  C  C   . GLU A 1 108 ? 13.142  3.544   2.248   1.00 13.89 ? 108  GLU A C   1 
ATOM   830  O  O   . GLU A 1 108 ? 12.669  3.227   1.157   1.00 13.61 ? 108  GLU A O   1 
ATOM   831  C  CB  . GLU A 1 108 ? 12.589  5.807   3.131   1.00 16.26 ? 108  GLU A CB  1 
ATOM   832  C  CG  A GLU A 1 108 ? 11.504  6.702   3.708   0.50 18.77 ? 108  GLU A CG  1 
ATOM   833  C  CG  B GLU A 1 108 ? 12.402  6.358   1.727   0.50 18.72 ? 108  GLU A CG  1 
ATOM   834  C  CD  A GLU A 1 108 ? 11.739  8.170   3.408   0.50 20.05 ? 108  GLU A CD  1 
ATOM   835  C  CD  B GLU A 1 108 ? 12.644  7.852   1.642   0.50 19.61 ? 108  GLU A CD  1 
ATOM   836  O  OE1 A GLU A 1 108 ? 10.853  8.991   3.725   0.50 21.04 ? 108  GLU A OE1 1 
ATOM   837  O  OE1 B GLU A 1 108 ? 12.378  8.433   0.569   0.50 21.80 ? 108  GLU A OE1 1 
ATOM   838  O  OE2 A GLU A 1 108 ? 12.809  8.503   2.856   0.50 22.55 ? 108  GLU A OE2 1 
ATOM   839  O  OE2 B GLU A 1 108 ? 13.101  8.444   2.641   0.50 21.84 ? 108  GLU A OE2 1 
ATOM   840  N  N   . GLU A 1 109 ? 14.388  3.241   2.599   1.00 15.12 ? 109  GLU A N   1 
ATOM   841  C  CA  . GLU A 1 109 ? 15.258  2.532   1.668   1.00 16.26 ? 109  GLU A CA  1 
ATOM   842  C  C   . GLU A 1 109 ? 14.771  1.122   1.341   1.00 16.21 ? 109  GLU A C   1 
ATOM   843  O  O   . GLU A 1 109 ? 15.006  0.622   0.242   1.00 18.02 ? 109  GLU A O   1 
ATOM   844  C  CB  . GLU A 1 109 ? 16.695  2.489   2.200   1.00 19.42 ? 109  GLU A CB  1 
ATOM   845  C  CG  . GLU A 1 109 ? 16.887  1.707   3.484   1.00 24.35 ? 109  GLU A CG  1 
ATOM   846  C  CD  . GLU A 1 109 ? 18.324  1.754   3.971   1.00 27.06 ? 109  GLU A CD  1 
ATOM   847  O  OE1 . GLU A 1 109 ? 19.227  1.364   3.200   1.00 29.57 ? 109  GLU A OE1 1 
ATOM   848  O  OE2 . GLU A 1 109 ? 18.548  2.181   5.124   1.00 29.42 ? 109  GLU A OE2 1 
ATOM   849  N  N   . ILE A 1 110 ? 14.093  0.479   2.285   1.00 15.02 ? 110  ILE A N   1 
ATOM   850  C  CA  . ILE A 1 110 ? 13.580  -0.866  2.048   1.00 14.24 ? 110  ILE A CA  1 
ATOM   851  C  C   . ILE A 1 110 ? 12.298  -0.792  1.218   1.00 12.06 ? 110  ILE A C   1 
ATOM   852  O  O   . ILE A 1 110 ? 12.103  -1.575  0.287   1.00 12.27 ? 110  ILE A O   1 
ATOM   853  C  CB  . ILE A 1 110 ? 13.287  -1.602  3.371   1.00 15.12 ? 110  ILE A CB  1 
ATOM   854  C  CG1 . ILE A 1 110 ? 14.522  -1.565  4.274   1.00 17.24 ? 110  ILE A CG1 1 
ATOM   855  C  CG2 . ILE A 1 110 ? 12.901  -3.047  3.084   1.00 17.04 ? 110  ILE A CG2 1 
ATOM   856  C  CD1 . ILE A 1 110 ? 14.336  -2.271  5.600   1.00 18.29 ? 110  ILE A CD1 1 
ATOM   857  N  N   . VAL A 1 111 ? 11.424  0.152   1.558   1.00 11.40 ? 111  VAL A N   1 
ATOM   858  C  CA  . VAL A 1 111 ? 10.176  0.329   0.826   1.00 10.47 ? 111  VAL A CA  1 
ATOM   859  C  C   . VAL A 1 111 ? 10.471  0.658   -0.635  1.00 10.63 ? 111  VAL A C   1 
ATOM   860  O  O   . VAL A 1 111 ? 9.825   0.130   -1.540  1.00 10.86 ? 111  VAL A O   1 
ATOM   861  C  CB  . VAL A 1 111 ? 9.319   1.468   1.437   1.00 10.17 ? 111  VAL A CB  1 
ATOM   862  C  CG1 . VAL A 1 111 ? 8.096   1.724   0.565   1.00 10.67 ? 111  VAL A CG1 1 
ATOM   863  C  CG2 . VAL A 1 111 ? 8.887   1.099   2.848   1.00 10.82 ? 111  VAL A CG2 1 
ATOM   864  N  N   . ASP A 1 112 ? 11.454  1.526   -0.861  1.00 11.20 ? 112  ASP A N   1 
ATOM   865  C  CA  . ASP A 1 112 ? 11.828  1.943   -2.214  1.00 12.01 ? 112  ASP A CA  1 
ATOM   866  C  C   . ASP A 1 112 ? 12.296  0.765   -3.084  1.00 12.00 ? 112  ASP A C   1 
ATOM   867  O  O   . ASP A 1 112 ? 12.217  0.792   -4.305  1.00 10.93 ? 112  ASP A O   1 
ATOM   868  C  CB  . ASP A 1 112 ? 12.942  2.984   -2.101  1.00 14.37 ? 112  ASP A CB  1 
ATOM   869  C  CG  . ASP A 1 112 ? 12.340  4.328   -1.718  1.00 17.20 ? 112  ASP A CG  1 
ATOM   870  O  OD1 . ASP A 1 112 ? 11.111  4.424   -1.712  1.00 18.43 ? 112  ASP A OD1 1 
ATOM   871  O  OD2 . ASP A 1 112 ? 13.093  5.254   -1.431  1.00 21.17 ? 112  ASP A OD2 1 
ATOM   872  N  N   . LYS A 1 113 ? 12.816  -0.287  -2.462  1.00 12.34 ? 113  LYS A N   1 
ATOM   873  C  CA  . LYS A 1 113 ? 13.280  -1.435  -3.229  1.00 13.53 ? 113  LYS A CA  1 
ATOM   874  C  C   . LYS A 1 113 ? 12.100  -2.035  -3.980  1.00 12.86 ? 113  LYS A C   1 
ATOM   875  O  O   . LYS A 1 113 ? 12.259  -2.602  -5.058  1.00 14.51 ? 113  LYS A O   1 
ATOM   876  C  CB  . LYS A 1 113 ? 13.902  -2.485  -2.306  1.00 15.01 ? 113  LYS A CB  1 
ATOM   877  C  CG  . LYS A 1 113 ? 15.190  -2.025  -1.642  1.00 17.89 ? 113  LYS A CG  1 
ATOM   878  C  CD  . LYS A 1 113 ? 15.812  -3.124  -0.799  1.00 20.95 ? 113  LYS A CD  1 
ATOM   879  C  CE  . LYS A 1 113 ? 17.099  -2.645  -0.149  1.00 22.47 ? 113  LYS A CE  1 
ATOM   880  N  NZ  . LYS A 1 113 ? 17.728  -3.700  0.693   1.00 25.22 ? 113  LYS A NZ  1 
ATOM   881  N  N   . VAL A 1 114 ? 10.910  -1.895  -3.408  1.00 11.46 ? 114  VAL A N   1 
ATOM   882  C  CA  . VAL A 1 114 ? 9.707   -2.423  -4.027  1.00 10.81 ? 114  VAL A CA  1 
ATOM   883  C  C   . VAL A 1 114 ? 8.973   -1.397  -4.882  1.00 9.42  ? 114  VAL A C   1 
ATOM   884  O  O   . VAL A 1 114 ? 8.601   -1.679  -6.020  1.00 9.57  ? 114  VAL A O   1 
ATOM   885  C  CB  . VAL A 1 114 ? 8.711   -2.941  -2.960  1.00 11.14 ? 114  VAL A CB  1 
ATOM   886  C  CG1 . VAL A 1 114 ? 7.425   -3.412  -3.629  1.00 11.89 ? 114  VAL A CG1 1 
ATOM   887  C  CG2 . VAL A 1 114 ? 9.338   -4.072  -2.165  1.00 13.90 ? 114  VAL A CG2 1 
ATOM   888  N  N   . THR A 1 115 ? 8.794   -0.199  -4.337  1.00 9.03  ? 115  THR A N   1 
ATOM   889  C  CA  . THR A 1 115 ? 8.019   0.835   -5.010  1.00 8.89  ? 115  THR A CA  1 
ATOM   890  C  C   . THR A 1 115 ? 8.736   2.032   -5.624  1.00 9.05  ? 115  THR A C   1 
ATOM   891  O  O   . THR A 1 115 ? 8.089   2.867   -6.253  1.00 9.25  ? 115  THR A O   1 
ATOM   892  C  CB  . THR A 1 115 ? 6.960   1.383   -4.039  1.00 9.72  ? 115  THR A CB  1 
ATOM   893  O  OG1 . THR A 1 115 ? 7.619   2.011   -2.934  1.00 10.76 ? 115  THR A OG1 1 
ATOM   894  C  CG2 . THR A 1 115 ? 6.090   0.251   -3.506  1.00 10.11 ? 115  THR A CG2 1 
ATOM   895  N  N   . GLY A 1 116 ? 10.052  2.110   -5.453  1.00 9.85  ? 116  GLY A N   1 
ATOM   896  C  CA  . GLY A 1 116 ? 10.816  3.241   -5.961  1.00 10.41 ? 116  GLY A CA  1 
ATOM   897  C  C   . GLY A 1 116 ? 10.710  3.605   -7.431  1.00 10.12 ? 116  GLY A C   1 
ATOM   898  O  O   . GLY A 1 116 ? 10.894  4.771   -7.795  1.00 11.47 ? 116  GLY A O   1 
ATOM   899  N  N   . ASN A 1 117 ? 10.419  2.628   -8.280  1.00 8.79  ? 117  ASN A N   1 
ATOM   900  C  CA  . ASN A 1 117 ? 10.311  2.875   -9.710  1.00 9.59  ? 117  ASN A CA  1 
ATOM   901  C  C   . ASN A 1 117 ? 8.875   2.962   -10.210 1.00 9.62  ? 117  ASN A C   1 
ATOM   902  O  O   . ASN A 1 117 ? 8.641   3.051   -11.417 1.00 10.86 ? 117  ASN A O   1 
ATOM   903  C  CB  . ASN A 1 117 ? 11.070  1.793   -10.481 1.00 9.61  ? 117  ASN A CB  1 
ATOM   904  C  CG  . ASN A 1 117 ? 12.577  1.975   -10.418 1.00 10.37 ? 117  ASN A CG  1 
ATOM   905  O  OD1 . ASN A 1 117 ? 13.332  1.003   -10.455 1.00 14.82 ? 117  ASN A OD1 1 
ATOM   906  N  ND2 . ASN A 1 117 ? 13.020  3.222   -10.340 1.00 10.74 ? 117  ASN A ND2 1 
ATOM   907  N  N   . LEU A 1 118 ? 7.912   2.932   -9.294  1.00 8.93  ? 118  LEU A N   1 
ATOM   908  C  CA  . LEU A 1 118 ? 6.512   3.036   -9.689  1.00 8.31  ? 118  LEU A CA  1 
ATOM   909  C  C   . LEU A 1 118 ? 6.189   4.500   -9.968  1.00 8.27  ? 118  LEU A C   1 
ATOM   910  O  O   . LEU A 1 118 ? 6.792   5.400   -9.385  1.00 9.82  ? 118  LEU A O   1 
ATOM   911  C  CB  . LEU A 1 118 ? 5.601   2.496   -8.585  1.00 8.23  ? 118  LEU A CB  1 
ATOM   912  C  CG  . LEU A 1 118 ? 5.758   0.997   -8.304  1.00 7.99  ? 118  LEU A CG  1 
ATOM   913  C  CD1 . LEU A 1 118 ? 4.895   0.600   -7.120  1.00 8.01  ? 118  LEU A CD1 1 
ATOM   914  C  CD2 . LEU A 1 118 ? 5.373   0.196   -9.542  1.00 10.06 ? 118  LEU A CD2 1 
ATOM   915  N  N   . LYS A 1 119 ? 5.236   4.732   -10.861 1.00 8.91  ? 119  LYS A N   1 
ATOM   916  C  CA  . LYS A 1 119 ? 4.965   6.138   -11.149 1.00 9.89  ? 119  LYS A CA  1 
ATOM   917  C  C   . LYS A 1 119 ? 3.867   6.706   -10.243 1.00 7.95  ? 119  LYS A C   1 
ATOM   918  O  O   . LYS A 1 119 ? 3.033   5.988   -9.708  1.00 8.94  ? 119  LYS A O   1 
ATOM   919  C  CB  . LYS A 1 119 ? 4.542   6.251   -12.614 1.00 13.63 ? 119  LYS A CB  1 
ATOM   920  C  CG  . LYS A 1 119 ? 5.614   5.726   -13.571 1.00 16.33 ? 119  LYS A CG  1 
ATOM   921  C  CD  . LYS A 1 119 ? 5.074   5.512   -14.987 1.00 18.13 ? 119  LYS A CD  1 
ATOM   922  C  CE  . LYS A 1 119 ? 6.145   4.990   -15.950 1.00 16.08 ? 119  LYS A CE  1 
ATOM   923  N  NZ  . LYS A 1 119 ? 6.246   3.536   -15.834 1.00 13.43 ? 119  LYS A NZ  1 
ATOM   924  N  N   . LEU A 1 120 ? 4.006   8.008   -10.020 1.00 8.03  ? 120  LEU A N   1 
ATOM   925  C  CA  . LEU A 1 120 ? 3.125   8.729   -9.112  1.00 7.71  ? 120  LEU A CA  1 
ATOM   926  C  C   . LEU A 1 120 ? 1.732   8.839   -9.706  1.00 7.92  ? 120  LEU A C   1 
ATOM   927  O  O   . LEU A 1 120 ? 1.575   9.032   -10.911 1.00 8.81  ? 120  LEU A O   1 
ATOM   928  C  CB  . LEU A 1 120 ? 3.661   10.140  -8.857  1.00 8.35  ? 120  LEU A CB  1 
ATOM   929  C  CG  . LEU A 1 120 ? 4.928   10.271  -8.014  1.00 8.90  ? 120  LEU A CG  1 
ATOM   930  C  CD1 . LEU A 1 120 ? 5.427   11.712  -8.056  1.00 11.04 ? 120  LEU A CD1 1 
ATOM   931  C  CD2 . LEU A 1 120 ? 4.635   9.844   -6.583  1.00 10.20 ? 120  LEU A CD2 1 
ATOM   932  N  N   . LEU A 1 121 ? 0.716   8.706   -8.859  1.00 8.03  ? 121  LEU A N   1 
ATOM   933  C  CA  . LEU A 1 121 ? -0.658  8.842   -9.318  1.00 9.27  ? 121  LEU A CA  1 
ATOM   934  C  C   . LEU A 1 121 ? -0.875  10.318  -9.647  1.00 9.13  ? 121  LEU A C   1 
ATOM   935  O  O   . LEU A 1 121 ? -0.404  11.163  -8.856  1.00 9.49  ? 121  LEU A O   1 
ATOM   936  C  CB  . LEU A 1 121 ? -1.636  8.419   -8.219  1.00 9.34  ? 121  LEU A CB  1 
ATOM   937  C  CG  . LEU A 1 121 ? -3.123  8.571   -8.551  1.00 11.33 ? 121  LEU A CG  1 
ATOM   938  C  CD1 . LEU A 1 121 ? -3.491  7.612   -9.673  1.00 12.74 ? 121  LEU A CD1 1 
ATOM   939  C  CD2 . LEU A 1 121 ? -3.966  8.292   -7.317  1.00 12.81 ? 121  LEU A CD2 1 
ATOM   940  O  OXT . LEU A 1 121 ? -1.513  10.614  -10.679 1.00 10.39 ? 121  LEU A OXT 1 
HETATM 941  NA NA  . NA  B 2 .   ? -20.748 -0.029  -2.779  1.00 14.99 ? 1001 NA  A NA  1 
HETATM 942  O  O   . HOH C 3 .   ? -15.482 1.285   1.994   1.00 9.54  ? 1002 HOH A O   1 
HETATM 943  O  O   . HOH C 3 .   ? 1.907   11.220  -12.654 1.00 9.61  ? 1003 HOH A O   1 
HETATM 944  O  O   . HOH C 3 .   ? -16.024 7.145   -1.126  1.00 9.63  ? 1004 HOH A O   1 
HETATM 945  O  O   . HOH C 3 .   ? 9.433   -0.069  -8.199  1.00 10.98 ? 1005 HOH A O   1 
HETATM 946  O  O   . HOH C 3 .   ? -16.243 3.993   -8.822  1.00 10.45 ? 1006 HOH A O   1 
HETATM 947  O  O   . HOH C 3 .   ? 1.879   12.173  -0.462  1.00 10.57 ? 1007 HOH A O   1 
HETATM 948  O  O   . HOH C 3 .   ? 3.872   2.511   -12.041 1.00 10.49 ? 1008 HOH A O   1 
HETATM 949  O  O   . HOH C 3 .   ? 6.784   9.291   8.443   1.00 12.49 ? 1009 HOH A O   1 
HETATM 950  O  O   . HOH C 3 .   ? -16.305 3.240   -11.471 1.00 13.38 ? 1010 HOH A O   1 
HETATM 951  O  O   . HOH C 3 .   ? 2.251   -7.796  6.250   1.00 13.50 ? 1011 HOH A O   1 
HETATM 952  O  O   . HOH C 3 .   ? 2.840   12.212  12.753  1.00 12.92 ? 1012 HOH A O   1 
HETATM 953  O  O   . HOH C 3 .   ? -5.385  -6.678  -14.846 1.00 13.37 ? 1013 HOH A O   1 
HETATM 954  O  O   . HOH C 3 .   ? -15.018 2.128   -1.003  1.00 14.98 ? 1014 HOH A O   1 
HETATM 955  O  O   . HOH C 3 .   ? -7.120  -7.689  2.351   1.00 14.45 ? 1015 HOH A O   1 
HETATM 956  O  O   . HOH C 3 .   ? -14.690 -7.976  -3.358  1.00 15.16 ? 1016 HOH A O   1 
HETATM 957  O  O   . HOH C 3 .   ? -14.387 -6.258  2.070   1.00 14.75 ? 1017 HOH A O   1 
HETATM 958  O  O   . HOH C 3 .   ? -12.931 -5.604  -4.502  1.00 15.61 ? 1018 HOH A O   1 
HETATM 959  O  O   . HOH C 3 .   ? -15.332 -5.850  -5.774  1.00 13.53 ? 1019 HOH A O   1 
HETATM 960  O  O   . HOH C 3 .   ? -20.396 0.211   -5.075  1.00 15.52 ? 1020 HOH A O   1 
HETATM 961  O  O   . HOH C 3 .   ? -8.710  9.499   -5.685  1.00 14.19 ? 1021 HOH A O   1 
HETATM 962  O  O   . HOH C 3 .   ? 6.360   14.148  16.558  1.00 17.15 ? 1022 HOH A O   1 
HETATM 963  O  O   . HOH C 3 .   ? 9.600   -3.657  -7.661  1.00 16.90 ? 1023 HOH A O   1 
HETATM 964  O  O   . HOH C 3 .   ? 6.816   2.172   -13.330 1.00 14.82 ? 1024 HOH A O   1 
HETATM 965  O  O   . HOH C 3 .   ? -9.405  5.491   -11.833 1.00 14.44 ? 1025 HOH A O   1 
HETATM 966  O  O   . HOH C 3 .   ? 0.196   12.879  11.487  1.00 17.43 ? 1026 HOH A O   1 
HETATM 967  O  O   . HOH C 3 .   ? -10.122 8.234   -9.923  1.00 15.35 ? 1027 HOH A O   1 
HETATM 968  O  O   . HOH C 3 .   ? -16.840 -0.063  -0.815  1.00 15.32 ? 1028 HOH A O   1 
HETATM 969  O  O   . HOH C 3 .   ? -17.514 8.077   -5.958  1.00 16.62 ? 1029 HOH A O   1 
HETATM 970  O  O   . HOH C 3 .   ? -9.544  -6.331  2.392   1.00 16.20 ? 1030 HOH A O   1 
HETATM 971  O  O   . HOH C 3 .   ? -15.948 -1.552  2.544   1.00 16.03 ? 1031 HOH A O   1 
HETATM 972  O  O   . HOH C 3 .   ? -15.322 0.774   -12.150 1.00 19.69 ? 1032 HOH A O   1 
HETATM 973  O  O   . HOH C 3 .   ? -0.445  11.029  -14.147 1.00 18.25 ? 1033 HOH A O   1 
HETATM 974  O  O   . HOH C 3 .   ? 8.676   4.560   -3.462  1.00 19.37 ? 1034 HOH A O   1 
HETATM 975  O  O   . HOH C 3 .   ? -8.964  -7.057  -12.188 1.00 19.06 ? 1035 HOH A O   1 
HETATM 976  O  O   . HOH C 3 .   ? 10.050  9.236   9.241   1.00 19.79 ? 1036 HOH A O   1 
HETATM 977  O  O   . HOH C 3 .   ? -4.213  -5.388  9.470   1.00 16.26 ? 1037 HOH A O   1 
HETATM 978  O  O   . HOH C 3 .   ? 1.663   -0.171  -14.564 1.00 16.22 ? 1038 HOH A O   1 
HETATM 979  O  O   . HOH C 3 .   ? -15.519 4.829   -15.408 1.00 21.98 ? 1039 HOH A O   1 
HETATM 980  O  O   . HOH C 3 .   ? 5.837   -9.411  4.674   1.00 18.95 ? 1040 HOH A O   1 
HETATM 981  O  O   . HOH C 3 .   ? -4.874  -7.136  3.832   1.00 18.40 ? 1041 HOH A O   1 
HETATM 982  O  O   . HOH C 3 .   ? 11.909  6.871   -6.152  1.00 17.59 ? 1042 HOH A O   1 
HETATM 983  O  O   . HOH C 3 .   ? 9.031   16.168  14.224  1.00 20.28 ? 1043 HOH A O   1 
HETATM 984  O  O   . HOH C 3 .   ? 3.881   6.877   17.539  1.00 19.00 ? 1044 HOH A O   1 
HETATM 985  O  O   . HOH C 3 .   ? -21.422 -0.180  -0.443  1.00 20.95 ? 1045 HOH A O   1 
HETATM 986  O  O   . HOH C 3 .   ? -8.791  2.810   -11.368 1.00 17.93 ? 1046 HOH A O   1 
HETATM 987  O  O   . HOH C 3 .   ? -22.443 -1.726  -3.329  1.00 15.35 ? 1047 HOH A O   1 
HETATM 988  O  O   . HOH C 3 .   ? 10.898  -7.813  13.576  1.00 22.18 ? 1048 HOH A O   1 
HETATM 989  O  O   . HOH C 3 .   ? 10.662  -7.812  8.690   1.00 20.82 ? 1049 HOH A O   1 
HETATM 990  O  O   . HOH C 3 .   ? -18.542 -6.988  -6.900  1.00 17.95 ? 1050 HOH A O   1 
HETATM 991  O  O   . HOH C 3 .   ? -9.013  13.893  -6.138  1.00 19.71 ? 1051 HOH A O   1 
HETATM 992  O  O   . HOH C 3 .   ? 9.618   9.890   5.916   1.00 31.20 ? 1052 HOH A O   1 
HETATM 993  O  O   . HOH C 3 .   ? 5.174   0.291   -15.985 1.00 21.44 ? 1053 HOH A O   1 
HETATM 994  O  O   . HOH C 3 .   ? 6.263   -5.998  16.644  1.00 20.83 ? 1054 HOH A O   1 
HETATM 995  O  O   . HOH C 3 .   ? -14.563 -11.703 -2.544  1.00 22.74 ? 1055 HOH A O   1 
HETATM 996  O  O   . HOH C 3 .   ? -18.633 1.198   -2.404  1.00 14.94 ? 1056 HOH A O   1 
HETATM 997  O  O   . HOH C 3 .   ? -21.340 -5.871  -1.247  1.00 25.46 ? 1057 HOH A O   1 
HETATM 998  O  O   . HOH C 3 .   ? 8.092   -13.706 -2.083  1.00 21.24 ? 1058 HOH A O   1 
HETATM 999  O  O   . HOH C 3 .   ? 10.120  3.469   17.149  1.00 25.31 ? 1059 HOH A O   1 
HETATM 1000 O  O   . HOH C 3 .   ? -0.426  9.436   17.823  1.00 22.56 ? 1060 HOH A O   1 
HETATM 1001 O  O   . HOH C 3 .   ? 0.520   4.385   -15.256 1.00 20.63 ? 1061 HOH A O   1 
HETATM 1002 O  O   . HOH C 3 .   ? 0.952   14.158  8.996   1.00 25.28 ? 1062 HOH A O   1 
HETATM 1003 O  O   . HOH C 3 .   ? -0.811  -10.749 9.575   1.00 19.27 ? 1063 HOH A O   1 
HETATM 1004 O  O   . HOH C 3 .   ? -1.109  -7.465  -17.038 1.00 29.90 ? 1064 HOH A O   1 
HETATM 1005 O  O   . HOH C 3 .   ? -4.550  0.948   -18.375 1.00 24.39 ? 1065 HOH A O   1 
HETATM 1006 O  O   . HOH C 3 .   ? -10.275 15.370  -10.062 1.00 27.33 ? 1066 HOH A O   1 
HETATM 1007 O  O   . HOH C 3 .   ? -11.980 -8.045  2.137   1.00 19.98 ? 1067 HOH A O   1 
HETATM 1008 O  O   . HOH C 3 .   ? -9.427  -11.851 -4.171  1.00 23.70 ? 1068 HOH A O   1 
HETATM 1009 O  O   . HOH C 3 .   ? 16.288  -5.123  2.466   1.00 33.34 ? 1069 HOH A O   1 
HETATM 1010 O  O   . HOH C 3 .   ? 12.469  -6.898  6.988   1.00 31.01 ? 1070 HOH A O   1 
HETATM 1011 O  O   . HOH C 3 .   ? -16.652 -3.522  -13.873 1.00 26.70 ? 1071 HOH A O   1 
HETATM 1012 O  O   . HOH C 3 .   ? 1.608   -12.334 15.460  1.00 38.90 ? 1072 HOH A O   1 
HETATM 1013 O  O   . HOH C 3 .   ? -18.056 7.482   -3.242  1.00 13.53 ? 1073 HOH A O   1 
HETATM 1014 O  O   . HOH C 3 .   ? 4.963   0.176   -13.205 1.00 13.39 ? 1074 HOH A O   1 
HETATM 1015 O  O   . HOH C 3 .   ? -6.775  -12.855 -4.568  1.00 17.07 ? 1075 HOH A O   1 
HETATM 1016 O  O   . HOH C 3 .   ? -19.153 3.591   -0.564  1.00 18.09 ? 1076 HOH A O   1 
HETATM 1017 O  O   . HOH C 3 .   ? -0.804  11.459  19.582  1.00 17.11 ? 1077 HOH A O   1 
HETATM 1018 O  O   . HOH C 3 .   ? -13.117 6.430   -15.593 1.00 23.09 ? 1078 HOH A O   1 
HETATM 1019 O  O   . HOH C 3 .   ? -7.603  -8.269  -14.279 1.00 22.03 ? 1079 HOH A O   1 
HETATM 1020 O  O   . HOH C 3 .   ? -11.520 -7.699  -12.104 1.00 20.01 ? 1080 HOH A O   1 
HETATM 1021 O  O   . HOH C 3 .   ? 6.882   13.307  19.182  1.00 23.51 ? 1081 HOH A O   1 
HETATM 1022 O  O   . HOH C 3 .   ? -18.991 -0.226  1.154   1.00 27.68 ? 1082 HOH A O   1 
HETATM 1023 O  O   . HOH C 3 .   ? -2.905  -7.406  5.820   1.00 23.09 ? 1083 HOH A O   1 
HETATM 1024 O  O   . HOH C 3 .   ? 9.968   -2.858  14.393  1.00 23.64 ? 1084 HOH A O   1 
HETATM 1025 O  O   . HOH C 3 .   ? -18.644 -2.211  2.929   1.00 24.37 ? 1085 HOH A O   1 
HETATM 1026 O  O   . HOH C 3 .   ? 8.957   18.405  12.721  1.00 23.12 ? 1086 HOH A O   1 
HETATM 1027 O  O   . HOH C 3 .   ? 9.611   12.874  19.973  1.00 25.97 ? 1087 HOH A O   1 
HETATM 1028 O  O   . HOH C 3 .   ? -13.289 -1.395  -14.313 1.00 24.64 ? 1088 HOH A O   1 
HETATM 1029 O  O   . HOH C 3 .   ? -9.130  3.543   -15.332 1.00 26.99 ? 1089 HOH A O   1 
HETATM 1030 O  O   . HOH C 3 .   ? -24.999 -0.938  -3.467  1.00 22.48 ? 1090 HOH A O   1 
HETATM 1031 O  O   . HOH C 3 .   ? -5.553  -4.579  -16.597 1.00 28.00 ? 1091 HOH A O   1 
HETATM 1032 O  O   . HOH C 3 .   ? 6.929   -7.360  8.478   1.00 23.49 ? 1092 HOH A O   1 
HETATM 1033 O  O   . HOH C 3 .   ? 1.100   -14.231 17.236  1.00 31.67 ? 1093 HOH A O   1 
HETATM 1034 O  O   . HOH C 3 .   ? -12.133 -5.801  -13.943 1.00 35.64 ? 1094 HOH A O   1 
HETATM 1035 O  O   . HOH C 3 .   ? 16.258  0.643   -10.050 1.00 31.62 ? 1095 HOH A O   1 
HETATM 1036 O  O   . HOH C 3 .   ? -5.940  -9.969  -16.543 1.00 34.18 ? 1096 HOH A O   1 
HETATM 1037 O  O   . HOH C 3 .   ? -4.393  -1.677  -18.286 1.00 25.23 ? 1097 HOH A O   1 
HETATM 1038 O  O   . HOH C 3 .   ? 16.709  1.600   -1.539  1.00 30.07 ? 1098 HOH A O   1 
HETATM 1039 O  O   . HOH C 3 .   ? 2.569   -7.776  -14.173 1.00 26.35 ? 1099 HOH A O   1 
HETATM 1040 O  O   . HOH C 3 .   ? 16.830  6.249   1.345   1.00 34.07 ? 1100 HOH A O   1 
HETATM 1041 O  O   . HOH C 3 .   ? -18.099 -4.841  2.607   1.00 29.34 ? 1101 HOH A O   1 
HETATM 1042 O  O   . HOH C 3 .   ? -8.770  -3.133  -16.214 1.00 33.14 ? 1102 HOH A O   1 
HETATM 1043 O  O   . HOH C 3 .   ? 1.097   -6.186  -15.928 1.00 30.34 ? 1103 HOH A O   1 
HETATM 1044 O  O   . HOH C 3 .   ? -21.088 -7.672  -7.350  1.00 36.00 ? 1104 HOH A O   1 
HETATM 1045 O  O   . HOH C 3 .   ? -21.785 -6.373  -9.638  1.00 35.14 ? 1105 HOH A O   1 
HETATM 1046 O  O   . HOH C 3 .   ? 9.453   -3.992  16.784  1.00 34.63 ? 1106 HOH A O   1 
HETATM 1047 O  O   . HOH C 3 .   ? -22.948 -3.659  -1.460  1.00 31.22 ? 1107 HOH A O   1 
HETATM 1048 O  O   . HOH C 3 .   ? 12.625  -3.216  14.066  1.00 30.22 ? 1108 HOH A O   1 
HETATM 1049 O  O   . HOH C 3 .   ? -11.422 16.298  -12.983 1.00 32.23 ? 1109 HOH A O   1 
HETATM 1050 O  O   . HOH C 3 .   ? 9.306   -6.475  15.439  1.00 31.93 ? 1110 HOH A O   1 
HETATM 1051 O  O   . HOH C 3 .   ? 16.036  0.589   -3.928  1.00 34.82 ? 1111 HOH A O   1 
HETATM 1052 O  O   . HOH C 3 .   ? -15.311 -12.068 -9.687  1.00 32.56 ? 1112 HOH A O   1 
HETATM 1053 O  O   . HOH C 3 .   ? 15.797  4.936   -0.991  1.00 33.47 ? 1113 HOH A O   1 
HETATM 1054 O  O   . HOH C 3 .   ? 9.754   11.824  8.704   1.00 36.38 ? 1114 HOH A O   1 
HETATM 1055 O  O   . HOH C 3 .   ? -15.617 3.930   -17.942 1.00 32.52 ? 1115 HOH A O   1 
HETATM 1056 O  O   . HOH C 3 .   ? 11.753  14.204  15.380  1.00 36.23 ? 1116 HOH A O   1 
HETATM 1057 O  O   . HOH C 3 .   ? -11.781 -11.835 -8.524  1.00 40.06 ? 1117 HOH A O   1 
HETATM 1058 O  O   . HOH C 3 .   ? -17.872 -7.286  -4.208  1.00 29.82 ? 1118 HOH A O   1 
HETATM 1059 O  O   . HOH C 3 .   ? -12.828 18.745  -12.623 1.00 33.79 ? 1119 HOH A O   1 
HETATM 1060 O  O   . HOH C 3 .   ? 7.160   -8.839  16.262  1.00 37.25 ? 1120 HOH A O   1 
HETATM 1061 O  O   . HOH C 3 .   ? 10.941  13.700  11.399  1.00 42.92 ? 1121 HOH A O   1 
HETATM 1062 O  O   . HOH C 3 .   ? -11.441 -2.113  -16.113 1.00 36.60 ? 1122 HOH A O   1 
HETATM 1063 O  O   . HOH C 3 .   ? 10.816  8.199   20.834  1.00 33.80 ? 1123 HOH A O   1 
HETATM 1064 O  O   . HOH C 3 .   ? -1.136  -13.808 18.979  1.00 39.42 ? 1124 HOH A O   1 
HETATM 1065 O  O   . HOH C 3 .   ? 8.252   9.331   21.771  1.00 33.79 ? 1125 HOH A O   1 
HETATM 1066 O  O   . HOH C 3 .   ? 13.941  5.823   -4.225  1.00 39.41 ? 1126 HOH A O   1 
HETATM 1067 O  O   . HOH C 3 .   ? -13.807 -3.828  -13.489 1.00 34.31 ? 1127 HOH A O   1 
HETATM 1068 O  O   . HOH C 3 .   ? 8.809   13.762  17.352  1.00 25.19 ? 1128 HOH A O   1 
HETATM 1069 O  O   . HOH C 3 .   ? 12.060  -3.816  -7.168  1.00 15.89 ? 1129 HOH A O   1 
HETATM 1070 O  O   . HOH C 3 .   ? -11.426 10.193  -11.346 1.00 21.31 ? 1130 HOH A O   1 
HETATM 1071 O  O   . HOH C 3 .   ? 0.546   -3.099  -17.160 1.00 30.62 ? 1131 HOH A O   1 
HETATM 1072 O  O   . HOH C 3 .   ? -3.934  8.018   -13.809 1.00 30.95 ? 1132 HOH A O   1 
HETATM 1073 O  O   . HOH C 3 .   ? 15.599  7.996   3.235   1.00 29.51 ? 1133 HOH A O   1 
HETATM 1074 O  O   . HOH C 3 .   ? -19.477 -4.854  -11.335 1.00 38.55 ? 1134 HOH A O   1 
HETATM 1075 O  O   . HOH C 3 .   ? -3.246  -7.491  13.231  1.00 26.48 ? 1135 HOH A O   1 
HETATM 1076 O  O   . HOH C 3 .   ? 15.222  -1.278  11.159  1.00 38.39 ? 1136 HOH A O   1 
HETATM 1077 O  O   . HOH C 3 .   ? -18.804 -9.063  2.311   1.00 35.95 ? 1137 HOH A O   1 
HETATM 1078 O  O   . HOH C 3 .   ? 12.911  -8.964  14.982  1.00 29.26 ? 1138 HOH A O   1 
HETATM 1079 O  O   . HOH C 3 .   ? 0.244   3.338   19.877  1.00 40.86 ? 1139 HOH A O   1 
HETATM 1080 O  O   . HOH C 3 .   ? -19.934 -2.363  5.218   1.00 36.11 ? 1140 HOH A O   1 
HETATM 1081 O  O   . HOH C 3 .   ? -2.990  -9.066  15.476  1.00 36.34 ? 1141 HOH A O   1 
HETATM 1082 O  O   . HOH C 3 .   ? 13.657  14.216  10.645  1.00 41.06 ? 1142 HOH A O   1 
HETATM 1083 O  O   . HOH C 3 .   ? -9.522  -5.499  -14.662 1.00 29.22 ? 1143 HOH A O   1 
HETATM 1084 O  O   . HOH C 3 .   ? 16.531  -1.324  8.331   1.00 31.99 ? 1144 HOH A O   1 
HETATM 1085 O  O   . HOH C 3 .   ? -6.868  -8.000  -18.158 1.00 41.66 ? 1145 HOH A O   1 
HETATM 1086 O  O   . HOH C 3 .   ? -2.149  -5.268  -18.311 1.00 34.99 ? 1146 HOH A O   1 
HETATM 1087 O  O   . HOH C 3 .   ? 7.848   7.141   -2.110  1.00 17.98 ? 1147 HOH A O   1 
HETATM 1088 O  O   . HOH C 3 .   ? -20.076 -9.916  0.094   1.00 29.13 ? 1148 HOH A O   1 
HETATM 1089 O  O   . HOH C 3 .   ? 19.141  -1.073  9.680   1.00 38.95 ? 1149 HOH A O   1 
HETATM 1090 O  O   . HOH C 3 .   ? -17.847 -5.862  -13.114 1.00 35.68 ? 1150 HOH A O   1 
HETATM 1091 O  O   . HOH C 3 .   ? -20.535 -6.126  1.790   1.00 41.09 ? 1151 HOH A O   1 
HETATM 1092 O  O   . HOH C 3 .   ? -9.122  -8.318  -16.540 1.00 41.40 ? 1152 HOH A O   1 
HETATM 1093 O  O   . HOH C 3 .   ? 11.270  17.606  11.493  1.00 40.59 ? 1153 HOH A O   1 
HETATM 1094 O  O   . HOH C 3 .   ? 16.833  10.350  2.881   1.00 31.58 ? 1154 HOH A O   1 
HETATM 1095 O  O   . HOH C 3 .   ? 19.153  10.209  1.378   1.00 36.02 ? 1155 HOH A O   1 
HETATM 1096 O  O   . HOH C 3 .   ? 12.830  7.072   15.197  1.00 34.48 ? 1156 HOH A O   1 
HETATM 1097 O  O   . HOH C 3 .   ? 14.697  5.182   13.668  1.00 33.49 ? 1157 HOH A O   1 
HETATM 1098 O  O   . HOH C 3 .   ? -6.901  7.698   -12.095 1.00 39.25 ? 1158 HOH A O   1 
HETATM 1099 O  O   . HOH C 3 .   ? -4.062  -7.630  8.114   1.00 35.30 ? 1159 HOH A O   1 
HETATM 1100 O  O   . HOH C 3 .   ? -2.494  -2.991  21.699  0.50 25.98 ? 1160 HOH A O   1 
HETATM 1101 O  O   . HOH C 3 .   ? 16.101  6.836   5.577   1.00 33.34 ? 1161 HOH A O   1 
HETATM 1102 O  O   . HOH C 3 .   ? 15.789  4.178   5.196   1.00 25.03 ? 1162 HOH A O   1 
HETATM 1103 O  O   . HOH C 3 .   ? 11.684  -9.070  -2.733  1.00 18.99 ? 1163 HOH A O   1 
HETATM 1104 O  O   . HOH C 3 .   ? 9.092   2.610   19.600  1.00 39.86 ? 1164 HOH A O   1 
HETATM 1105 O  O   . HOH C 3 .   ? 8.160   0.064   19.762  1.00 34.51 ? 1165 HOH A O   1 
HETATM 1106 O  O   . HOH C 3 .   ? -20.160 -9.037  -3.803  1.00 34.92 ? 1166 HOH A O   1 
HETATM 1107 O  O   . HOH C 3 .   ? -25.338 -4.130  -2.979  1.00 34.19 ? 1167 HOH A O   1 
HETATM 1108 O  O   . HOH C 3 .   ? 13.372  -5.320  11.810  1.00 30.66 ? 1168 HOH A O   1 
HETATM 1109 O  O   . HOH C 3 .   ? -11.184 6.565   -13.401 1.00 35.46 ? 1169 HOH A O   1 
HETATM 1110 O  O   . HOH C 3 .   ? 10.758  9.955   16.363  1.00 30.20 ? 1170 HOH A O   1 
HETATM 1111 O  O   . HOH C 3 .   ? -19.010 -8.008  -12.036 1.00 30.66 ? 1171 HOH A O   1 
HETATM 1112 O  O   . HOH C 3 .   ? 13.600  13.971  17.348  1.00 37.17 ? 1172 HOH A O   1 
HETATM 1113 O  O   . HOH C 3 .   ? 15.534  11.701  10.223  1.00 37.98 ? 1173 HOH A O   1 
HETATM 1114 O  O   . HOH C 3 .   ? -22.153 1.822   -2.882  1.00 22.86 ? 1174 HOH A O   1 
HETATM 1115 O  O   . HOH C 3 .   ? 5.265   8.605   20.194  1.00 33.13 ? 1175 HOH A O   1 
HETATM 1116 O  O   . HOH C 3 .   ? -11.611 0.227   -19.166 1.00 33.54 ? 1176 HOH A O   1 
HETATM 1117 O  O   . HOH C 3 .   ? 12.933  -7.105  -4.433  1.00 26.16 ? 1177 HOH A O   1 
HETATM 1118 O  O   . HOH C 3 .   ? 1.038   5.627   18.700  1.00 33.03 ? 1178 HOH A O   1 
HETATM 1119 O  O   . HOH C 3 .   ? 1.881   -13.291 9.974   1.00 32.59 ? 1179 HOH A O   1 
HETATM 1120 O  O   . HOH C 3 .   ? 4.070   -12.765 11.677  1.00 29.62 ? 1180 HOH A O   1 
HETATM 1121 O  O   . HOH C 3 .   ? 6.197   -0.075  21.916  1.00 34.33 ? 1181 HOH A O   1 
HETATM 1122 O  O   . HOH C 3 .   ? 9.837   -10.104 14.321  1.00 35.12 ? 1182 HOH A O   1 
HETATM 1123 O  O   . HOH C 3 .   ? -9.196  12.843  -9.378  0.50 19.79 ? 1183 HOH A O   1 
HETATM 1124 O  O   . HOH C 3 .   ? -12.797 7.299   -18.184 1.00 22.39 ? 1184 HOH A O   1 
HETATM 1125 O  O   . HOH C 3 .   ? -2.389  9.448   -12.647 1.00 23.03 ? 1185 HOH A O   1 
HETATM 1126 O  O   . HOH C 3 .   ? -3.697  12.016  -14.028 1.00 9.42  ? 1186 HOH A O   1 
HETATM 1127 O  O   . HOH C 3 .   ? 0.659   10.870  -6.245  1.00 10.86 ? 1187 HOH A O   1 
HETATM 1128 O  O   . HOH C 3 .   ? -1.752  13.365  -8.181  1.00 9.30  ? 1188 HOH A O   1 
# 
loop_
_pdbx_poly_seq_scheme.asym_id 
_pdbx_poly_seq_scheme.entity_id 
_pdbx_poly_seq_scheme.seq_id 
_pdbx_poly_seq_scheme.mon_id 
_pdbx_poly_seq_scheme.ndb_seq_num 
_pdbx_poly_seq_scheme.pdb_seq_num 
_pdbx_poly_seq_scheme.auth_seq_num 
_pdbx_poly_seq_scheme.pdb_mon_id 
_pdbx_poly_seq_scheme.auth_mon_id 
_pdbx_poly_seq_scheme.pdb_strand_id 
_pdbx_poly_seq_scheme.pdb_ins_code 
_pdbx_poly_seq_scheme.hetero 
A 1 1   MET 1   1   ?   ?   ?   A . n 
A 1 2   ILE 2   2   ?   ?   ?   A . n 
A 1 3   LYS 3   3   ?   ?   ?   A . n 
A 1 4   MET 4   4   4   MET MET A . n 
A 1 5   PHE 5   5   5   PHE PHE A . n 
A 1 6   LYS 6   6   6   LYS LYS A . n 
A 1 7   TYR 7   7   7   TYR TYR A . n 
A 1 8   LYS 8   8   8   LYS LYS A . n 
A 1 9   GLN 9   9   9   GLN GLN A . n 
A 1 10  VAL 10  10  10  VAL VAL A . n 
A 1 11  ILE 11  11  11  ILE ILE A . n 
A 1 12  VAL 12  12  12  VAL VAL A . n 
A 1 13  ALA 13  13  13  ALA ALA A . n 
A 1 14  ARG 14  14  14  ARG ARG A . n 
A 1 15  ALA 15  15  15  ALA ALA A . n 
A 1 16  ASP 16  16  16  ASP ASP A . n 
A 1 17  LEU 17  17  17  LEU LEU A . n 
A 1 18  LYS 18  18  18  LYS LYS A . n 
A 1 19  LEU 19  19  19  LEU LEU A . n 
A 1 20  SER 20  20  20  SER SER A . n 
A 1 21  LYS 21  21  21  LYS LYS A . n 
A 1 22  GLY 22  22  22  GLY GLY A . n 
A 1 23  LYS 23  23  23  LYS LYS A . n 
A 1 24  LEU 24  24  24  LEU LEU A . n 
A 1 25  ALA 25  25  25  ALA ALA A . n 
A 1 26  ALA 26  26  26  ALA ALA A . n 
A 1 27  GLN 27  27  27  GLN GLN A . n 
A 1 28  VAL 28  28  28  VAL VAL A . n 
A 1 29  ALA 29  29  29  ALA ALA A . n 
A 1 30  HIS 30  30  30  HIS HIS A . n 
A 1 31  GLY 31  31  31  GLY GLY A . n 
A 1 32  ALA 32  32  32  ALA ALA A . n 
A 1 33  VAL 33  33  33  VAL VAL A . n 
A 1 34  THR 34  34  34  THR THR A . n 
A 1 35  ALA 35  35  35  ALA ALA A . n 
A 1 36  ALA 36  36  36  ALA ALA A . n 
A 1 37  PHE 37  37  37  PHE PHE A . n 
A 1 38  GLU 38  38  38  GLU GLU A . n 
A 1 39  ALA 39  39  39  ALA ALA A . n 
A 1 40  TYR 40  40  40  TYR TYR A . n 
A 1 41  LYS 41  41  41  LYS LYS A . n 
A 1 42  LYS 42  42  42  LYS LYS A . n 
A 1 43  LYS 43  43  43  LYS LYS A . n 
A 1 44  ARG 44  44  44  ARG ARG A . n 
A 1 45  GLU 45  45  45  GLU GLU A . n 
A 1 46  TRP 46  46  46  TRP TRP A . n 
A 1 47  PHE 47  47  47  PHE PHE A . n 
A 1 48  GLU 48  48  48  GLU GLU A . n 
A 1 49  ALA 49  49  49  ALA ALA A . n 
A 1 50  TRP 50  50  50  TRP TRP A . n 
A 1 51  PHE 51  51  51  PHE PHE A . n 
A 1 52  ARG 52  52  52  ARG ARG A . n 
A 1 53  GLU 53  53  53  GLU GLU A . n 
A 1 54  GLY 54  54  54  GLY GLY A . n 
A 1 55  GLN 55  55  55  GLN GLN A . n 
A 1 56  LYS 56  56  56  LYS LYS A . n 
A 1 57  LYS 57  57  57  LYS LYS A . n 
A 1 58  VAL 58  58  58  VAL VAL A . n 
A 1 59  VAL 59  59  59  VAL VAL A . n 
A 1 60  VAL 60  60  60  VAL VAL A . n 
A 1 61  LYS 61  61  61  LYS LYS A . n 
A 1 62  VAL 62  62  62  VAL VAL A . n 
A 1 63  GLU 63  63  63  GLU GLU A . n 
A 1 64  SER 64  64  64  SER SER A . n 
A 1 65  GLU 65  65  65  GLU GLU A . n 
A 1 66  GLU 66  66  66  GLU GLU A . n 
A 1 67  GLU 67  67  67  GLU GLU A . n 
A 1 68  LEU 68  68  68  LEU LEU A . n 
A 1 69  PHE 69  69  69  PHE PHE A . n 
A 1 70  LYS 70  70  70  LYS LYS A . n 
A 1 71  LEU 71  71  71  LEU LEU A . n 
A 1 72  LYS 72  72  72  LYS LYS A . n 
A 1 73  ALA 73  73  73  ALA ALA A . n 
A 1 74  GLU 74  74  74  GLU GLU A . n 
A 1 75  ALA 75  75  75  ALA ALA A . n 
A 1 76  GLU 76  76  76  GLU GLU A . n 
A 1 77  LYS 77  77  77  LYS LYS A . n 
A 1 78  LEU 78  78  78  LEU LEU A . n 
A 1 79  GLY 79  79  79  GLY GLY A . n 
A 1 80  LEU 80  80  80  LEU LEU A . n 
A 1 81  PRO 81  81  81  PRO PRO A . n 
A 1 82  ASN 82  82  82  ASN ASN A . n 
A 1 83  ALA 83  83  83  ALA ALA A . n 
A 1 84  LEU 84  84  84  LEU LEU A . n 
A 1 85  ILE 85  85  85  ILE ILE A . n 
A 1 86  ARG 86  86  86  ARG ARG A . n 
A 1 87  ASP 87  87  87  ASP ASP A . n 
A 1 88  ALA 88  88  88  ALA ALA A . n 
A 1 89  GLY 89  89  89  GLY GLY A . n 
A 1 90  LEU 90  90  90  LEU LEU A . n 
A 1 91  THR 91  91  91  THR THR A . n 
A 1 92  GLU 92  92  92  GLU GLU A . n 
A 1 93  ILE 93  93  93  ILE ILE A . n 
A 1 94  PRO 94  94  94  PRO PRO A . n 
A 1 95  PRO 95  95  95  PRO PRO A . n 
A 1 96  GLY 96  96  96  GLY GLY A . n 
A 1 97  THR 97  97  97  THR THR A . n 
A 1 98  VAL 98  98  98  VAL VAL A . n 
A 1 99  THR 99  99  99  THR THR A . n 
A 1 100 VAL 100 100 100 VAL VAL A . n 
A 1 101 LEU 101 101 101 LEU LEU A . n 
A 1 102 ALA 102 102 102 ALA ALA A . n 
A 1 103 VAL 103 103 103 VAL VAL A . n 
A 1 104 GLY 104 104 104 GLY GLY A . n 
A 1 105 PRO 105 105 105 PRO PRO A . n 
A 1 106 ALA 106 106 106 ALA ALA A . n 
A 1 107 PRO 107 107 107 PRO PRO A . n 
A 1 108 GLU 108 108 108 GLU GLU A . n 
A 1 109 GLU 109 109 109 GLU GLU A . n 
A 1 110 ILE 110 110 110 ILE ILE A . n 
A 1 111 VAL 111 111 111 VAL VAL A . n 
A 1 112 ASP 112 112 112 ASP ASP A . n 
A 1 113 LYS 113 113 113 LYS LYS A . n 
A 1 114 VAL 114 114 114 VAL VAL A . n 
A 1 115 THR 115 115 115 THR THR A . n 
A 1 116 GLY 116 116 116 GLY GLY A . n 
A 1 117 ASN 117 117 117 ASN ASN A . n 
A 1 118 LEU 118 118 118 LEU LEU A . n 
A 1 119 LYS 119 119 119 LYS LYS A . n 
A 1 120 LEU 120 120 120 LEU LEU A . n 
A 1 121 LEU 121 121 121 LEU LEU A . n 
# 
_pdbx_SG_project.id                    1 
_pdbx_SG_project.project_name          ? 
_pdbx_SG_project.full_name_of_center   'RIKEN Structural Genomics/Proteomics Initiative' 
_pdbx_SG_project.initial_of_center     RSGI 
# 
loop_
_pdbx_nonpoly_scheme.asym_id 
_pdbx_nonpoly_scheme.entity_id 
_pdbx_nonpoly_scheme.mon_id 
_pdbx_nonpoly_scheme.ndb_seq_num 
_pdbx_nonpoly_scheme.pdb_seq_num 
_pdbx_nonpoly_scheme.auth_seq_num 
_pdbx_nonpoly_scheme.pdb_mon_id 
_pdbx_nonpoly_scheme.auth_mon_id 
_pdbx_nonpoly_scheme.pdb_strand_id 
_pdbx_nonpoly_scheme.pdb_ins_code 
B 2 NA  1   1001 1001 NA  NA  A . 
C 3 HOH 1   1002 2    HOH HOH A . 
C 3 HOH 2   1003 5    HOH HOH A . 
C 3 HOH 3   1004 6    HOH HOH A . 
C 3 HOH 4   1005 7    HOH HOH A . 
C 3 HOH 5   1006 8    HOH HOH A . 
C 3 HOH 6   1007 9    HOH HOH A . 
C 3 HOH 7   1008 10   HOH HOH A . 
C 3 HOH 8   1009 11   HOH HOH A . 
C 3 HOH 9   1010 12   HOH HOH A . 
C 3 HOH 10  1011 13   HOH HOH A . 
C 3 HOH 11  1012 14   HOH HOH A . 
C 3 HOH 12  1013 15   HOH HOH A . 
C 3 HOH 13  1014 16   HOH HOH A . 
C 3 HOH 14  1015 17   HOH HOH A . 
C 3 HOH 15  1016 18   HOH HOH A . 
C 3 HOH 16  1017 19   HOH HOH A . 
C 3 HOH 17  1018 20   HOH HOH A . 
C 3 HOH 18  1019 21   HOH HOH A . 
C 3 HOH 19  1020 22   HOH HOH A . 
C 3 HOH 20  1021 23   HOH HOH A . 
C 3 HOH 21  1022 24   HOH HOH A . 
C 3 HOH 22  1023 25   HOH HOH A . 
C 3 HOH 23  1024 26   HOH HOH A . 
C 3 HOH 24  1025 27   HOH HOH A . 
C 3 HOH 25  1026 28   HOH HOH A . 
C 3 HOH 26  1027 29   HOH HOH A . 
C 3 HOH 27  1028 30   HOH HOH A . 
C 3 HOH 28  1029 31   HOH HOH A . 
C 3 HOH 29  1030 32   HOH HOH A . 
C 3 HOH 30  1031 33   HOH HOH A . 
C 3 HOH 31  1032 34   HOH HOH A . 
C 3 HOH 32  1033 35   HOH HOH A . 
C 3 HOH 33  1034 36   HOH HOH A . 
C 3 HOH 34  1035 37   HOH HOH A . 
C 3 HOH 35  1036 38   HOH HOH A . 
C 3 HOH 36  1037 39   HOH HOH A . 
C 3 HOH 37  1038 41   HOH HOH A . 
C 3 HOH 38  1039 42   HOH HOH A . 
C 3 HOH 39  1040 43   HOH HOH A . 
C 3 HOH 40  1041 44   HOH HOH A . 
C 3 HOH 41  1042 45   HOH HOH A . 
C 3 HOH 42  1043 46   HOH HOH A . 
C 3 HOH 43  1044 47   HOH HOH A . 
C 3 HOH 44  1045 48   HOH HOH A . 
C 3 HOH 45  1046 49   HOH HOH A . 
C 3 HOH 46  1047 50   HOH HOH A . 
C 3 HOH 47  1048 51   HOH HOH A . 
C 3 HOH 48  1049 52   HOH HOH A . 
C 3 HOH 49  1050 53   HOH HOH A . 
C 3 HOH 50  1051 54   HOH HOH A . 
C 3 HOH 51  1052 55   HOH HOH A . 
C 3 HOH 52  1053 56   HOH HOH A . 
C 3 HOH 53  1054 57   HOH HOH A . 
C 3 HOH 54  1055 58   HOH HOH A . 
C 3 HOH 55  1056 59   HOH HOH A . 
C 3 HOH 56  1057 60   HOH HOH A . 
C 3 HOH 57  1058 61   HOH HOH A . 
C 3 HOH 58  1059 62   HOH HOH A . 
C 3 HOH 59  1060 63   HOH HOH A . 
C 3 HOH 60  1061 64   HOH HOH A . 
C 3 HOH 61  1062 65   HOH HOH A . 
C 3 HOH 62  1063 67   HOH HOH A . 
C 3 HOH 63  1064 68   HOH HOH A . 
C 3 HOH 64  1065 69   HOH HOH A . 
C 3 HOH 65  1066 70   HOH HOH A . 
C 3 HOH 66  1067 71   HOH HOH A . 
C 3 HOH 67  1068 72   HOH HOH A . 
C 3 HOH 68  1069 73   HOH HOH A . 
C 3 HOH 69  1070 74   HOH HOH A . 
C 3 HOH 70  1071 77   HOH HOH A . 
C 3 HOH 71  1072 78   HOH HOH A . 
C 3 HOH 72  1073 79   HOH HOH A . 
C 3 HOH 73  1074 80   HOH HOH A . 
C 3 HOH 74  1075 81   HOH HOH A . 
C 3 HOH 75  1076 82   HOH HOH A . 
C 3 HOH 76  1077 83   HOH HOH A . 
C 3 HOH 77  1078 84   HOH HOH A . 
C 3 HOH 78  1079 85   HOH HOH A . 
C 3 HOH 79  1080 86   HOH HOH A . 
C 3 HOH 80  1081 87   HOH HOH A . 
C 3 HOH 81  1082 88   HOH HOH A . 
C 3 HOH 82  1083 89   HOH HOH A . 
C 3 HOH 83  1084 90   HOH HOH A . 
C 3 HOH 84  1085 91   HOH HOH A . 
C 3 HOH 85  1086 92   HOH HOH A . 
C 3 HOH 86  1087 93   HOH HOH A . 
C 3 HOH 87  1088 94   HOH HOH A . 
C 3 HOH 88  1089 95   HOH HOH A . 
C 3 HOH 89  1090 96   HOH HOH A . 
C 3 HOH 90  1091 98   HOH HOH A . 
C 3 HOH 91  1092 100  HOH HOH A . 
C 3 HOH 92  1093 101  HOH HOH A . 
C 3 HOH 93  1094 102  HOH HOH A . 
C 3 HOH 94  1095 103  HOH HOH A . 
C 3 HOH 95  1096 104  HOH HOH A . 
C 3 HOH 96  1097 105  HOH HOH A . 
C 3 HOH 97  1098 106  HOH HOH A . 
C 3 HOH 98  1099 107  HOH HOH A . 
C 3 HOH 99  1100 109  HOH HOH A . 
C 3 HOH 100 1101 111  HOH HOH A . 
C 3 HOH 101 1102 112  HOH HOH A . 
C 3 HOH 102 1103 113  HOH HOH A . 
C 3 HOH 103 1104 114  HOH HOH A . 
C 3 HOH 104 1105 115  HOH HOH A . 
C 3 HOH 105 1106 116  HOH HOH A . 
C 3 HOH 106 1107 117  HOH HOH A . 
C 3 HOH 107 1108 118  HOH HOH A . 
C 3 HOH 108 1109 119  HOH HOH A . 
C 3 HOH 109 1110 120  HOH HOH A . 
C 3 HOH 110 1111 121  HOH HOH A . 
C 3 HOH 111 1112 122  HOH HOH A . 
C 3 HOH 112 1113 123  HOH HOH A . 
C 3 HOH 113 1114 124  HOH HOH A . 
C 3 HOH 114 1115 125  HOH HOH A . 
C 3 HOH 115 1116 126  HOH HOH A . 
C 3 HOH 116 1117 127  HOH HOH A . 
C 3 HOH 117 1118 128  HOH HOH A . 
C 3 HOH 118 1119 133  HOH HOH A . 
C 3 HOH 119 1120 135  HOH HOH A . 
C 3 HOH 120 1121 136  HOH HOH A . 
C 3 HOH 121 1122 137  HOH HOH A . 
C 3 HOH 122 1123 138  HOH HOH A . 
C 3 HOH 123 1124 139  HOH HOH A . 
C 3 HOH 124 1125 140  HOH HOH A . 
C 3 HOH 125 1126 141  HOH HOH A . 
C 3 HOH 126 1127 144  HOH HOH A . 
C 3 HOH 127 1128 146  HOH HOH A . 
C 3 HOH 128 1129 147  HOH HOH A . 
C 3 HOH 129 1130 148  HOH HOH A . 
C 3 HOH 130 1131 150  HOH HOH A . 
C 3 HOH 131 1132 151  HOH HOH A . 
C 3 HOH 132 1133 152  HOH HOH A . 
C 3 HOH 133 1134 153  HOH HOH A . 
C 3 HOH 134 1135 155  HOH HOH A . 
C 3 HOH 135 1136 156  HOH HOH A . 
C 3 HOH 136 1137 160  HOH HOH A . 
C 3 HOH 137 1138 162  HOH HOH A . 
C 3 HOH 138 1139 163  HOH HOH A . 
C 3 HOH 139 1140 165  HOH HOH A . 
C 3 HOH 140 1141 167  HOH HOH A . 
C 3 HOH 141 1142 168  HOH HOH A . 
C 3 HOH 142 1143 169  HOH HOH A . 
C 3 HOH 143 1144 172  HOH HOH A . 
C 3 HOH 144 1145 176  HOH HOH A . 
C 3 HOH 145 1146 179  HOH HOH A . 
C 3 HOH 146 1147 181  HOH HOH A . 
C 3 HOH 147 1148 182  HOH HOH A . 
C 3 HOH 148 1149 184  HOH HOH A . 
C 3 HOH 149 1150 186  HOH HOH A . 
C 3 HOH 150 1151 192  HOH HOH A . 
C 3 HOH 151 1152 194  HOH HOH A . 
C 3 HOH 152 1153 195  HOH HOH A . 
C 3 HOH 153 1154 196  HOH HOH A . 
C 3 HOH 154 1155 197  HOH HOH A . 
C 3 HOH 155 1156 198  HOH HOH A . 
C 3 HOH 156 1157 199  HOH HOH A . 
C 3 HOH 157 1158 200  HOH HOH A . 
C 3 HOH 158 1159 201  HOH HOH A . 
C 3 HOH 159 1160 204  HOH HOH A . 
C 3 HOH 160 1161 205  HOH HOH A . 
C 3 HOH 161 1162 206  HOH HOH A . 
C 3 HOH 162 1163 207  HOH HOH A . 
C 3 HOH 163 1164 210  HOH HOH A . 
C 3 HOH 164 1165 211  HOH HOH A . 
C 3 HOH 165 1166 213  HOH HOH A . 
C 3 HOH 166 1167 214  HOH HOH A . 
C 3 HOH 167 1168 219  HOH HOH A . 
C 3 HOH 168 1169 220  HOH HOH A . 
C 3 HOH 169 1170 222  HOH HOH A . 
C 3 HOH 170 1171 223  HOH HOH A . 
C 3 HOH 171 1172 226  HOH HOH A . 
C 3 HOH 172 1173 228  HOH HOH A . 
C 3 HOH 173 1174 229  HOH HOH A . 
C 3 HOH 174 1175 230  HOH HOH A . 
C 3 HOH 175 1176 234  HOH HOH A . 
C 3 HOH 176 1177 235  HOH HOH A . 
C 3 HOH 177 1178 237  HOH HOH A . 
C 3 HOH 178 1179 238  HOH HOH A . 
C 3 HOH 179 1180 239  HOH HOH A . 
C 3 HOH 180 1181 240  HOH HOH A . 
C 3 HOH 181 1182 241  HOH HOH A . 
C 3 HOH 182 1183 242  HOH HOH A . 
C 3 HOH 183 1184 243  HOH HOH A . 
C 3 HOH 184 1185 244  HOH HOH A . 
C 3 HOH 185 1186 245  HOH HOH A . 
C 3 HOH 186 1187 246  HOH HOH A . 
C 3 HOH 187 1188 247  HOH HOH A . 
# 
_pdbx_struct_assembly.id                   1 
_pdbx_struct_assembly.details              author_defined_assembly 
_pdbx_struct_assembly.method_details       ? 
_pdbx_struct_assembly.oligomeric_details   dimeric 
_pdbx_struct_assembly.oligomeric_count     2 
# 
_pdbx_struct_assembly_gen.assembly_id       1 
_pdbx_struct_assembly_gen.oper_expression   1,2 
_pdbx_struct_assembly_gen.asym_id_list      A,B,C 
# 
loop_
_pdbx_struct_oper_list.id 
_pdbx_struct_oper_list.type 
_pdbx_struct_oper_list.name 
_pdbx_struct_oper_list.symmetry_operation 
_pdbx_struct_oper_list.matrix[1][1] 
_pdbx_struct_oper_list.matrix[1][2] 
_pdbx_struct_oper_list.matrix[1][3] 
_pdbx_struct_oper_list.vector[1] 
_pdbx_struct_oper_list.matrix[2][1] 
_pdbx_struct_oper_list.matrix[2][2] 
_pdbx_struct_oper_list.matrix[2][3] 
_pdbx_struct_oper_list.vector[2] 
_pdbx_struct_oper_list.matrix[3][1] 
_pdbx_struct_oper_list.matrix[3][2] 
_pdbx_struct_oper_list.matrix[3][3] 
_pdbx_struct_oper_list.vector[3] 
1 'identity operation'         1_555 x,y,z    1.0000000000  0.0000000000  0.0000000000 0.0000000000   0.0000000000  1.0000000000  0.0000000000  0.0000000000  0.0000000000 0.0000000000  1.0000000000 0.0000000000 
2 'crystal symmetry operation' 7_556 y,x,-z+1 -0.9287835715 -0.1682599845 0.3302266720 -12.4776940189 -0.1682599845 -0.6024593905 -0.7802123175 11.7165645561 0.3302266720 -0.7802123175 0.5312429620 8.6608563666 
# 
loop_
_pdbx_struct_special_symmetry.id 
_pdbx_struct_special_symmetry.PDB_model_num 
_pdbx_struct_special_symmetry.auth_asym_id 
_pdbx_struct_special_symmetry.auth_comp_id 
_pdbx_struct_special_symmetry.auth_seq_id 
_pdbx_struct_special_symmetry.PDB_ins_code 
_pdbx_struct_special_symmetry.label_asym_id 
_pdbx_struct_special_symmetry.label_comp_id 
_pdbx_struct_special_symmetry.label_seq_id 
1 1 A HOH 1160 ? C HOH . 
2 1 A HOH 1183 ? C HOH . 
# 
loop_
_pdbx_struct_conn_angle.id 
_pdbx_struct_conn_angle.ptnr1_label_atom_id 
_pdbx_struct_conn_angle.ptnr1_label_alt_id 
_pdbx_struct_conn_angle.ptnr1_label_asym_id 
_pdbx_struct_conn_angle.ptnr1_label_comp_id 
_pdbx_struct_conn_angle.ptnr1_label_seq_id 
_pdbx_struct_conn_angle.ptnr1_auth_atom_id 
_pdbx_struct_conn_angle.ptnr1_auth_asym_id 
_pdbx_struct_conn_angle.ptnr1_auth_comp_id 
_pdbx_struct_conn_angle.ptnr1_auth_seq_id 
_pdbx_struct_conn_angle.ptnr1_PDB_ins_code 
_pdbx_struct_conn_angle.ptnr1_symmetry 
_pdbx_struct_conn_angle.ptnr2_label_atom_id 
_pdbx_struct_conn_angle.ptnr2_label_alt_id 
_pdbx_struct_conn_angle.ptnr2_label_asym_id 
_pdbx_struct_conn_angle.ptnr2_label_comp_id 
_pdbx_struct_conn_angle.ptnr2_label_seq_id 
_pdbx_struct_conn_angle.ptnr2_auth_atom_id 
_pdbx_struct_conn_angle.ptnr2_auth_asym_id 
_pdbx_struct_conn_angle.ptnr2_auth_comp_id 
_pdbx_struct_conn_angle.ptnr2_auth_seq_id 
_pdbx_struct_conn_angle.ptnr2_PDB_ins_code 
_pdbx_struct_conn_angle.ptnr2_symmetry 
_pdbx_struct_conn_angle.ptnr3_label_atom_id 
_pdbx_struct_conn_angle.ptnr3_label_alt_id 
_pdbx_struct_conn_angle.ptnr3_label_asym_id 
_pdbx_struct_conn_angle.ptnr3_label_comp_id 
_pdbx_struct_conn_angle.ptnr3_label_seq_id 
_pdbx_struct_conn_angle.ptnr3_auth_atom_id 
_pdbx_struct_conn_angle.ptnr3_auth_asym_id 
_pdbx_struct_conn_angle.ptnr3_auth_comp_id 
_pdbx_struct_conn_angle.ptnr3_auth_seq_id 
_pdbx_struct_conn_angle.ptnr3_PDB_ins_code 
_pdbx_struct_conn_angle.ptnr3_symmetry 
_pdbx_struct_conn_angle.value 
_pdbx_struct_conn_angle.value_esd 
1  O ? A GLY 89 ? A GLY 89   ? 1_555 NA ? B NA . ? A NA 1001 ? 1_555 O ? C HOH . ? A HOH 1020 ? 1_555 90.5  ? 
2  O ? A GLY 89 ? A GLY 89   ? 1_555 NA ? B NA . ? A NA 1001 ? 1_555 O ? C HOH . ? A HOH 1045 ? 1_555 95.8  ? 
3  O ? C HOH .  ? A HOH 1020 ? 1_555 NA ? B NA . ? A NA 1001 ? 1_555 O ? C HOH . ? A HOH 1045 ? 1_555 172.3 ? 
4  O ? A GLY 89 ? A GLY 89   ? 1_555 NA ? B NA . ? A NA 1001 ? 1_555 O ? C HOH . ? A HOH 1047 ? 1_555 84.1  ? 
5  O ? C HOH .  ? A HOH 1020 ? 1_555 NA ? B NA . ? A NA 1001 ? 1_555 O ? C HOH . ? A HOH 1047 ? 1_555 87.4  ? 
6  O ? C HOH .  ? A HOH 1045 ? 1_555 NA ? B NA . ? A NA 1001 ? 1_555 O ? C HOH . ? A HOH 1047 ? 1_555 88.9  ? 
7  O ? A GLY 89 ? A GLY 89   ? 1_555 NA ? B NA . ? A NA 1001 ? 1_555 O ? C HOH . ? A HOH 1056 ? 1_555 81.3  ? 
8  O ? C HOH .  ? A HOH 1020 ? 1_555 NA ? B NA . ? A NA 1001 ? 1_555 O ? C HOH . ? A HOH 1056 ? 1_555 88.2  ? 
9  O ? C HOH .  ? A HOH 1045 ? 1_555 NA ? B NA . ? A NA 1001 ? 1_555 O ? C HOH . ? A HOH 1056 ? 1_555 97.0  ? 
10 O ? C HOH .  ? A HOH 1047 ? 1_555 NA ? B NA . ? A NA 1001 ? 1_555 O ? C HOH . ? A HOH 1056 ? 1_555 164.8 ? 
11 O ? A GLY 89 ? A GLY 89   ? 1_555 NA ? B NA . ? A NA 1001 ? 1_555 O ? C HOH . ? A HOH 1174 ? 1_555 178.1 ? 
12 O ? C HOH .  ? A HOH 1020 ? 1_555 NA ? B NA . ? A NA 1001 ? 1_555 O ? C HOH . ? A HOH 1174 ? 1_555 88.0  ? 
13 O ? C HOH .  ? A HOH 1045 ? 1_555 NA ? B NA . ? A NA 1001 ? 1_555 O ? C HOH . ? A HOH 1174 ? 1_555 85.7  ? 
14 O ? C HOH .  ? A HOH 1047 ? 1_555 NA ? B NA . ? A NA 1001 ? 1_555 O ? C HOH . ? A HOH 1174 ? 1_555 97.1  ? 
15 O ? C HOH .  ? A HOH 1056 ? 1_555 NA ? B NA . ? A NA 1001 ? 1_555 O ? C HOH . ? A HOH 1174 ? 1_555 97.4  ? 
# 
loop_
_pdbx_audit_revision_history.ordinal 
_pdbx_audit_revision_history.data_content_type 
_pdbx_audit_revision_history.major_revision 
_pdbx_audit_revision_history.minor_revision 
_pdbx_audit_revision_history.revision_date 
1 'Structure model' 1 0 2005-07-19 
2 'Structure model' 1 1 2008-04-30 
3 'Structure model' 1 2 2011-07-13 
4 'Structure model' 1 3 2023-10-25 
# 
_pdbx_audit_revision_details.ordinal             1 
_pdbx_audit_revision_details.revision_ordinal    1 
_pdbx_audit_revision_details.data_content_type   'Structure model' 
_pdbx_audit_revision_details.provider            repository 
_pdbx_audit_revision_details.type                'Initial release' 
_pdbx_audit_revision_details.description         ? 
_pdbx_audit_revision_details.details             ? 
# 
loop_
_pdbx_audit_revision_group.ordinal 
_pdbx_audit_revision_group.revision_ordinal 
_pdbx_audit_revision_group.data_content_type 
_pdbx_audit_revision_group.group 
1 2 'Structure model' 'Version format compliance' 
2 3 'Structure model' 'Source and taxonomy'       
3 3 'Structure model' 'Version format compliance' 
4 4 'Structure model' 'Data collection'           
5 4 'Structure model' 'Database references'       
6 4 'Structure model' 'Derived calculations'      
7 4 'Structure model' 'Refinement description'    
# 
loop_
_pdbx_audit_revision_category.ordinal 
_pdbx_audit_revision_category.revision_ordinal 
_pdbx_audit_revision_category.data_content_type 
_pdbx_audit_revision_category.category 
1 4 'Structure model' chem_comp_atom                
2 4 'Structure model' chem_comp_bond                
3 4 'Structure model' database_2                    
4 4 'Structure model' pdbx_initial_refinement_model 
5 4 'Structure model' pdbx_struct_conn_angle        
6 4 'Structure model' struct_conn                   
7 4 'Structure model' struct_site                   
# 
loop_
_pdbx_audit_revision_item.ordinal 
_pdbx_audit_revision_item.revision_ordinal 
_pdbx_audit_revision_item.data_content_type 
_pdbx_audit_revision_item.item 
1  4 'Structure model' '_database_2.pdbx_DOI'                      
2  4 'Structure model' '_database_2.pdbx_database_accession'       
3  4 'Structure model' '_pdbx_struct_conn_angle.ptnr1_auth_seq_id' 
4  4 'Structure model' '_pdbx_struct_conn_angle.ptnr3_auth_seq_id' 
5  4 'Structure model' '_pdbx_struct_conn_angle.value'             
6  4 'Structure model' '_struct_conn.pdbx_dist_value'              
7  4 'Structure model' '_struct_conn.ptnr1_auth_comp_id'           
8  4 'Structure model' '_struct_conn.ptnr1_auth_seq_id'            
9  4 'Structure model' '_struct_conn.ptnr1_label_asym_id'          
10 4 'Structure model' '_struct_conn.ptnr1_label_atom_id'          
11 4 'Structure model' '_struct_conn.ptnr1_label_comp_id'          
12 4 'Structure model' '_struct_conn.ptnr1_label_seq_id'           
13 4 'Structure model' '_struct_conn.ptnr2_auth_comp_id'           
14 4 'Structure model' '_struct_conn.ptnr2_auth_seq_id'            
15 4 'Structure model' '_struct_conn.ptnr2_label_asym_id'          
16 4 'Structure model' '_struct_conn.ptnr2_label_atom_id'          
17 4 'Structure model' '_struct_conn.ptnr2_label_comp_id'          
18 4 'Structure model' '_struct_conn.ptnr2_label_seq_id'           
19 4 'Structure model' '_struct_site.pdbx_auth_asym_id'            
20 4 'Structure model' '_struct_site.pdbx_auth_comp_id'            
21 4 'Structure model' '_struct_site.pdbx_auth_seq_id'             
# 
loop_
_software.name 
_software.classification 
_software.version 
_software.citation_id 
_software.pdbx_ordinal 
CNS       refinement       1.1 ? 1 
HKL-2000  'data reduction' .   ? 2 
SCALEPACK 'data scaling'   .   ? 3 
MOLREP    phasing          .   ? 4 
# 
_pdbx_validate_torsion.id              1 
_pdbx_validate_torsion.PDB_model_num   1 
_pdbx_validate_torsion.auth_comp_id    GLN 
_pdbx_validate_torsion.auth_asym_id    A 
_pdbx_validate_torsion.auth_seq_id     55 
_pdbx_validate_torsion.PDB_ins_code    ? 
_pdbx_validate_torsion.label_alt_id    ? 
_pdbx_validate_torsion.phi             35.42 
_pdbx_validate_torsion.psi             51.87 
# 
loop_
_pdbx_unobs_or_zero_occ_residues.id 
_pdbx_unobs_or_zero_occ_residues.PDB_model_num 
_pdbx_unobs_or_zero_occ_residues.polymer_flag 
_pdbx_unobs_or_zero_occ_residues.occupancy_flag 
_pdbx_unobs_or_zero_occ_residues.auth_asym_id 
_pdbx_unobs_or_zero_occ_residues.auth_comp_id 
_pdbx_unobs_or_zero_occ_residues.auth_seq_id 
_pdbx_unobs_or_zero_occ_residues.PDB_ins_code 
_pdbx_unobs_or_zero_occ_residues.label_asym_id 
_pdbx_unobs_or_zero_occ_residues.label_comp_id 
_pdbx_unobs_or_zero_occ_residues.label_seq_id 
1 1 Y 1 A MET 1 ? A MET 1 
2 1 Y 1 A ILE 2 ? A ILE 2 
3 1 Y 1 A LYS 3 ? A LYS 3 
# 
loop_
_chem_comp_atom.comp_id 
_chem_comp_atom.atom_id 
_chem_comp_atom.type_symbol 
_chem_comp_atom.pdbx_aromatic_flag 
_chem_comp_atom.pdbx_stereo_config 
_chem_comp_atom.pdbx_ordinal 
ALA N    N  N N 1   
ALA CA   C  N S 2   
ALA C    C  N N 3   
ALA O    O  N N 4   
ALA CB   C  N N 5   
ALA OXT  O  N N 6   
ALA H    H  N N 7   
ALA H2   H  N N 8   
ALA HA   H  N N 9   
ALA HB1  H  N N 10  
ALA HB2  H  N N 11  
ALA HB3  H  N N 12  
ALA HXT  H  N N 13  
ARG N    N  N N 14  
ARG CA   C  N S 15  
ARG C    C  N N 16  
ARG O    O  N N 17  
ARG CB   C  N N 18  
ARG CG   C  N N 19  
ARG CD   C  N N 20  
ARG NE   N  N N 21  
ARG CZ   C  N N 22  
ARG NH1  N  N N 23  
ARG NH2  N  N N 24  
ARG OXT  O  N N 25  
ARG H    H  N N 26  
ARG H2   H  N N 27  
ARG HA   H  N N 28  
ARG HB2  H  N N 29  
ARG HB3  H  N N 30  
ARG HG2  H  N N 31  
ARG HG3  H  N N 32  
ARG HD2  H  N N 33  
ARG HD3  H  N N 34  
ARG HE   H  N N 35  
ARG HH11 H  N N 36  
ARG HH12 H  N N 37  
ARG HH21 H  N N 38  
ARG HH22 H  N N 39  
ARG HXT  H  N N 40  
ASN N    N  N N 41  
ASN CA   C  N S 42  
ASN C    C  N N 43  
ASN O    O  N N 44  
ASN CB   C  N N 45  
ASN CG   C  N N 46  
ASN OD1  O  N N 47  
ASN ND2  N  N N 48  
ASN OXT  O  N N 49  
ASN H    H  N N 50  
ASN H2   H  N N 51  
ASN HA   H  N N 52  
ASN HB2  H  N N 53  
ASN HB3  H  N N 54  
ASN HD21 H  N N 55  
ASN HD22 H  N N 56  
ASN HXT  H  N N 57  
ASP N    N  N N 58  
ASP CA   C  N S 59  
ASP C    C  N N 60  
ASP O    O  N N 61  
ASP CB   C  N N 62  
ASP CG   C  N N 63  
ASP OD1  O  N N 64  
ASP OD2  O  N N 65  
ASP OXT  O  N N 66  
ASP H    H  N N 67  
ASP H2   H  N N 68  
ASP HA   H  N N 69  
ASP HB2  H  N N 70  
ASP HB3  H  N N 71  
ASP HD2  H  N N 72  
ASP HXT  H  N N 73  
GLN N    N  N N 74  
GLN CA   C  N S 75  
GLN C    C  N N 76  
GLN O    O  N N 77  
GLN CB   C  N N 78  
GLN CG   C  N N 79  
GLN CD   C  N N 80  
GLN OE1  O  N N 81  
GLN NE2  N  N N 82  
GLN OXT  O  N N 83  
GLN H    H  N N 84  
GLN H2   H  N N 85  
GLN HA   H  N N 86  
GLN HB2  H  N N 87  
GLN HB3  H  N N 88  
GLN HG2  H  N N 89  
GLN HG3  H  N N 90  
GLN HE21 H  N N 91  
GLN HE22 H  N N 92  
GLN HXT  H  N N 93  
GLU N    N  N N 94  
GLU CA   C  N S 95  
GLU C    C  N N 96  
GLU O    O  N N 97  
GLU CB   C  N N 98  
GLU CG   C  N N 99  
GLU CD   C  N N 100 
GLU OE1  O  N N 101 
GLU OE2  O  N N 102 
GLU OXT  O  N N 103 
GLU H    H  N N 104 
GLU H2   H  N N 105 
GLU HA   H  N N 106 
GLU HB2  H  N N 107 
GLU HB3  H  N N 108 
GLU HG2  H  N N 109 
GLU HG3  H  N N 110 
GLU HE2  H  N N 111 
GLU HXT  H  N N 112 
GLY N    N  N N 113 
GLY CA   C  N N 114 
GLY C    C  N N 115 
GLY O    O  N N 116 
GLY OXT  O  N N 117 
GLY H    H  N N 118 
GLY H2   H  N N 119 
GLY HA2  H  N N 120 
GLY HA3  H  N N 121 
GLY HXT  H  N N 122 
HIS N    N  N N 123 
HIS CA   C  N S 124 
HIS C    C  N N 125 
HIS O    O  N N 126 
HIS CB   C  N N 127 
HIS CG   C  Y N 128 
HIS ND1  N  Y N 129 
HIS CD2  C  Y N 130 
HIS CE1  C  Y N 131 
HIS NE2  N  Y N 132 
HIS OXT  O  N N 133 
HIS H    H  N N 134 
HIS H2   H  N N 135 
HIS HA   H  N N 136 
HIS HB2  H  N N 137 
HIS HB3  H  N N 138 
HIS HD1  H  N N 139 
HIS HD2  H  N N 140 
HIS HE1  H  N N 141 
HIS HE2  H  N N 142 
HIS HXT  H  N N 143 
HOH O    O  N N 144 
HOH H1   H  N N 145 
HOH H2   H  N N 146 
ILE N    N  N N 147 
ILE CA   C  N S 148 
ILE C    C  N N 149 
ILE O    O  N N 150 
ILE CB   C  N S 151 
ILE CG1  C  N N 152 
ILE CG2  C  N N 153 
ILE CD1  C  N N 154 
ILE OXT  O  N N 155 
ILE H    H  N N 156 
ILE H2   H  N N 157 
ILE HA   H  N N 158 
ILE HB   H  N N 159 
ILE HG12 H  N N 160 
ILE HG13 H  N N 161 
ILE HG21 H  N N 162 
ILE HG22 H  N N 163 
ILE HG23 H  N N 164 
ILE HD11 H  N N 165 
ILE HD12 H  N N 166 
ILE HD13 H  N N 167 
ILE HXT  H  N N 168 
LEU N    N  N N 169 
LEU CA   C  N S 170 
LEU C    C  N N 171 
LEU O    O  N N 172 
LEU CB   C  N N 173 
LEU CG   C  N N 174 
LEU CD1  C  N N 175 
LEU CD2  C  N N 176 
LEU OXT  O  N N 177 
LEU H    H  N N 178 
LEU H2   H  N N 179 
LEU HA   H  N N 180 
LEU HB2  H  N N 181 
LEU HB3  H  N N 182 
LEU HG   H  N N 183 
LEU HD11 H  N N 184 
LEU HD12 H  N N 185 
LEU HD13 H  N N 186 
LEU HD21 H  N N 187 
LEU HD22 H  N N 188 
LEU HD23 H  N N 189 
LEU HXT  H  N N 190 
LYS N    N  N N 191 
LYS CA   C  N S 192 
LYS C    C  N N 193 
LYS O    O  N N 194 
LYS CB   C  N N 195 
LYS CG   C  N N 196 
LYS CD   C  N N 197 
LYS CE   C  N N 198 
LYS NZ   N  N N 199 
LYS OXT  O  N N 200 
LYS H    H  N N 201 
LYS H2   H  N N 202 
LYS HA   H  N N 203 
LYS HB2  H  N N 204 
LYS HB3  H  N N 205 
LYS HG2  H  N N 206 
LYS HG3  H  N N 207 
LYS HD2  H  N N 208 
LYS HD3  H  N N 209 
LYS HE2  H  N N 210 
LYS HE3  H  N N 211 
LYS HZ1  H  N N 212 
LYS HZ2  H  N N 213 
LYS HZ3  H  N N 214 
LYS HXT  H  N N 215 
MET N    N  N N 216 
MET CA   C  N S 217 
MET C    C  N N 218 
MET O    O  N N 219 
MET CB   C  N N 220 
MET CG   C  N N 221 
MET SD   S  N N 222 
MET CE   C  N N 223 
MET OXT  O  N N 224 
MET H    H  N N 225 
MET H2   H  N N 226 
MET HA   H  N N 227 
MET HB2  H  N N 228 
MET HB3  H  N N 229 
MET HG2  H  N N 230 
MET HG3  H  N N 231 
MET HE1  H  N N 232 
MET HE2  H  N N 233 
MET HE3  H  N N 234 
MET HXT  H  N N 235 
NA  NA   NA N N 236 
PHE N    N  N N 237 
PHE CA   C  N S 238 
PHE C    C  N N 239 
PHE O    O  N N 240 
PHE CB   C  N N 241 
PHE CG   C  Y N 242 
PHE CD1  C  Y N 243 
PHE CD2  C  Y N 244 
PHE CE1  C  Y N 245 
PHE CE2  C  Y N 246 
PHE CZ   C  Y N 247 
PHE OXT  O  N N 248 
PHE H    H  N N 249 
PHE H2   H  N N 250 
PHE HA   H  N N 251 
PHE HB2  H  N N 252 
PHE HB3  H  N N 253 
PHE HD1  H  N N 254 
PHE HD2  H  N N 255 
PHE HE1  H  N N 256 
PHE HE2  H  N N 257 
PHE HZ   H  N N 258 
PHE HXT  H  N N 259 
PRO N    N  N N 260 
PRO CA   C  N S 261 
PRO C    C  N N 262 
PRO O    O  N N 263 
PRO CB   C  N N 264 
PRO CG   C  N N 265 
PRO CD   C  N N 266 
PRO OXT  O  N N 267 
PRO H    H  N N 268 
PRO HA   H  N N 269 
PRO HB2  H  N N 270 
PRO HB3  H  N N 271 
PRO HG2  H  N N 272 
PRO HG3  H  N N 273 
PRO HD2  H  N N 274 
PRO HD3  H  N N 275 
PRO HXT  H  N N 276 
SER N    N  N N 277 
SER CA   C  N S 278 
SER C    C  N N 279 
SER O    O  N N 280 
SER CB   C  N N 281 
SER OG   O  N N 282 
SER OXT  O  N N 283 
SER H    H  N N 284 
SER H2   H  N N 285 
SER HA   H  N N 286 
SER HB2  H  N N 287 
SER HB3  H  N N 288 
SER HG   H  N N 289 
SER HXT  H  N N 290 
THR N    N  N N 291 
THR CA   C  N S 292 
THR C    C  N N 293 
THR O    O  N N 294 
THR CB   C  N R 295 
THR OG1  O  N N 296 
THR CG2  C  N N 297 
THR OXT  O  N N 298 
THR H    H  N N 299 
THR H2   H  N N 300 
THR HA   H  N N 301 
THR HB   H  N N 302 
THR HG1  H  N N 303 
THR HG21 H  N N 304 
THR HG22 H  N N 305 
THR HG23 H  N N 306 
THR HXT  H  N N 307 
TRP N    N  N N 308 
TRP CA   C  N S 309 
TRP C    C  N N 310 
TRP O    O  N N 311 
TRP CB   C  N N 312 
TRP CG   C  Y N 313 
TRP CD1  C  Y N 314 
TRP CD2  C  Y N 315 
TRP NE1  N  Y N 316 
TRP CE2  C  Y N 317 
TRP CE3  C  Y N 318 
TRP CZ2  C  Y N 319 
TRP CZ3  C  Y N 320 
TRP CH2  C  Y N 321 
TRP OXT  O  N N 322 
TRP H    H  N N 323 
TRP H2   H  N N 324 
TRP HA   H  N N 325 
TRP HB2  H  N N 326 
TRP HB3  H  N N 327 
TRP HD1  H  N N 328 
TRP HE1  H  N N 329 
TRP HE3  H  N N 330 
TRP HZ2  H  N N 331 
TRP HZ3  H  N N 332 
TRP HH2  H  N N 333 
TRP HXT  H  N N 334 
TYR N    N  N N 335 
TYR CA   C  N S 336 
TYR C    C  N N 337 
TYR O    O  N N 338 
TYR CB   C  N N 339 
TYR CG   C  Y N 340 
TYR CD1  C  Y N 341 
TYR CD2  C  Y N 342 
TYR CE1  C  Y N 343 
TYR CE2  C  Y N 344 
TYR CZ   C  Y N 345 
TYR OH   O  N N 346 
TYR OXT  O  N N 347 
TYR H    H  N N 348 
TYR H2   H  N N 349 
TYR HA   H  N N 350 
TYR HB2  H  N N 351 
TYR HB3  H  N N 352 
TYR HD1  H  N N 353 
TYR HD2  H  N N 354 
TYR HE1  H  N N 355 
TYR HE2  H  N N 356 
TYR HH   H  N N 357 
TYR HXT  H  N N 358 
VAL N    N  N N 359 
VAL CA   C  N S 360 
VAL C    C  N N 361 
VAL O    O  N N 362 
VAL CB   C  N N 363 
VAL CG1  C  N N 364 
VAL CG2  C  N N 365 
VAL OXT  O  N N 366 
VAL H    H  N N 367 
VAL H2   H  N N 368 
VAL HA   H  N N 369 
VAL HB   H  N N 370 
VAL HG11 H  N N 371 
VAL HG12 H  N N 372 
VAL HG13 H  N N 373 
VAL HG21 H  N N 374 
VAL HG22 H  N N 375 
VAL HG23 H  N N 376 
VAL HXT  H  N N 377 
# 
loop_
_chem_comp_bond.comp_id 
_chem_comp_bond.atom_id_1 
_chem_comp_bond.atom_id_2 
_chem_comp_bond.value_order 
_chem_comp_bond.pdbx_aromatic_flag 
_chem_comp_bond.pdbx_stereo_config 
_chem_comp_bond.pdbx_ordinal 
ALA N   CA   sing N N 1   
ALA N   H    sing N N 2   
ALA N   H2   sing N N 3   
ALA CA  C    sing N N 4   
ALA CA  CB   sing N N 5   
ALA CA  HA   sing N N 6   
ALA C   O    doub N N 7   
ALA C   OXT  sing N N 8   
ALA CB  HB1  sing N N 9   
ALA CB  HB2  sing N N 10  
ALA CB  HB3  sing N N 11  
ALA OXT HXT  sing N N 12  
ARG N   CA   sing N N 13  
ARG N   H    sing N N 14  
ARG N   H2   sing N N 15  
ARG CA  C    sing N N 16  
ARG CA  CB   sing N N 17  
ARG CA  HA   sing N N 18  
ARG C   O    doub N N 19  
ARG C   OXT  sing N N 20  
ARG CB  CG   sing N N 21  
ARG CB  HB2  sing N N 22  
ARG CB  HB3  sing N N 23  
ARG CG  CD   sing N N 24  
ARG CG  HG2  sing N N 25  
ARG CG  HG3  sing N N 26  
ARG CD  NE   sing N N 27  
ARG CD  HD2  sing N N 28  
ARG CD  HD3  sing N N 29  
ARG NE  CZ   sing N N 30  
ARG NE  HE   sing N N 31  
ARG CZ  NH1  sing N N 32  
ARG CZ  NH2  doub N N 33  
ARG NH1 HH11 sing N N 34  
ARG NH1 HH12 sing N N 35  
ARG NH2 HH21 sing N N 36  
ARG NH2 HH22 sing N N 37  
ARG OXT HXT  sing N N 38  
ASN N   CA   sing N N 39  
ASN N   H    sing N N 40  
ASN N   H2   sing N N 41  
ASN CA  C    sing N N 42  
ASN CA  CB   sing N N 43  
ASN CA  HA   sing N N 44  
ASN C   O    doub N N 45  
ASN C   OXT  sing N N 46  
ASN CB  CG   sing N N 47  
ASN CB  HB2  sing N N 48  
ASN CB  HB3  sing N N 49  
ASN CG  OD1  doub N N 50  
ASN CG  ND2  sing N N 51  
ASN ND2 HD21 sing N N 52  
ASN ND2 HD22 sing N N 53  
ASN OXT HXT  sing N N 54  
ASP N   CA   sing N N 55  
ASP N   H    sing N N 56  
ASP N   H2   sing N N 57  
ASP CA  C    sing N N 58  
ASP CA  CB   sing N N 59  
ASP CA  HA   sing N N 60  
ASP C   O    doub N N 61  
ASP C   OXT  sing N N 62  
ASP CB  CG   sing N N 63  
ASP CB  HB2  sing N N 64  
ASP CB  HB3  sing N N 65  
ASP CG  OD1  doub N N 66  
ASP CG  OD2  sing N N 67  
ASP OD2 HD2  sing N N 68  
ASP OXT HXT  sing N N 69  
GLN N   CA   sing N N 70  
GLN N   H    sing N N 71  
GLN N   H2   sing N N 72  
GLN CA  C    sing N N 73  
GLN CA  CB   sing N N 74  
GLN CA  HA   sing N N 75  
GLN C   O    doub N N 76  
GLN C   OXT  sing N N 77  
GLN CB  CG   sing N N 78  
GLN CB  HB2  sing N N 79  
GLN CB  HB3  sing N N 80  
GLN CG  CD   sing N N 81  
GLN CG  HG2  sing N N 82  
GLN CG  HG3  sing N N 83  
GLN CD  OE1  doub N N 84  
GLN CD  NE2  sing N N 85  
GLN NE2 HE21 sing N N 86  
GLN NE2 HE22 sing N N 87  
GLN OXT HXT  sing N N 88  
GLU N   CA   sing N N 89  
GLU N   H    sing N N 90  
GLU N   H2   sing N N 91  
GLU CA  C    sing N N 92  
GLU CA  CB   sing N N 93  
GLU CA  HA   sing N N 94  
GLU C   O    doub N N 95  
GLU C   OXT  sing N N 96  
GLU CB  CG   sing N N 97  
GLU CB  HB2  sing N N 98  
GLU CB  HB3  sing N N 99  
GLU CG  CD   sing N N 100 
GLU CG  HG2  sing N N 101 
GLU CG  HG3  sing N N 102 
GLU CD  OE1  doub N N 103 
GLU CD  OE2  sing N N 104 
GLU OE2 HE2  sing N N 105 
GLU OXT HXT  sing N N 106 
GLY N   CA   sing N N 107 
GLY N   H    sing N N 108 
GLY N   H2   sing N N 109 
GLY CA  C    sing N N 110 
GLY CA  HA2  sing N N 111 
GLY CA  HA3  sing N N 112 
GLY C   O    doub N N 113 
GLY C   OXT  sing N N 114 
GLY OXT HXT  sing N N 115 
HIS N   CA   sing N N 116 
HIS N   H    sing N N 117 
HIS N   H2   sing N N 118 
HIS CA  C    sing N N 119 
HIS CA  CB   sing N N 120 
HIS CA  HA   sing N N 121 
HIS C   O    doub N N 122 
HIS C   OXT  sing N N 123 
HIS CB  CG   sing N N 124 
HIS CB  HB2  sing N N 125 
HIS CB  HB3  sing N N 126 
HIS CG  ND1  sing Y N 127 
HIS CG  CD2  doub Y N 128 
HIS ND1 CE1  doub Y N 129 
HIS ND1 HD1  sing N N 130 
HIS CD2 NE2  sing Y N 131 
HIS CD2 HD2  sing N N 132 
HIS CE1 NE2  sing Y N 133 
HIS CE1 HE1  sing N N 134 
HIS NE2 HE2  sing N N 135 
HIS OXT HXT  sing N N 136 
HOH O   H1   sing N N 137 
HOH O   H2   sing N N 138 
ILE N   CA   sing N N 139 
ILE N   H    sing N N 140 
ILE N   H2   sing N N 141 
ILE CA  C    sing N N 142 
ILE CA  CB   sing N N 143 
ILE CA  HA   sing N N 144 
ILE C   O    doub N N 145 
ILE C   OXT  sing N N 146 
ILE CB  CG1  sing N N 147 
ILE CB  CG2  sing N N 148 
ILE CB  HB   sing N N 149 
ILE CG1 CD1  sing N N 150 
ILE CG1 HG12 sing N N 151 
ILE CG1 HG13 sing N N 152 
ILE CG2 HG21 sing N N 153 
ILE CG2 HG22 sing N N 154 
ILE CG2 HG23 sing N N 155 
ILE CD1 HD11 sing N N 156 
ILE CD1 HD12 sing N N 157 
ILE CD1 HD13 sing N N 158 
ILE OXT HXT  sing N N 159 
LEU N   CA   sing N N 160 
LEU N   H    sing N N 161 
LEU N   H2   sing N N 162 
LEU CA  C    sing N N 163 
LEU CA  CB   sing N N 164 
LEU CA  HA   sing N N 165 
LEU C   O    doub N N 166 
LEU C   OXT  sing N N 167 
LEU CB  CG   sing N N 168 
LEU CB  HB2  sing N N 169 
LEU CB  HB3  sing N N 170 
LEU CG  CD1  sing N N 171 
LEU CG  CD2  sing N N 172 
LEU CG  HG   sing N N 173 
LEU CD1 HD11 sing N N 174 
LEU CD1 HD12 sing N N 175 
LEU CD1 HD13 sing N N 176 
LEU CD2 HD21 sing N N 177 
LEU CD2 HD22 sing N N 178 
LEU CD2 HD23 sing N N 179 
LEU OXT HXT  sing N N 180 
LYS N   CA   sing N N 181 
LYS N   H    sing N N 182 
LYS N   H2   sing N N 183 
LYS CA  C    sing N N 184 
LYS CA  CB   sing N N 185 
LYS CA  HA   sing N N 186 
LYS C   O    doub N N 187 
LYS C   OXT  sing N N 188 
LYS CB  CG   sing N N 189 
LYS CB  HB2  sing N N 190 
LYS CB  HB3  sing N N 191 
LYS CG  CD   sing N N 192 
LYS CG  HG2  sing N N 193 
LYS CG  HG3  sing N N 194 
LYS CD  CE   sing N N 195 
LYS CD  HD2  sing N N 196 
LYS CD  HD3  sing N N 197 
LYS CE  NZ   sing N N 198 
LYS CE  HE2  sing N N 199 
LYS CE  HE3  sing N N 200 
LYS NZ  HZ1  sing N N 201 
LYS NZ  HZ2  sing N N 202 
LYS NZ  HZ3  sing N N 203 
LYS OXT HXT  sing N N 204 
MET N   CA   sing N N 205 
MET N   H    sing N N 206 
MET N   H2   sing N N 207 
MET CA  C    sing N N 208 
MET CA  CB   sing N N 209 
MET CA  HA   sing N N 210 
MET C   O    doub N N 211 
MET C   OXT  sing N N 212 
MET CB  CG   sing N N 213 
MET CB  HB2  sing N N 214 
MET CB  HB3  sing N N 215 
MET CG  SD   sing N N 216 
MET CG  HG2  sing N N 217 
MET CG  HG3  sing N N 218 
MET SD  CE   sing N N 219 
MET CE  HE1  sing N N 220 
MET CE  HE2  sing N N 221 
MET CE  HE3  sing N N 222 
MET OXT HXT  sing N N 223 
PHE N   CA   sing N N 224 
PHE N   H    sing N N 225 
PHE N   H2   sing N N 226 
PHE CA  C    sing N N 227 
PHE CA  CB   sing N N 228 
PHE CA  HA   sing N N 229 
PHE C   O    doub N N 230 
PHE C   OXT  sing N N 231 
PHE CB  CG   sing N N 232 
PHE CB  HB2  sing N N 233 
PHE CB  HB3  sing N N 234 
PHE CG  CD1  doub Y N 235 
PHE CG  CD2  sing Y N 236 
PHE CD1 CE1  sing Y N 237 
PHE CD1 HD1  sing N N 238 
PHE CD2 CE2  doub Y N 239 
PHE CD2 HD2  sing N N 240 
PHE CE1 CZ   doub Y N 241 
PHE CE1 HE1  sing N N 242 
PHE CE2 CZ   sing Y N 243 
PHE CE2 HE2  sing N N 244 
PHE CZ  HZ   sing N N 245 
PHE OXT HXT  sing N N 246 
PRO N   CA   sing N N 247 
PRO N   CD   sing N N 248 
PRO N   H    sing N N 249 
PRO CA  C    sing N N 250 
PRO CA  CB   sing N N 251 
PRO CA  HA   sing N N 252 
PRO C   O    doub N N 253 
PRO C   OXT  sing N N 254 
PRO CB  CG   sing N N 255 
PRO CB  HB2  sing N N 256 
PRO CB  HB3  sing N N 257 
PRO CG  CD   sing N N 258 
PRO CG  HG2  sing N N 259 
PRO CG  HG3  sing N N 260 
PRO CD  HD2  sing N N 261 
PRO CD  HD3  sing N N 262 
PRO OXT HXT  sing N N 263 
SER N   CA   sing N N 264 
SER N   H    sing N N 265 
SER N   H2   sing N N 266 
SER CA  C    sing N N 267 
SER CA  CB   sing N N 268 
SER CA  HA   sing N N 269 
SER C   O    doub N N 270 
SER C   OXT  sing N N 271 
SER CB  OG   sing N N 272 
SER CB  HB2  sing N N 273 
SER CB  HB3  sing N N 274 
SER OG  HG   sing N N 275 
SER OXT HXT  sing N N 276 
THR N   CA   sing N N 277 
THR N   H    sing N N 278 
THR N   H2   sing N N 279 
THR CA  C    sing N N 280 
THR CA  CB   sing N N 281 
THR CA  HA   sing N N 282 
THR C   O    doub N N 283 
THR C   OXT  sing N N 284 
THR CB  OG1  sing N N 285 
THR CB  CG2  sing N N 286 
THR CB  HB   sing N N 287 
THR OG1 HG1  sing N N 288 
THR CG2 HG21 sing N N 289 
THR CG2 HG22 sing N N 290 
THR CG2 HG23 sing N N 291 
THR OXT HXT  sing N N 292 
TRP N   CA   sing N N 293 
TRP N   H    sing N N 294 
TRP N   H2   sing N N 295 
TRP CA  C    sing N N 296 
TRP CA  CB   sing N N 297 
TRP CA  HA   sing N N 298 
TRP C   O    doub N N 299 
TRP C   OXT  sing N N 300 
TRP CB  CG   sing N N 301 
TRP CB  HB2  sing N N 302 
TRP CB  HB3  sing N N 303 
TRP CG  CD1  doub Y N 304 
TRP CG  CD2  sing Y N 305 
TRP CD1 NE1  sing Y N 306 
TRP CD1 HD1  sing N N 307 
TRP CD2 CE2  doub Y N 308 
TRP CD2 CE3  sing Y N 309 
TRP NE1 CE2  sing Y N 310 
TRP NE1 HE1  sing N N 311 
TRP CE2 CZ2  sing Y N 312 
TRP CE3 CZ3  doub Y N 313 
TRP CE3 HE3  sing N N 314 
TRP CZ2 CH2  doub Y N 315 
TRP CZ2 HZ2  sing N N 316 
TRP CZ3 CH2  sing Y N 317 
TRP CZ3 HZ3  sing N N 318 
TRP CH2 HH2  sing N N 319 
TRP OXT HXT  sing N N 320 
TYR N   CA   sing N N 321 
TYR N   H    sing N N 322 
TYR N   H2   sing N N 323 
TYR CA  C    sing N N 324 
TYR CA  CB   sing N N 325 
TYR CA  HA   sing N N 326 
TYR C   O    doub N N 327 
TYR C   OXT  sing N N 328 
TYR CB  CG   sing N N 329 
TYR CB  HB2  sing N N 330 
TYR CB  HB3  sing N N 331 
TYR CG  CD1  doub Y N 332 
TYR CG  CD2  sing Y N 333 
TYR CD1 CE1  sing Y N 334 
TYR CD1 HD1  sing N N 335 
TYR CD2 CE2  doub Y N 336 
TYR CD2 HD2  sing N N 337 
TYR CE1 CZ   doub Y N 338 
TYR CE1 HE1  sing N N 339 
TYR CE2 CZ   sing Y N 340 
TYR CE2 HE2  sing N N 341 
TYR CZ  OH   sing N N 342 
TYR OH  HH   sing N N 343 
TYR OXT HXT  sing N N 344 
VAL N   CA   sing N N 345 
VAL N   H    sing N N 346 
VAL N   H2   sing N N 347 
VAL CA  C    sing N N 348 
VAL CA  CB   sing N N 349 
VAL CA  HA   sing N N 350 
VAL C   O    doub N N 351 
VAL C   OXT  sing N N 352 
VAL CB  CG1  sing N N 353 
VAL CB  CG2  sing N N 354 
VAL CB  HB   sing N N 355 
VAL CG1 HG11 sing N N 356 
VAL CG1 HG12 sing N N 357 
VAL CG1 HG13 sing N N 358 
VAL CG2 HG21 sing N N 359 
VAL CG2 HG22 sing N N 360 
VAL CG2 HG23 sing N N 361 
VAL OXT HXT  sing N N 362 
# 
loop_
_pdbx_entity_nonpoly.entity_id 
_pdbx_entity_nonpoly.name 
_pdbx_entity_nonpoly.comp_id 
2 'SODIUM ION' NA  
3 water        HOH 
# 
_pdbx_initial_refinement_model.id               1 
_pdbx_initial_refinement_model.entity_id_list   ? 
_pdbx_initial_refinement_model.type             'experimental model' 
_pdbx_initial_refinement_model.source_name      PDB 
_pdbx_initial_refinement_model.accession_code   1RLK 
_pdbx_initial_refinement_model.details          'PDB ENTRY 1RLK' 
# 
